data_8ITO
# 
_entry.id   8ITO 
# 
_audit_conform.dict_name       mmcif_pdbx.dic 
_audit_conform.dict_version    5.397 
_audit_conform.dict_location   http://mmcif.pdb.org/dictionaries/ascii/mmcif_pdbx.dic 
# 
loop_
_database_2.database_id 
_database_2.database_code 
_database_2.pdbx_database_accession 
_database_2.pdbx_DOI 
PDB   8ITO         pdb_00008ito 10.2210/pdb8ito/pdb 
WWPDB D_1300036239 ?            ?                   
# 
loop_
_pdbx_audit_revision_history.ordinal 
_pdbx_audit_revision_history.data_content_type 
_pdbx_audit_revision_history.major_revision 
_pdbx_audit_revision_history.minor_revision 
_pdbx_audit_revision_history.revision_date 
1 'Structure model' 1 0 2024-03-27 
2 'Structure model' 1 1 2024-10-23 
# 
_pdbx_audit_revision_details.ordinal             1 
_pdbx_audit_revision_details.revision_ordinal    1 
_pdbx_audit_revision_details.data_content_type   'Structure model' 
_pdbx_audit_revision_details.provider            repository 
_pdbx_audit_revision_details.type                'Initial release' 
_pdbx_audit_revision_details.description         ? 
_pdbx_audit_revision_details.details             ? 
# 
_pdbx_audit_revision_group.ordinal             1 
_pdbx_audit_revision_group.revision_ordinal    2 
_pdbx_audit_revision_group.data_content_type   'Structure model' 
_pdbx_audit_revision_group.group               'Structure summary' 
# 
loop_
_pdbx_audit_revision_category.ordinal 
_pdbx_audit_revision_category.revision_ordinal 
_pdbx_audit_revision_category.data_content_type 
_pdbx_audit_revision_category.category 
1 2 'Structure model' pdbx_entry_details        
2 2 'Structure model' pdbx_modification_feature 
# 
_pdbx_audit_revision_item.ordinal             1 
_pdbx_audit_revision_item.revision_ordinal    2 
_pdbx_audit_revision_item.data_content_type   'Structure model' 
_pdbx_audit_revision_item.item                '_pdbx_entry_details.has_protein_modification' 
# 
_pdbx_database_status.status_code                     REL 
_pdbx_database_status.status_code_sf                  REL 
_pdbx_database_status.status_code_mr                  ? 
_pdbx_database_status.entry_id                        8ITO 
_pdbx_database_status.recvd_initial_deposition_date   2023-03-22 
_pdbx_database_status.SG_entry                        N 
_pdbx_database_status.deposit_site                    PDBJ 
_pdbx_database_status.process_site                    PDBJ 
_pdbx_database_status.status_code_cs                  ? 
_pdbx_database_status.status_code_nmr_data            ? 
_pdbx_database_status.methods_development_category    ? 
_pdbx_database_status.pdb_format_compatible           Y 
# 
_pdbx_contact_author.id                 2 
_pdbx_contact_author.email              kitamura@omu.ac.jp 
_pdbx_contact_author.name_first         Masaya 
_pdbx_contact_author.name_last          Kitamura 
_pdbx_contact_author.name_mi            ? 
_pdbx_contact_author.role               'principal investigator/group leader' 
_pdbx_contact_author.identifier_ORCID   0000-0003-4212-2025 
# 
loop_
_audit_author.name 
_audit_author.pdbx_ordinal 
_audit_author.identifier_ORCID 
'Nakatsuji, T.' 1 ?                   
'Ogata, H.'     2 0000-0002-2894-2417 
'Kitamura, M.'  3 0000-0003-4212-2025 
# 
_citation.abstract                  ? 
_citation.abstract_id_CAS           ? 
_citation.book_id_ISBN              ? 
_citation.book_publisher            ? 
_citation.book_publisher_city       ? 
_citation.book_title                ? 
_citation.coordinate_linkage        ? 
_citation.country                   ? 
_citation.database_id_Medline       ? 
_citation.details                   ? 
_citation.id                        primary 
_citation.journal_abbrev            'To Be Published' 
_citation.journal_id_ASTM           ? 
_citation.journal_id_CSD            0353 
_citation.journal_id_ISSN           ? 
_citation.journal_full              ? 
_citation.journal_issue             ? 
_citation.journal_volume            ? 
_citation.language                  ? 
_citation.page_first                ? 
_citation.page_last                 ? 
_citation.title                     'Crystal structure of FeRlp from Desulfovibrio vulgaris (Hildenborough)' 
_citation.year                      ? 
_citation.database_id_CSD           ? 
_citation.pdbx_database_id_DOI      ? 
_citation.pdbx_database_id_PubMed   ? 
_citation.pdbx_database_id_patent   ? 
_citation.unpublished_flag          ? 
# 
loop_
_citation_author.citation_id 
_citation_author.name 
_citation_author.ordinal 
_citation_author.identifier_ORCID 
primary 'Nakatsuji, T.' 1 ? 
primary 'Nishikawa, K.' 2 ? 
primary 'Ogata, H.'     3 ? 
primary 'Kitamura, M.'  4 ? 
# 
loop_
_entity.id 
_entity.type 
_entity.src_method 
_entity.pdbx_description 
_entity.formula_weight 
_entity.pdbx_number_of_molecules 
_entity.pdbx_ec 
_entity.pdbx_mutation 
_entity.pdbx_fragment 
_entity.details 
1 polymer     man Rubredoxin      8561.743 2  ? ? ? ? 
2 non-polymer syn 'PHOSPHATE ION' 94.971   2  ? ? ? ? 
3 non-polymer syn 'FE (III) ION'  55.845   2  ? ? ? ? 
4 water       nat water           18.015   67 ? ? ? ? 
# 
_entity_poly.entity_id                      1 
_entity_poly.type                           'polypeptide(L)' 
_entity_poly.nstd_linkage                   no 
_entity_poly.nstd_monomer                   no 
_entity_poly.pdbx_seq_one_letter_code       MANPEDMWRCQTVNCGYVYDPDRGDKRGKVPPGTRFEDLPDEWRCPICKATKKCFRPLAGPGSTEQPQCEMPTDK 
_entity_poly.pdbx_seq_one_letter_code_can   MANPEDMWRCQTVNCGYVYDPDRGDKRGKVPPGTRFEDLPDEWRCPICKATKKCFRPLAGPGSTEQPQCEMPTDK 
_entity_poly.pdbx_strand_id                 A,B 
_entity_poly.pdbx_target_identifier         ? 
# 
loop_
_pdbx_entity_nonpoly.entity_id 
_pdbx_entity_nonpoly.name 
_pdbx_entity_nonpoly.comp_id 
2 'PHOSPHATE ION' PO4 
3 'FE (III) ION'  FE  
4 water           HOH 
# 
loop_
_entity_poly_seq.entity_id 
_entity_poly_seq.num 
_entity_poly_seq.mon_id 
_entity_poly_seq.hetero 
1 1  MET n 
1 2  ALA n 
1 3  ASN n 
1 4  PRO n 
1 5  GLU n 
1 6  ASP n 
1 7  MET n 
1 8  TRP n 
1 9  ARG n 
1 10 CYS n 
1 11 GLN n 
1 12 THR n 
1 13 VAL n 
1 14 ASN n 
1 15 CYS n 
1 16 GLY n 
1 17 TYR n 
1 18 VAL n 
1 19 TYR n 
1 20 ASP n 
1 21 PRO n 
1 22 ASP n 
1 23 ARG n 
1 24 GLY n 
1 25 ASP n 
1 26 LYS n 
1 27 ARG n 
1 28 GLY n 
1 29 LYS n 
1 30 VAL n 
1 31 PRO n 
1 32 PRO n 
1 33 GLY n 
1 34 THR n 
1 35 ARG n 
1 36 PHE n 
1 37 GLU n 
1 38 ASP n 
1 39 LEU n 
1 40 PRO n 
1 41 ASP n 
1 42 GLU n 
1 43 TRP n 
1 44 ARG n 
1 45 CYS n 
1 46 PRO n 
1 47 ILE n 
1 48 CYS n 
1 49 LYS n 
1 50 ALA n 
1 51 THR n 
1 52 LYS n 
1 53 LYS n 
1 54 CYS n 
1 55 PHE n 
1 56 ARG n 
1 57 PRO n 
1 58 LEU n 
1 59 ALA n 
1 60 GLY n 
1 61 PRO n 
1 62 GLY n 
1 63 SER n 
1 64 THR n 
1 65 GLU n 
1 66 GLN n 
1 67 PRO n 
1 68 GLN n 
1 69 CYS n 
1 70 GLU n 
1 71 MET n 
1 72 PRO n 
1 73 THR n 
1 74 ASP n 
1 75 LYS n 
# 
_entity_src_gen.entity_id                          1 
_entity_src_gen.pdbx_src_id                        1 
_entity_src_gen.pdbx_alt_source_flag               sample 
_entity_src_gen.pdbx_seq_type                      'Biological sequence' 
_entity_src_gen.pdbx_beg_seq_num                   1 
_entity_src_gen.pdbx_end_seq_num                   75 
_entity_src_gen.gene_src_common_name               ? 
_entity_src_gen.gene_src_genus                     ? 
_entity_src_gen.pdbx_gene_src_gene                 rdl 
_entity_src_gen.gene_src_species                   ? 
_entity_src_gen.gene_src_strain                    'ATCC 29579 / DSM 644 / NCIMB 8303 / VKM B-1760 / Hildenborough' 
_entity_src_gen.gene_src_tissue                    ? 
_entity_src_gen.gene_src_tissue_fraction           ? 
_entity_src_gen.gene_src_details                   ? 
_entity_src_gen.pdbx_gene_src_fragment             ? 
_entity_src_gen.pdbx_gene_src_scientific_name      'Desulfovibrio vulgaris' 
_entity_src_gen.pdbx_gene_src_ncbi_taxonomy_id     882 
_entity_src_gen.pdbx_gene_src_variant              ? 
_entity_src_gen.pdbx_gene_src_cell_line            ? 
_entity_src_gen.pdbx_gene_src_atcc                 ? 
_entity_src_gen.pdbx_gene_src_organ                ? 
_entity_src_gen.pdbx_gene_src_organelle            ? 
_entity_src_gen.pdbx_gene_src_cell                 ? 
_entity_src_gen.pdbx_gene_src_cellular_location    ? 
_entity_src_gen.host_org_common_name               ? 
_entity_src_gen.pdbx_host_org_scientific_name      'Escherichia coli K-12' 
_entity_src_gen.pdbx_host_org_ncbi_taxonomy_id     83333 
_entity_src_gen.host_org_genus                     ? 
_entity_src_gen.pdbx_host_org_gene                 ? 
_entity_src_gen.pdbx_host_org_organ                ? 
_entity_src_gen.host_org_species                   ? 
_entity_src_gen.pdbx_host_org_tissue               ? 
_entity_src_gen.pdbx_host_org_tissue_fraction      ? 
_entity_src_gen.pdbx_host_org_strain               ? 
_entity_src_gen.pdbx_host_org_variant              ? 
_entity_src_gen.pdbx_host_org_cell_line            ? 
_entity_src_gen.pdbx_host_org_atcc                 ? 
_entity_src_gen.pdbx_host_org_culture_collection   ? 
_entity_src_gen.pdbx_host_org_cell                 ? 
_entity_src_gen.pdbx_host_org_organelle            ? 
_entity_src_gen.pdbx_host_org_cellular_location    ? 
_entity_src_gen.pdbx_host_org_vector_type          ? 
_entity_src_gen.pdbx_host_org_vector               ? 
_entity_src_gen.host_org_details                   ? 
_entity_src_gen.expression_system_id               ? 
_entity_src_gen.plasmid_name                       ? 
_entity_src_gen.plasmid_details                    ? 
_entity_src_gen.pdbx_description                   ? 
# 
loop_
_chem_comp.id 
_chem_comp.type 
_chem_comp.mon_nstd_flag 
_chem_comp.name 
_chem_comp.pdbx_synonyms 
_chem_comp.formula 
_chem_comp.formula_weight 
ALA 'L-peptide linking' y ALANINE         ? 'C3 H7 N O2'     89.093  
ARG 'L-peptide linking' y ARGININE        ? 'C6 H15 N4 O2 1' 175.209 
ASN 'L-peptide linking' y ASPARAGINE      ? 'C4 H8 N2 O3'    132.118 
ASP 'L-peptide linking' y 'ASPARTIC ACID' ? 'C4 H7 N O4'     133.103 
CYS 'L-peptide linking' y CYSTEINE        ? 'C3 H7 N O2 S'   121.158 
FE  non-polymer         . 'FE (III) ION'  ? 'Fe 3'           55.845  
GLN 'L-peptide linking' y GLUTAMINE       ? 'C5 H10 N2 O3'   146.144 
GLU 'L-peptide linking' y 'GLUTAMIC ACID' ? 'C5 H9 N O4'     147.129 
GLY 'peptide linking'   y GLYCINE         ? 'C2 H5 N O2'     75.067  
HOH non-polymer         . WATER           ? 'H2 O'           18.015  
ILE 'L-peptide linking' y ISOLEUCINE      ? 'C6 H13 N O2'    131.173 
LEU 'L-peptide linking' y LEUCINE         ? 'C6 H13 N O2'    131.173 
LYS 'L-peptide linking' y LYSINE          ? 'C6 H15 N2 O2 1' 147.195 
MET 'L-peptide linking' y METHIONINE      ? 'C5 H11 N O2 S'  149.211 
PHE 'L-peptide linking' y PHENYLALANINE   ? 'C9 H11 N O2'    165.189 
PO4 non-polymer         . 'PHOSPHATE ION' ? 'O4 P -3'        94.971  
PRO 'L-peptide linking' y PROLINE         ? 'C5 H9 N O2'     115.130 
SER 'L-peptide linking' y SERINE          ? 'C3 H7 N O3'     105.093 
THR 'L-peptide linking' y THREONINE       ? 'C4 H9 N O3'     119.119 
TRP 'L-peptide linking' y TRYPTOPHAN      ? 'C11 H12 N2 O2'  204.225 
TYR 'L-peptide linking' y TYROSINE        ? 'C9 H11 N O3'    181.189 
VAL 'L-peptide linking' y VALINE          ? 'C5 H11 N O2'    117.146 
# 
loop_
_pdbx_poly_seq_scheme.asym_id 
_pdbx_poly_seq_scheme.entity_id 
_pdbx_poly_seq_scheme.seq_id 
_pdbx_poly_seq_scheme.mon_id 
_pdbx_poly_seq_scheme.ndb_seq_num 
_pdbx_poly_seq_scheme.pdb_seq_num 
_pdbx_poly_seq_scheme.auth_seq_num 
_pdbx_poly_seq_scheme.pdb_mon_id 
_pdbx_poly_seq_scheme.auth_mon_id 
_pdbx_poly_seq_scheme.pdb_strand_id 
_pdbx_poly_seq_scheme.pdb_ins_code 
_pdbx_poly_seq_scheme.hetero 
A 1 1  MET 1  1  ?  ?   ?   A . n 
A 1 2  ALA 2  2  2  ALA ALA A . n 
A 1 3  ASN 3  3  3  ASN ASN A . n 
A 1 4  PRO 4  4  4  PRO PRO A . n 
A 1 5  GLU 5  5  5  GLU GLU A . n 
A 1 6  ASP 6  6  6  ASP ASP A . n 
A 1 7  MET 7  7  7  MET MET A . n 
A 1 8  TRP 8  8  8  TRP TRP A . n 
A 1 9  ARG 9  9  9  ARG ARG A . n 
A 1 10 CYS 10 10 10 CYS CYS A . n 
A 1 11 GLN 11 11 11 GLN GLN A . n 
A 1 12 THR 12 12 12 THR THR A . n 
A 1 13 VAL 13 13 13 VAL VAL A . n 
A 1 14 ASN 14 14 14 ASN ASN A . n 
A 1 15 CYS 15 15 15 CYS CYS A . n 
A 1 16 GLY 16 16 16 GLY GLY A . n 
A 1 17 TYR 17 17 17 TYR TYR A . n 
A 1 18 VAL 18 18 18 VAL VAL A . n 
A 1 19 TYR 19 19 19 TYR TYR A . n 
A 1 20 ASP 20 20 20 ASP ASP A . n 
A 1 21 PRO 21 21 21 PRO PRO A . n 
A 1 22 ASP 22 22 22 ASP ASP A . n 
A 1 23 ARG 23 23 23 ARG ARG A . n 
A 1 24 GLY 24 24 24 GLY GLY A . n 
A 1 25 ASP 25 25 25 ASP ASP A . n 
A 1 26 LYS 26 26 26 LYS LYS A . n 
A 1 27 ARG 27 27 27 ARG ARG A . n 
A 1 28 GLY 28 28 28 GLY GLY A . n 
A 1 29 LYS 29 29 29 LYS LYS A . n 
A 1 30 VAL 30 30 30 VAL VAL A . n 
A 1 31 PRO 31 31 31 PRO PRO A . n 
A 1 32 PRO 32 32 32 PRO PRO A . n 
A 1 33 GLY 33 33 33 GLY GLY A . n 
A 1 34 THR 34 34 34 THR THR A . n 
A 1 35 ARG 35 35 35 ARG ARG A . n 
A 1 36 PHE 36 36 36 PHE PHE A . n 
A 1 37 GLU 37 37 37 GLU GLU A . n 
A 1 38 ASP 38 38 38 ASP ASP A . n 
A 1 39 LEU 39 39 39 LEU LEU A . n 
A 1 40 PRO 40 40 40 PRO PRO A . n 
A 1 41 ASP 41 41 41 ASP ASP A . n 
A 1 42 GLU 42 42 42 GLU GLU A . n 
A 1 43 TRP 43 43 43 TRP TRP A . n 
A 1 44 ARG 44 44 44 ARG ARG A . n 
A 1 45 CYS 45 45 45 CYS CYS A . n 
A 1 46 PRO 46 46 46 PRO PRO A . n 
A 1 47 ILE 47 47 47 ILE ILE A . n 
A 1 48 CYS 48 48 48 CYS CYS A . n 
A 1 49 LYS 49 49 49 LYS LYS A . n 
A 1 50 ALA 50 50 50 ALA ALA A . n 
A 1 51 THR 51 51 51 THR THR A . n 
A 1 52 LYS 52 52 52 LYS LYS A . n 
A 1 53 LYS 53 53 53 LYS LYS A . n 
A 1 54 CYS 54 54 54 CYS CYS A . n 
A 1 55 PHE 55 55 55 PHE PHE A . n 
A 1 56 ARG 56 56 56 ARG ARG A . n 
A 1 57 PRO 57 57 57 PRO PRO A . n 
A 1 58 LEU 58 58 58 LEU LEU A . n 
A 1 59 ALA 59 59 59 ALA ALA A . n 
A 1 60 GLY 60 60 60 GLY GLY A . n 
A 1 61 PRO 61 61 61 PRO PRO A . n 
A 1 62 GLY 62 62 62 GLY GLY A . n 
A 1 63 SER 63 63 63 SER SER A . n 
A 1 64 THR 64 64 64 THR THR A . n 
A 1 65 GLU 65 65 65 GLU GLU A . n 
A 1 66 GLN 66 66 66 GLN GLN A . n 
A 1 67 PRO 67 67 67 PRO PRO A . n 
A 1 68 GLN 68 68 68 GLN GLN A . n 
A 1 69 CYS 69 69 69 CYS CYS A . n 
A 1 70 GLU 70 70 70 GLU GLU A . n 
A 1 71 MET 71 71 71 MET MET A . n 
A 1 72 PRO 72 72 72 PRO PRO A . n 
A 1 73 THR 73 73 73 THR THR A . n 
A 1 74 ASP 74 74 74 ASP ASP A . n 
A 1 75 LYS 75 75 ?  ?   ?   A . n 
B 1 1  MET 1  1  ?  ?   ?   B . n 
B 1 2  ALA 2  2  2  ALA ALA B . n 
B 1 3  ASN 3  3  3  ASN ASN B . n 
B 1 4  PRO 4  4  4  PRO PRO B . n 
B 1 5  GLU 5  5  5  GLU GLU B . n 
B 1 6  ASP 6  6  6  ASP ASP B . n 
B 1 7  MET 7  7  7  MET MET B . n 
B 1 8  TRP 8  8  8  TRP TRP B . n 
B 1 9  ARG 9  9  9  ARG ARG B . n 
B 1 10 CYS 10 10 10 CYS CYS B . n 
B 1 11 GLN 11 11 11 GLN GLN B . n 
B 1 12 THR 12 12 12 THR THR B . n 
B 1 13 VAL 13 13 13 VAL VAL B . n 
B 1 14 ASN 14 14 14 ASN ASN B . n 
B 1 15 CYS 15 15 15 CYS CYS B . n 
B 1 16 GLY 16 16 16 GLY GLY B . n 
B 1 17 TYR 17 17 17 TYR TYR B . n 
B 1 18 VAL 18 18 18 VAL VAL B . n 
B 1 19 TYR 19 19 19 TYR TYR B . n 
B 1 20 ASP 20 20 20 ASP ASP B . n 
B 1 21 PRO 21 21 21 PRO PRO B . n 
B 1 22 ASP 22 22 22 ASP ASP B . n 
B 1 23 ARG 23 23 23 ARG ARG B . n 
B 1 24 GLY 24 24 24 GLY GLY B . n 
B 1 25 ASP 25 25 25 ASP ASP B . n 
B 1 26 LYS 26 26 26 LYS LYS B . n 
B 1 27 ARG 27 27 27 ARG ARG B . n 
B 1 28 GLY 28 28 28 GLY GLY B . n 
B 1 29 LYS 29 29 29 LYS LYS B . n 
B 1 30 VAL 30 30 30 VAL VAL B . n 
B 1 31 PRO 31 31 31 PRO PRO B . n 
B 1 32 PRO 32 32 32 PRO PRO B . n 
B 1 33 GLY 33 33 33 GLY GLY B . n 
B 1 34 THR 34 34 34 THR THR B . n 
B 1 35 ARG 35 35 35 ARG ARG B . n 
B 1 36 PHE 36 36 36 PHE PHE B . n 
B 1 37 GLU 37 37 37 GLU GLU B . n 
B 1 38 ASP 38 38 38 ASP ASP B . n 
B 1 39 LEU 39 39 39 LEU LEU B . n 
B 1 40 PRO 40 40 40 PRO PRO B . n 
B 1 41 ASP 41 41 41 ASP ASP B . n 
B 1 42 GLU 42 42 42 GLU GLU B . n 
B 1 43 TRP 43 43 43 TRP TRP B . n 
B 1 44 ARG 44 44 44 ARG ARG B . n 
B 1 45 CYS 45 45 45 CYS CYS B . n 
B 1 46 PRO 46 46 46 PRO PRO B . n 
B 1 47 ILE 47 47 47 ILE ILE B . n 
B 1 48 CYS 48 48 48 CYS CYS B . n 
B 1 49 LYS 49 49 49 LYS LYS B . n 
B 1 50 ALA 50 50 50 ALA ALA B . n 
B 1 51 THR 51 51 51 THR THR B . n 
B 1 52 LYS 52 52 52 LYS LYS B . n 
B 1 53 LYS 53 53 53 LYS LYS B . n 
B 1 54 CYS 54 54 54 CYS CYS B . n 
B 1 55 PHE 55 55 55 PHE PHE B . n 
B 1 56 ARG 56 56 56 ARG ARG B . n 
B 1 57 PRO 57 57 57 PRO PRO B . n 
B 1 58 LEU 58 58 58 LEU LEU B . n 
B 1 59 ALA 59 59 59 ALA ALA B . n 
B 1 60 GLY 60 60 60 GLY GLY B . n 
B 1 61 PRO 61 61 61 PRO PRO B . n 
B 1 62 GLY 62 62 62 GLY GLY B . n 
B 1 63 SER 63 63 63 SER SER B . n 
B 1 64 THR 64 64 64 THR THR B . n 
B 1 65 GLU 65 65 65 GLU GLU B . n 
B 1 66 GLN 66 66 66 GLN GLN B . n 
B 1 67 PRO 67 67 67 PRO PRO B . n 
B 1 68 GLN 68 68 68 GLN GLN B . n 
B 1 69 CYS 69 69 69 CYS CYS B . n 
B 1 70 GLU 70 70 70 GLU GLU B . n 
B 1 71 MET 71 71 71 MET MET B . n 
B 1 72 PRO 72 72 72 PRO PRO B . n 
B 1 73 THR 73 73 73 THR THR B . n 
B 1 74 ASP 74 74 74 ASP ASP B . n 
B 1 75 LYS 75 75 75 LYS LYS B . n 
# 
loop_
_pdbx_entity_instance_feature.ordinal 
_pdbx_entity_instance_feature.comp_id 
_pdbx_entity_instance_feature.asym_id 
_pdbx_entity_instance_feature.seq_num 
_pdbx_entity_instance_feature.auth_comp_id 
_pdbx_entity_instance_feature.auth_asym_id 
_pdbx_entity_instance_feature.auth_seq_num 
_pdbx_entity_instance_feature.feature_type 
_pdbx_entity_instance_feature.details 
1 FE  ? ? FE  ? ? 'SUBJECT OF INVESTIGATION' ? 
2 PO4 ? ? PO4 ? ? 'SUBJECT OF INVESTIGATION' ? 
# 
loop_
_pdbx_nonpoly_scheme.asym_id 
_pdbx_nonpoly_scheme.entity_id 
_pdbx_nonpoly_scheme.mon_id 
_pdbx_nonpoly_scheme.ndb_seq_num 
_pdbx_nonpoly_scheme.pdb_seq_num 
_pdbx_nonpoly_scheme.auth_seq_num 
_pdbx_nonpoly_scheme.pdb_mon_id 
_pdbx_nonpoly_scheme.auth_mon_id 
_pdbx_nonpoly_scheme.pdb_strand_id 
_pdbx_nonpoly_scheme.pdb_ins_code 
C 2 PO4 1  101 101 PO4 PO4 A . 
D 3 FE  1  102 1   FE  FE  A . 
E 2 PO4 1  101 101 PO4 PO4 B . 
F 3 FE  1  102 2   FE  FE  B . 
G 4 HOH 1  201 56  HOH HOH A . 
G 4 HOH 2  202 49  HOH HOH A . 
G 4 HOH 3  203 4   HOH HOH A . 
G 4 HOH 4  204 47  HOH HOH A . 
G 4 HOH 5  205 10  HOH HOH A . 
G 4 HOH 6  206 68  HOH HOH A . 
G 4 HOH 7  207 1   HOH HOH A . 
G 4 HOH 8  208 45  HOH HOH A . 
G 4 HOH 9  209 31  HOH HOH A . 
G 4 HOH 10 210 26  HOH HOH A . 
G 4 HOH 11 211 5   HOH HOH A . 
G 4 HOH 12 212 61  HOH HOH A . 
G 4 HOH 13 213 9   HOH HOH A . 
G 4 HOH 14 214 66  HOH HOH A . 
G 4 HOH 15 215 43  HOH HOH A . 
G 4 HOH 16 216 64  HOH HOH A . 
G 4 HOH 17 217 6   HOH HOH A . 
G 4 HOH 18 218 39  HOH HOH A . 
G 4 HOH 19 219 67  HOH HOH A . 
G 4 HOH 20 220 25  HOH HOH A . 
G 4 HOH 21 221 54  HOH HOH A . 
G 4 HOH 22 222 30  HOH HOH A . 
G 4 HOH 23 223 18  HOH HOH A . 
G 4 HOH 24 224 23  HOH HOH A . 
G 4 HOH 25 225 35  HOH HOH A . 
G 4 HOH 26 226 58  HOH HOH A . 
G 4 HOH 27 227 57  HOH HOH A . 
H 4 HOH 1  201 63  HOH HOH B . 
H 4 HOH 2  202 32  HOH HOH B . 
H 4 HOH 3  203 44  HOH HOH B . 
H 4 HOH 4  204 8   HOH HOH B . 
H 4 HOH 5  205 28  HOH HOH B . 
H 4 HOH 6  206 27  HOH HOH B . 
H 4 HOH 7  207 29  HOH HOH B . 
H 4 HOH 8  208 33  HOH HOH B . 
H 4 HOH 9  209 53  HOH HOH B . 
H 4 HOH 10 210 37  HOH HOH B . 
H 4 HOH 11 211 14  HOH HOH B . 
H 4 HOH 12 212 16  HOH HOH B . 
H 4 HOH 13 213 24  HOH HOH B . 
H 4 HOH 14 214 36  HOH HOH B . 
H 4 HOH 15 215 17  HOH HOH B . 
H 4 HOH 16 216 40  HOH HOH B . 
H 4 HOH 17 217 7   HOH HOH B . 
H 4 HOH 18 218 65  HOH HOH B . 
H 4 HOH 19 219 22  HOH HOH B . 
H 4 HOH 20 220 13  HOH HOH B . 
H 4 HOH 21 221 12  HOH HOH B . 
H 4 HOH 22 222 3   HOH HOH B . 
H 4 HOH 23 223 19  HOH HOH B . 
H 4 HOH 24 224 41  HOH HOH B . 
H 4 HOH 25 225 34  HOH HOH B . 
H 4 HOH 26 226 11  HOH HOH B . 
H 4 HOH 27 227 50  HOH HOH B . 
H 4 HOH 28 228 38  HOH HOH B . 
H 4 HOH 29 229 51  HOH HOH B . 
H 4 HOH 30 230 52  HOH HOH B . 
H 4 HOH 31 231 2   HOH HOH B . 
H 4 HOH 32 232 20  HOH HOH B . 
H 4 HOH 33 233 48  HOH HOH B . 
H 4 HOH 34 234 55  HOH HOH B . 
H 4 HOH 35 235 15  HOH HOH B . 
H 4 HOH 36 236 21  HOH HOH B . 
H 4 HOH 37 237 60  HOH HOH B . 
H 4 HOH 38 238 46  HOH HOH B . 
H 4 HOH 39 239 42  HOH HOH B . 
H 4 HOH 40 240 59  HOH HOH B . 
# 
loop_
_software.citation_id 
_software.classification 
_software.compiler_name 
_software.compiler_version 
_software.contact_author 
_software.contact_author_email 
_software.date 
_software.description 
_software.dependencies 
_software.hardware 
_software.language 
_software.location 
_software.mods 
_software.name 
_software.os 
_software.os_version 
_software.type 
_software.version 
_software.pdbx_ordinal 
? refinement       ? ? ? ? ? ? ? ? ? ? ? PHENIX   ? ? ? '(1.19.2_4158: ???)' 1 
? 'data reduction' ? ? ? ? ? ? ? ? ? ? ? HKL-2000 ? ? ? .                    2 
? 'data scaling'   ? ? ? ? ? ? ? ? ? ? ? SCALA    ? ? ? .                    3 
? phasing          ? ? ? ? ? ? ? ? ? ? ? MOLREP   ? ? ? .                    4 
# 
_cell.angle_alpha                  90.00 
_cell.angle_alpha_esd              ? 
_cell.angle_beta                   90.00 
_cell.angle_beta_esd               ? 
_cell.angle_gamma                  90.00 
_cell.angle_gamma_esd              ? 
_cell.entry_id                     8ITO 
_cell.details                      ? 
_cell.formula_units_Z              ? 
_cell.length_a                     36.565 
_cell.length_a_esd                 ? 
_cell.length_b                     57.856 
_cell.length_b_esd                 ? 
_cell.length_c                     59.198 
_cell.length_c_esd                 ? 
_cell.volume                       ? 
_cell.volume_esd                   ? 
_cell.Z_PDB                        8 
_cell.reciprocal_angle_alpha       ? 
_cell.reciprocal_angle_beta        ? 
_cell.reciprocal_angle_gamma       ? 
_cell.reciprocal_angle_alpha_esd   ? 
_cell.reciprocal_angle_beta_esd    ? 
_cell.reciprocal_angle_gamma_esd   ? 
_cell.reciprocal_length_a          ? 
_cell.reciprocal_length_b          ? 
_cell.reciprocal_length_c          ? 
_cell.reciprocal_length_a_esd      ? 
_cell.reciprocal_length_b_esd      ? 
_cell.reciprocal_length_c_esd      ? 
_cell.pdbx_unique_axis             ? 
_cell.pdbx_esd_method              ? 
# 
_symmetry.entry_id                         8ITO 
_symmetry.cell_setting                     ? 
_symmetry.Int_Tables_number                19 
_symmetry.space_group_name_Hall            ? 
_symmetry.space_group_name_H-M             'P 21 21 21' 
_symmetry.pdbx_full_space_group_name_H-M   ? 
# 
_exptl.absorpt_coefficient_mu     ? 
_exptl.absorpt_correction_T_max   ? 
_exptl.absorpt_correction_T_min   ? 
_exptl.absorpt_correction_type    ? 
_exptl.absorpt_process_details    ? 
_exptl.entry_id                   8ITO 
_exptl.crystals_number            1 
_exptl.details                    ? 
_exptl.method                     'X-RAY DIFFRACTION' 
_exptl.method_details             ? 
# 
_exptl_crystal.colour                       ? 
_exptl_crystal.density_diffrn               ? 
_exptl_crystal.density_Matthews             1.87 
_exptl_crystal.density_method               ? 
_exptl_crystal.density_percent_sol          34.27 
_exptl_crystal.description                  ? 
_exptl_crystal.F_000                        ? 
_exptl_crystal.id                           1 
_exptl_crystal.preparation                  ? 
_exptl_crystal.size_max                     ? 
_exptl_crystal.size_mid                     ? 
_exptl_crystal.size_min                     ? 
_exptl_crystal.size_rad                     ? 
_exptl_crystal.colour_lustre                ? 
_exptl_crystal.colour_modifier              ? 
_exptl_crystal.colour_primary               ? 
_exptl_crystal.density_meas                 ? 
_exptl_crystal.density_meas_esd             ? 
_exptl_crystal.density_meas_gt              ? 
_exptl_crystal.density_meas_lt              ? 
_exptl_crystal.density_meas_temp            ? 
_exptl_crystal.density_meas_temp_esd        ? 
_exptl_crystal.density_meas_temp_gt         ? 
_exptl_crystal.density_meas_temp_lt         ? 
_exptl_crystal.pdbx_crystal_image_url       ? 
_exptl_crystal.pdbx_crystal_image_format    ? 
_exptl_crystal.pdbx_mosaicity               ? 
_exptl_crystal.pdbx_mosaicity_esd           ? 
_exptl_crystal.pdbx_mosaic_method           ? 
_exptl_crystal.pdbx_mosaic_block_size       ? 
_exptl_crystal.pdbx_mosaic_block_size_esd   ? 
# 
_exptl_crystal_grow.apparatus       ? 
_exptl_crystal_grow.atmosphere      ? 
_exptl_crystal_grow.crystal_id      1 
_exptl_crystal_grow.details         ? 
_exptl_crystal_grow.method          'VAPOR DIFFUSION, SITTING DROP' 
_exptl_crystal_grow.method_ref      ? 
_exptl_crystal_grow.pH              7.0 
_exptl_crystal_grow.pressure        ? 
_exptl_crystal_grow.pressure_esd    ? 
_exptl_crystal_grow.seeding         ? 
_exptl_crystal_grow.seeding_ref     ? 
_exptl_crystal_grow.temp_details    ? 
_exptl_crystal_grow.temp_esd        ? 
_exptl_crystal_grow.time            ? 
_exptl_crystal_grow.pdbx_details    '0.5 M NaHPO4, 0.9 M K2HPO4, 0.8 M Potassium sodium tartrate' 
_exptl_crystal_grow.pdbx_pH_range   ? 
_exptl_crystal_grow.temp            277 
# 
_diffrn.ambient_environment              ? 
_diffrn.ambient_temp                     100 
_diffrn.ambient_temp_details             ? 
_diffrn.ambient_temp_esd                 ? 
_diffrn.crystal_id                       1 
_diffrn.crystal_support                  ? 
_diffrn.crystal_treatment                ? 
_diffrn.details                          ? 
_diffrn.id                               1 
_diffrn.ambient_pressure                 ? 
_diffrn.ambient_pressure_esd             ? 
_diffrn.ambient_pressure_gt              ? 
_diffrn.ambient_pressure_lt              ? 
_diffrn.ambient_temp_gt                  ? 
_diffrn.ambient_temp_lt                  ? 
_diffrn.pdbx_serial_crystal_experiment   N 
# 
_diffrn_detector.details                      ? 
_diffrn_detector.detector                     'IMAGE PLATE' 
_diffrn_detector.diffrn_id                    1 
_diffrn_detector.type                         'RIGAKU RAXIS VII' 
_diffrn_detector.area_resol_mean              ? 
_diffrn_detector.dtime                        ? 
_diffrn_detector.pdbx_frames_total            ? 
_diffrn_detector.pdbx_collection_time_total   ? 
_diffrn_detector.pdbx_collection_date         2017-06-30 
_diffrn_detector.pdbx_frequency               ? 
_diffrn_detector.id                           ? 
_diffrn_detector.number_of_axes               ? 
# 
_diffrn_radiation.collimation                      ? 
_diffrn_radiation.diffrn_id                        1 
_diffrn_radiation.filter_edge                      ? 
_diffrn_radiation.inhomogeneity                    ? 
_diffrn_radiation.monochromator                    ? 
_diffrn_radiation.polarisn_norm                    ? 
_diffrn_radiation.polarisn_ratio                   ? 
_diffrn_radiation.probe                            ? 
_diffrn_radiation.type                             ? 
_diffrn_radiation.xray_symbol                      ? 
_diffrn_radiation.wavelength_id                    1 
_diffrn_radiation.pdbx_monochromatic_or_laue_m_l   M 
_diffrn_radiation.pdbx_wavelength_list             ? 
_diffrn_radiation.pdbx_wavelength                  ? 
_diffrn_radiation.pdbx_diffrn_protocol             'SINGLE WAVELENGTH' 
_diffrn_radiation.pdbx_analyzer                    ? 
_diffrn_radiation.pdbx_scattering_type             x-ray 
# 
_diffrn_radiation_wavelength.id           1 
_diffrn_radiation_wavelength.wavelength   1.54 
_diffrn_radiation_wavelength.wt           1.0 
# 
_diffrn_source.current                     ? 
_diffrn_source.details                     ? 
_diffrn_source.diffrn_id                   1 
_diffrn_source.power                       ? 
_diffrn_source.size                        ? 
_diffrn_source.source                      'ROTATING ANODE' 
_diffrn_source.target                      ? 
_diffrn_source.type                        'RIGAKU FR-X' 
_diffrn_source.voltage                     ? 
_diffrn_source.take-off_angle              ? 
_diffrn_source.pdbx_wavelength_list        1.54 
_diffrn_source.pdbx_wavelength             ? 
_diffrn_source.pdbx_synchrotron_beamline   ? 
_diffrn_source.pdbx_synchrotron_site       ? 
# 
_reflns.B_iso_Wilson_estimate                          ? 
_reflns.entry_id                                       8ITO 
_reflns.data_reduction_details                         ? 
_reflns.data_reduction_method                          ? 
_reflns.d_resolution_high                              2.01 
_reflns.d_resolution_low                               18.68 
_reflns.details                                        ? 
_reflns.limit_h_max                                    ? 
_reflns.limit_h_min                                    ? 
_reflns.limit_k_max                                    ? 
_reflns.limit_k_min                                    ? 
_reflns.limit_l_max                                    ? 
_reflns.limit_l_min                                    ? 
_reflns.number_all                                     ? 
_reflns.number_obs                                     52024 
_reflns.observed_criterion                             ? 
_reflns.observed_criterion_F_max                       ? 
_reflns.observed_criterion_F_min                       ? 
_reflns.observed_criterion_I_max                       ? 
_reflns.observed_criterion_I_min                       ? 
_reflns.observed_criterion_sigma_F                     ? 
_reflns.observed_criterion_sigma_I                     ? 
_reflns.percent_possible_obs                           99.6 
_reflns.R_free_details                                 ? 
_reflns.Rmerge_F_all                                   ? 
_reflns.Rmerge_F_obs                                   ? 
_reflns.Friedel_coverage                               ? 
_reflns.number_gt                                      ? 
_reflns.threshold_expression                           ? 
_reflns.pdbx_redundancy                                6.0 
_reflns.pdbx_netI_over_av_sigmaI                       ? 
_reflns.pdbx_netI_over_sigmaI                          15.9 
_reflns.pdbx_res_netI_over_av_sigmaI_2                 ? 
_reflns.pdbx_res_netI_over_sigmaI_2                    ? 
_reflns.pdbx_chi_squared                               ? 
_reflns.pdbx_scaling_rejects                           ? 
_reflns.pdbx_d_res_high_opt                            ? 
_reflns.pdbx_d_res_low_opt                             ? 
_reflns.pdbx_d_res_opt_method                          ? 
_reflns.phase_calculation_details                      ? 
_reflns.pdbx_Rrim_I_all                                ? 
_reflns.pdbx_Rpim_I_all                                0.039 
_reflns.pdbx_d_opt                                     ? 
_reflns.pdbx_number_measured_all                       ? 
_reflns.pdbx_diffrn_id                                 1 
_reflns.pdbx_ordinal                                   1 
_reflns.pdbx_CC_half                                   ? 
_reflns.pdbx_CC_star                                   ? 
_reflns.pdbx_R_split                                   ? 
_reflns.pdbx_Rmerge_I_obs                              ? 
_reflns.pdbx_Rmerge_I_all                              ? 
_reflns.pdbx_Rsym_value                                ? 
_reflns.pdbx_CC_split_method                           ? 
_reflns.pdbx_aniso_diffraction_limit_axis_1_ortho[1]   ? 
_reflns.pdbx_aniso_diffraction_limit_axis_1_ortho[2]   ? 
_reflns.pdbx_aniso_diffraction_limit_axis_1_ortho[3]   ? 
_reflns.pdbx_aniso_diffraction_limit_axis_2_ortho[1]   ? 
_reflns.pdbx_aniso_diffraction_limit_axis_2_ortho[2]   ? 
_reflns.pdbx_aniso_diffraction_limit_axis_2_ortho[3]   ? 
_reflns.pdbx_aniso_diffraction_limit_axis_3_ortho[1]   ? 
_reflns.pdbx_aniso_diffraction_limit_axis_3_ortho[2]   ? 
_reflns.pdbx_aniso_diffraction_limit_axis_3_ortho[3]   ? 
_reflns.pdbx_aniso_diffraction_limit_1                 ? 
_reflns.pdbx_aniso_diffraction_limit_2                 ? 
_reflns.pdbx_aniso_diffraction_limit_3                 ? 
_reflns.pdbx_aniso_B_tensor_eigenvector_1_ortho[1]     ? 
_reflns.pdbx_aniso_B_tensor_eigenvector_1_ortho[2]     ? 
_reflns.pdbx_aniso_B_tensor_eigenvector_1_ortho[3]     ? 
_reflns.pdbx_aniso_B_tensor_eigenvector_2_ortho[1]     ? 
_reflns.pdbx_aniso_B_tensor_eigenvector_2_ortho[2]     ? 
_reflns.pdbx_aniso_B_tensor_eigenvector_2_ortho[3]     ? 
_reflns.pdbx_aniso_B_tensor_eigenvector_3_ortho[1]     ? 
_reflns.pdbx_aniso_B_tensor_eigenvector_3_ortho[2]     ? 
_reflns.pdbx_aniso_B_tensor_eigenvector_3_ortho[3]     ? 
_reflns.pdbx_aniso_B_tensor_eigenvalue_1               ? 
_reflns.pdbx_aniso_B_tensor_eigenvalue_2               ? 
_reflns.pdbx_aniso_B_tensor_eigenvalue_3               ? 
_reflns.pdbx_orthogonalization_convention              ? 
_reflns.pdbx_percent_possible_ellipsoidal              ? 
_reflns.pdbx_percent_possible_spherical                ? 
_reflns.pdbx_percent_possible_ellipsoidal_anomalous    ? 
_reflns.pdbx_percent_possible_spherical_anomalous      ? 
_reflns.pdbx_redundancy_anomalous                      ? 
_reflns.pdbx_CC_half_anomalous                         ? 
_reflns.pdbx_absDiff_over_sigma_anomalous              ? 
_reflns.pdbx_percent_possible_anomalous                ? 
_reflns.pdbx_observed_signal_threshold                 ? 
_reflns.pdbx_signal_type                               ? 
_reflns.pdbx_signal_details                            ? 
_reflns.pdbx_signal_software_id                        ? 
# 
_reflns_shell.d_res_high                                    2.01 
_reflns_shell.d_res_low                                     2.04 
_reflns_shell.meanI_over_sigI_all                           ? 
_reflns_shell.meanI_over_sigI_obs                           ? 
_reflns_shell.number_measured_all                           ? 
_reflns_shell.number_measured_obs                           ? 
_reflns_shell.number_possible                               ? 
_reflns_shell.number_unique_all                             ? 
_reflns_shell.number_unique_obs                             425 
_reflns_shell.percent_possible_obs                          ? 
_reflns_shell.Rmerge_F_all                                  ? 
_reflns_shell.Rmerge_F_obs                                  ? 
_reflns_shell.meanI_over_sigI_gt                            ? 
_reflns_shell.meanI_over_uI_all                             ? 
_reflns_shell.meanI_over_uI_gt                              ? 
_reflns_shell.number_measured_gt                            ? 
_reflns_shell.number_unique_gt                              ? 
_reflns_shell.percent_possible_gt                           ? 
_reflns_shell.Rmerge_F_gt                                   ? 
_reflns_shell.Rmerge_I_gt                                   ? 
_reflns_shell.pdbx_redundancy                               ? 
_reflns_shell.pdbx_chi_squared                              ? 
_reflns_shell.pdbx_netI_over_sigmaI_all                     ? 
_reflns_shell.pdbx_netI_over_sigmaI_obs                     ? 
_reflns_shell.pdbx_Rrim_I_all                               ? 
_reflns_shell.pdbx_Rpim_I_all                               0.207 
_reflns_shell.pdbx_rejects                                  ? 
_reflns_shell.pdbx_ordinal                                  1 
_reflns_shell.pdbx_diffrn_id                                1 
_reflns_shell.pdbx_CC_half                                  ? 
_reflns_shell.pdbx_CC_star                                  ? 
_reflns_shell.pdbx_R_split                                  ? 
_reflns_shell.percent_possible_all                          ? 
_reflns_shell.Rmerge_I_all                                  ? 
_reflns_shell.Rmerge_I_obs                                  ? 
_reflns_shell.pdbx_Rsym_value                               ? 
_reflns_shell.pdbx_percent_possible_ellipsoidal             ? 
_reflns_shell.pdbx_percent_possible_spherical               ? 
_reflns_shell.pdbx_percent_possible_ellipsoidal_anomalous   ? 
_reflns_shell.pdbx_percent_possible_spherical_anomalous     ? 
_reflns_shell.pdbx_redundancy_anomalous                     ? 
_reflns_shell.pdbx_CC_half_anomalous                        ? 
_reflns_shell.pdbx_absDiff_over_sigma_anomalous             ? 
_reflns_shell.pdbx_percent_possible_anomalous               ? 
# 
_refine.aniso_B[1][1]                            ? 
_refine.aniso_B[1][2]                            ? 
_refine.aniso_B[1][3]                            ? 
_refine.aniso_B[2][2]                            ? 
_refine.aniso_B[2][3]                            ? 
_refine.aniso_B[3][3]                            ? 
_refine.B_iso_max                                ? 
_refine.B_iso_mean                               ? 
_refine.B_iso_min                                ? 
_refine.correlation_coeff_Fo_to_Fc               ? 
_refine.correlation_coeff_Fo_to_Fc_free          ? 
_refine.details                                  ? 
_refine.diff_density_max                         ? 
_refine.diff_density_max_esd                     ? 
_refine.diff_density_min                         ? 
_refine.diff_density_min_esd                     ? 
_refine.diff_density_rms                         ? 
_refine.diff_density_rms_esd                     ? 
_refine.entry_id                                 8ITO 
_refine.pdbx_refine_id                           'X-RAY DIFFRACTION' 
_refine.ls_abs_structure_details                 ? 
_refine.ls_abs_structure_Flack                   ? 
_refine.ls_abs_structure_Flack_esd               ? 
_refine.ls_abs_structure_Rogers                  ? 
_refine.ls_abs_structure_Rogers_esd              ? 
_refine.ls_d_res_high                            2.10 
_refine.ls_d_res_low                             18.68 
_refine.ls_extinction_coef                       ? 
_refine.ls_extinction_coef_esd                   ? 
_refine.ls_extinction_expression                 ? 
_refine.ls_extinction_method                     ? 
_refine.ls_goodness_of_fit_all                   ? 
_refine.ls_goodness_of_fit_all_esd               ? 
_refine.ls_goodness_of_fit_obs                   ? 
_refine.ls_goodness_of_fit_obs_esd               ? 
_refine.ls_hydrogen_treatment                    ? 
_refine.ls_matrix_type                           ? 
_refine.ls_number_constraints                    ? 
_refine.ls_number_parameters                     ? 
_refine.ls_number_reflns_all                     ? 
_refine.ls_number_reflns_obs                     7606 
_refine.ls_number_reflns_R_free                  461 
_refine.ls_number_reflns_R_work                  ? 
_refine.ls_number_restraints                     ? 
_refine.ls_percent_reflns_obs                    98.36 
_refine.ls_percent_reflns_R_free                 6.06 
_refine.ls_R_factor_all                          ? 
_refine.ls_R_factor_obs                          0.1885 
_refine.ls_R_factor_R_free                       0.2435 
_refine.ls_R_factor_R_free_error                 ? 
_refine.ls_R_factor_R_free_error_details         ? 
_refine.ls_R_factor_R_work                       0.1849 
_refine.ls_R_Fsqd_factor_obs                     ? 
_refine.ls_R_I_factor_obs                        ? 
_refine.ls_redundancy_reflns_all                 ? 
_refine.ls_redundancy_reflns_obs                 ? 
_refine.ls_restrained_S_all                      ? 
_refine.ls_restrained_S_obs                      ? 
_refine.ls_shift_over_esd_max                    ? 
_refine.ls_shift_over_esd_mean                   ? 
_refine.ls_structure_factor_coef                 ? 
_refine.ls_weighting_details                     ? 
_refine.ls_weighting_scheme                      ? 
_refine.ls_wR_factor_all                         ? 
_refine.ls_wR_factor_obs                         ? 
_refine.ls_wR_factor_R_free                      ? 
_refine.ls_wR_factor_R_work                      ? 
_refine.occupancy_max                            ? 
_refine.occupancy_min                            ? 
_refine.solvent_model_details                    'FLAT BULK SOLVENT MODEL' 
_refine.solvent_model_param_bsol                 ? 
_refine.solvent_model_param_ksol                 ? 
_refine.pdbx_R_complete                          ? 
_refine.ls_R_factor_gt                           ? 
_refine.ls_goodness_of_fit_gt                    ? 
_refine.ls_goodness_of_fit_ref                   ? 
_refine.ls_shift_over_su_max                     ? 
_refine.ls_shift_over_su_max_lt                  ? 
_refine.ls_shift_over_su_mean                    ? 
_refine.ls_shift_over_su_mean_lt                 ? 
_refine.pdbx_ls_sigma_I                          ? 
_refine.pdbx_ls_sigma_F                          1.35 
_refine.pdbx_ls_sigma_Fsqd                       ? 
_refine.pdbx_data_cutoff_high_absF               ? 
_refine.pdbx_data_cutoff_high_rms_absF           ? 
_refine.pdbx_data_cutoff_low_absF                ? 
_refine.pdbx_isotropic_thermal_model             ? 
_refine.pdbx_ls_cross_valid_method               'FREE R-VALUE' 
_refine.pdbx_method_to_determine_struct          'MOLECULAR REPLACEMENT' 
_refine.pdbx_starting_model                      ? 
_refine.pdbx_stereochemistry_target_values       ML 
_refine.pdbx_R_Free_selection_details            ? 
_refine.pdbx_stereochem_target_val_spec_case     ? 
_refine.pdbx_overall_ESU_R                       ? 
_refine.pdbx_overall_ESU_R_Free                  ? 
_refine.pdbx_solvent_vdw_probe_radii             1.11 
_refine.pdbx_solvent_ion_probe_radii             ? 
_refine.pdbx_solvent_shrinkage_radii             0.90 
_refine.pdbx_real_space_R                        ? 
_refine.pdbx_density_correlation                 ? 
_refine.pdbx_pd_number_of_powder_patterns        ? 
_refine.pdbx_pd_number_of_points                 ? 
_refine.pdbx_pd_meas_number_of_points            ? 
_refine.pdbx_pd_proc_ls_prof_R_factor            ? 
_refine.pdbx_pd_proc_ls_prof_wR_factor           ? 
_refine.pdbx_pd_Marquardt_correlation_coeff      ? 
_refine.pdbx_pd_Fsqrd_R_factor                   ? 
_refine.pdbx_pd_ls_matrix_band_width             ? 
_refine.pdbx_overall_phase_error                 28.50 
_refine.pdbx_overall_SU_R_free_Cruickshank_DPI   ? 
_refine.pdbx_overall_SU_R_free_Blow_DPI          ? 
_refine.pdbx_overall_SU_R_Blow_DPI               ? 
_refine.pdbx_TLS_residual_ADP_flag               ? 
_refine.pdbx_diffrn_id                           1 
_refine.overall_SU_B                             ? 
_refine.overall_SU_ML                            0.27 
_refine.overall_SU_R_Cruickshank_DPI             ? 
_refine.overall_SU_R_free                        ? 
_refine.overall_FOM_free_R_set                   ? 
_refine.overall_FOM_work_R_set                   ? 
_refine.pdbx_average_fsc_overall                 ? 
_refine.pdbx_average_fsc_work                    ? 
_refine.pdbx_average_fsc_free                    ? 
# 
_refine_hist.pdbx_refine_id                   'X-RAY DIFFRACTION' 
_refine_hist.cycle_id                         LAST 
_refine_hist.details                          ? 
_refine_hist.d_res_high                       2.10 
_refine_hist.d_res_low                        18.68 
_refine_hist.number_atoms_solvent             67 
_refine_hist.number_atoms_total               1240 
_refine_hist.number_reflns_all                ? 
_refine_hist.number_reflns_obs                ? 
_refine_hist.number_reflns_R_free             ? 
_refine_hist.number_reflns_R_work             ? 
_refine_hist.R_factor_all                     ? 
_refine_hist.R_factor_obs                     ? 
_refine_hist.R_factor_R_free                  ? 
_refine_hist.R_factor_R_work                  ? 
_refine_hist.pdbx_number_residues_total       ? 
_refine_hist.pdbx_B_iso_mean_ligand           ? 
_refine_hist.pdbx_B_iso_mean_solvent          ? 
_refine_hist.pdbx_number_atoms_protein        1161 
_refine_hist.pdbx_number_atoms_nucleic_acid   0 
_refine_hist.pdbx_number_atoms_ligand         12 
_refine_hist.pdbx_number_atoms_lipid          ? 
_refine_hist.pdbx_number_atoms_carb           ? 
_refine_hist.pdbx_pseudo_atom_details         ? 
# 
loop_
_refine_ls_restr.pdbx_refine_id 
_refine_ls_restr.criterion 
_refine_ls_restr.dev_ideal 
_refine_ls_restr.dev_ideal_target 
_refine_ls_restr.number 
_refine_ls_restr.rejects 
_refine_ls_restr.type 
_refine_ls_restr.weight 
_refine_ls_restr.pdbx_restraint_function 
'X-RAY DIFFRACTION' ? 0.008 ? 1203 ? f_bond_d           ? ? 
'X-RAY DIFFRACTION' ? 0.991 ? 1633 ? f_angle_d          ? ? 
'X-RAY DIFFRACTION' ? 6.061 ? 161  ? f_dihedral_angle_d ? ? 
'X-RAY DIFFRACTION' ? 0.058 ? 157  ? f_chiral_restr     ? ? 
'X-RAY DIFFRACTION' ? 0.011 ? 223  ? f_plane_restr      ? ? 
# 
loop_
_refine_ls_shell.pdbx_refine_id 
_refine_ls_shell.d_res_high 
_refine_ls_shell.d_res_low 
_refine_ls_shell.number_reflns_all 
_refine_ls_shell.number_reflns_obs 
_refine_ls_shell.number_reflns_R_free 
_refine_ls_shell.number_reflns_R_work 
_refine_ls_shell.percent_reflns_obs 
_refine_ls_shell.percent_reflns_R_free 
_refine_ls_shell.R_factor_all 
_refine_ls_shell.R_factor_obs 
_refine_ls_shell.R_factor_R_free_error 
_refine_ls_shell.R_factor_R_work 
_refine_ls_shell.redundancy_reflns_all 
_refine_ls_shell.redundancy_reflns_obs 
_refine_ls_shell.wR_factor_all 
_refine_ls_shell.wR_factor_obs 
_refine_ls_shell.wR_factor_R_free 
_refine_ls_shell.wR_factor_R_work 
_refine_ls_shell.pdbx_R_complete 
_refine_ls_shell.pdbx_total_number_of_bins_used 
_refine_ls_shell.pdbx_phase_error 
_refine_ls_shell.pdbx_fsc_work 
_refine_ls_shell.pdbx_fsc_free 
_refine_ls_shell.R_factor_R_free 
'X-RAY DIFFRACTION' 2.10 2.40  . . 147 2266 96.00  . . . . 0.2498 . . . . . . . . . . . 0.3627 
'X-RAY DIFFRACTION' 2.40 3.03  . . 146 2402 100.00 . . . . 0.2149 . . . . . . . . . . . 0.2836 
'X-RAY DIFFRACTION' 3.03 18.68 . . 168 2477 99.00  . . . . 0.1574 . . . . . . . . . . . 0.2036 
# 
_struct.entry_id                     8ITO 
_struct.title                        'Crystal structure of FeRlp from Desulfovibrio vulgaris (Hildenborough)' 
_struct.pdbx_model_details           ? 
_struct.pdbx_formula_weight          ? 
_struct.pdbx_formula_weight_method   ? 
_struct.pdbx_model_type_details      ? 
_struct.pdbx_CASP_flag               N 
# 
_struct_keywords.entry_id        8ITO 
_struct_keywords.text            'iron-sulfur cluster, metallo protein, monomer, ELECTRON TRANSPORT' 
_struct_keywords.pdbx_keywords   'ELECTRON TRANSPORT' 
# 
loop_
_struct_asym.id 
_struct_asym.pdbx_blank_PDB_chainid_flag 
_struct_asym.pdbx_modified 
_struct_asym.entity_id 
_struct_asym.details 
A N N 1 ? 
B N N 1 ? 
C N N 2 ? 
D N N 3 ? 
E N N 2 ? 
F N N 3 ? 
G N N 4 ? 
H N N 4 ? 
# 
_struct_ref.id                         1 
_struct_ref.db_name                    UNP 
_struct_ref.db_code                    Q726L3_DESVH 
_struct_ref.pdbx_db_accession          Q726L3 
_struct_ref.pdbx_db_isoform            ? 
_struct_ref.entity_id                  1 
_struct_ref.pdbx_seq_one_letter_code   MANPEDMWRCQTVNCGYVYDPDRGDKRGKVPPGTRFEDLPDEWRCPICKATKKCFRPLAGPGSTEQPQCEMPTDK 
_struct_ref.pdbx_align_begin           1 
# 
loop_
_struct_ref_seq.align_id 
_struct_ref_seq.ref_id 
_struct_ref_seq.pdbx_PDB_id_code 
_struct_ref_seq.pdbx_strand_id 
_struct_ref_seq.seq_align_beg 
_struct_ref_seq.pdbx_seq_align_beg_ins_code 
_struct_ref_seq.seq_align_end 
_struct_ref_seq.pdbx_seq_align_end_ins_code 
_struct_ref_seq.pdbx_db_accession 
_struct_ref_seq.db_align_beg 
_struct_ref_seq.pdbx_db_align_beg_ins_code 
_struct_ref_seq.db_align_end 
_struct_ref_seq.pdbx_db_align_end_ins_code 
_struct_ref_seq.pdbx_auth_seq_align_beg 
_struct_ref_seq.pdbx_auth_seq_align_end 
1 1 8ITO A 1 ? 75 ? Q726L3 1 ? 75 ? 1 75 
2 1 8ITO B 1 ? 75 ? Q726L3 1 ? 75 ? 1 75 
# 
_pdbx_struct_assembly.id                   1 
_pdbx_struct_assembly.details              author_defined_assembly 
_pdbx_struct_assembly.method_details       ? 
_pdbx_struct_assembly.oligomeric_details   dimeric 
_pdbx_struct_assembly.oligomeric_count     2 
# 
_pdbx_struct_assembly_gen.assembly_id       1 
_pdbx_struct_assembly_gen.oper_expression   1 
_pdbx_struct_assembly_gen.asym_id_list      A,B,C,D,E,F,G,H 
# 
_pdbx_struct_assembly_auth_evidence.id                     1 
_pdbx_struct_assembly_auth_evidence.assembly_id            1 
_pdbx_struct_assembly_auth_evidence.experimental_support   none 
_pdbx_struct_assembly_auth_evidence.details                ? 
# 
_pdbx_struct_oper_list.id                   1 
_pdbx_struct_oper_list.type                 'identity operation' 
_pdbx_struct_oper_list.name                 1_555 
_pdbx_struct_oper_list.symmetry_operation   x,y,z 
_pdbx_struct_oper_list.matrix[1][1]         1.0000000000 
_pdbx_struct_oper_list.matrix[1][2]         0.0000000000 
_pdbx_struct_oper_list.matrix[1][3]         0.0000000000 
_pdbx_struct_oper_list.vector[1]            0.0000000000 
_pdbx_struct_oper_list.matrix[2][1]         0.0000000000 
_pdbx_struct_oper_list.matrix[2][2]         1.0000000000 
_pdbx_struct_oper_list.matrix[2][3]         0.0000000000 
_pdbx_struct_oper_list.vector[2]            0.0000000000 
_pdbx_struct_oper_list.matrix[3][1]         0.0000000000 
_pdbx_struct_oper_list.matrix[3][2]         0.0000000000 
_pdbx_struct_oper_list.matrix[3][3]         1.0000000000 
_pdbx_struct_oper_list.vector[3]            0.0000000000 
# 
loop_
_struct_conf.conf_type_id 
_struct_conf.id 
_struct_conf.pdbx_PDB_helix_id 
_struct_conf.beg_label_comp_id 
_struct_conf.beg_label_asym_id 
_struct_conf.beg_label_seq_id 
_struct_conf.pdbx_beg_PDB_ins_code 
_struct_conf.end_label_comp_id 
_struct_conf.end_label_asym_id 
_struct_conf.end_label_seq_id 
_struct_conf.pdbx_end_PDB_ins_code 
_struct_conf.beg_auth_comp_id 
_struct_conf.beg_auth_asym_id 
_struct_conf.beg_auth_seq_id 
_struct_conf.end_auth_comp_id 
_struct_conf.end_auth_asym_id 
_struct_conf.end_auth_seq_id 
_struct_conf.pdbx_PDB_helix_class 
_struct_conf.details 
_struct_conf.pdbx_PDB_helix_length 
HELX_P HELX_P1 AA1 ASN A 3  ? ASP A 6  ? ASN A 3  ASP A 6  5 ? 4 
HELX_P HELX_P2 AA2 ARG A 35 ? LEU A 39 ? ARG A 35 LEU A 39 5 ? 5 
HELX_P HELX_P3 AA3 THR A 51 ? LYS A 53 ? THR A 51 LYS A 53 5 ? 3 
HELX_P HELX_P4 AA4 GLY A 60 ? GLU A 65 ? GLY A 60 GLU A 65 5 ? 6 
HELX_P HELX_P5 AA5 ASN B 3  ? ASP B 6  ? ASN B 3  ASP B 6  5 ? 4 
HELX_P HELX_P6 AA6 ARG B 35 ? LEU B 39 ? ARG B 35 LEU B 39 5 ? 5 
HELX_P HELX_P7 AA7 THR B 51 ? LYS B 53 ? THR B 51 LYS B 53 5 ? 3 
# 
_struct_conf_type.id          HELX_P 
_struct_conf_type.criteria    ? 
_struct_conf_type.reference   ? 
# 
loop_
_struct_conn.id 
_struct_conn.conn_type_id 
_struct_conn.pdbx_leaving_atom_flag 
_struct_conn.pdbx_PDB_id 
_struct_conn.ptnr1_label_asym_id 
_struct_conn.ptnr1_label_comp_id 
_struct_conn.ptnr1_label_seq_id 
_struct_conn.ptnr1_label_atom_id 
_struct_conn.pdbx_ptnr1_label_alt_id 
_struct_conn.pdbx_ptnr1_PDB_ins_code 
_struct_conn.pdbx_ptnr1_standard_comp_id 
_struct_conn.ptnr1_symmetry 
_struct_conn.ptnr2_label_asym_id 
_struct_conn.ptnr2_label_comp_id 
_struct_conn.ptnr2_label_seq_id 
_struct_conn.ptnr2_label_atom_id 
_struct_conn.pdbx_ptnr2_label_alt_id 
_struct_conn.pdbx_ptnr2_PDB_ins_code 
_struct_conn.ptnr1_auth_asym_id 
_struct_conn.ptnr1_auth_comp_id 
_struct_conn.ptnr1_auth_seq_id 
_struct_conn.ptnr2_auth_asym_id 
_struct_conn.ptnr2_auth_comp_id 
_struct_conn.ptnr2_auth_seq_id 
_struct_conn.ptnr2_symmetry 
_struct_conn.pdbx_ptnr3_label_atom_id 
_struct_conn.pdbx_ptnr3_label_seq_id 
_struct_conn.pdbx_ptnr3_label_comp_id 
_struct_conn.pdbx_ptnr3_label_asym_id 
_struct_conn.pdbx_ptnr3_label_alt_id 
_struct_conn.pdbx_ptnr3_PDB_ins_code 
_struct_conn.details 
_struct_conn.pdbx_dist_value 
_struct_conn.pdbx_value_order 
_struct_conn.pdbx_role 
disulf1 disulf ? ? A CYS 54 SG ? ? ? 1_555 A CYS 69 SG ? ? A CYS 54 A CYS 69  1_555 ? ? ? ? ? ? ? 2.038 ? ? 
disulf2 disulf ? ? B CYS 54 SG ? ? ? 1_555 B CYS 69 SG ? ? B CYS 54 B CYS 69  1_555 ? ? ? ? ? ? ? 2.042 ? ? 
metalc1 metalc ? ? A CYS 10 SG ? ? ? 1_555 D FE  .  FE ? ? A CYS 10 A FE  102 1_555 ? ? ? ? ? ? ? 2.363 ? ? 
metalc2 metalc ? ? A CYS 15 SG ? ? ? 1_555 D FE  .  FE ? ? A CYS 15 A FE  102 1_555 ? ? ? ? ? ? ? 2.394 ? ? 
metalc3 metalc ? ? A CYS 45 SG ? ? ? 1_555 D FE  .  FE ? ? A CYS 45 A FE  102 1_555 ? ? ? ? ? ? ? 2.363 ? ? 
metalc4 metalc ? ? A CYS 48 SG ? ? ? 1_555 D FE  .  FE ? ? A CYS 48 A FE  102 1_555 ? ? ? ? ? ? ? 2.245 ? ? 
metalc5 metalc ? ? B CYS 10 SG ? ? ? 1_555 F FE  .  FE ? ? B CYS 10 B FE  102 1_555 ? ? ? ? ? ? ? 2.336 ? ? 
metalc6 metalc ? ? B CYS 15 SG ? ? ? 1_555 F FE  .  FE ? ? B CYS 15 B FE  102 1_555 ? ? ? ? ? ? ? 2.250 ? ? 
metalc7 metalc ? ? B CYS 45 SG ? ? ? 1_555 F FE  .  FE ? ? B CYS 45 B FE  102 1_555 ? ? ? ? ? ? ? 2.383 ? ? 
metalc8 metalc ? ? B CYS 48 SG ? ? ? 1_555 F FE  .  FE ? ? B CYS 48 B FE  102 1_555 ? ? ? ? ? ? ? 2.327 ? ? 
# 
loop_
_struct_conn_type.id 
_struct_conn_type.criteria 
_struct_conn_type.reference 
disulf ? ? 
metalc ? ? 
# 
loop_
_pdbx_struct_conn_angle.id 
_pdbx_struct_conn_angle.ptnr1_label_atom_id 
_pdbx_struct_conn_angle.ptnr1_label_alt_id 
_pdbx_struct_conn_angle.ptnr1_label_asym_id 
_pdbx_struct_conn_angle.ptnr1_label_comp_id 
_pdbx_struct_conn_angle.ptnr1_label_seq_id 
_pdbx_struct_conn_angle.ptnr1_auth_atom_id 
_pdbx_struct_conn_angle.ptnr1_auth_asym_id 
_pdbx_struct_conn_angle.ptnr1_auth_comp_id 
_pdbx_struct_conn_angle.ptnr1_auth_seq_id 
_pdbx_struct_conn_angle.ptnr1_PDB_ins_code 
_pdbx_struct_conn_angle.ptnr1_symmetry 
_pdbx_struct_conn_angle.ptnr2_label_atom_id 
_pdbx_struct_conn_angle.ptnr2_label_alt_id 
_pdbx_struct_conn_angle.ptnr2_label_asym_id 
_pdbx_struct_conn_angle.ptnr2_label_comp_id 
_pdbx_struct_conn_angle.ptnr2_label_seq_id 
_pdbx_struct_conn_angle.ptnr2_auth_atom_id 
_pdbx_struct_conn_angle.ptnr2_auth_asym_id 
_pdbx_struct_conn_angle.ptnr2_auth_comp_id 
_pdbx_struct_conn_angle.ptnr2_auth_seq_id 
_pdbx_struct_conn_angle.ptnr2_PDB_ins_code 
_pdbx_struct_conn_angle.ptnr2_symmetry 
_pdbx_struct_conn_angle.ptnr3_label_atom_id 
_pdbx_struct_conn_angle.ptnr3_label_alt_id 
_pdbx_struct_conn_angle.ptnr3_label_asym_id 
_pdbx_struct_conn_angle.ptnr3_label_comp_id 
_pdbx_struct_conn_angle.ptnr3_label_seq_id 
_pdbx_struct_conn_angle.ptnr3_auth_atom_id 
_pdbx_struct_conn_angle.ptnr3_auth_asym_id 
_pdbx_struct_conn_angle.ptnr3_auth_comp_id 
_pdbx_struct_conn_angle.ptnr3_auth_seq_id 
_pdbx_struct_conn_angle.ptnr3_PDB_ins_code 
_pdbx_struct_conn_angle.ptnr3_symmetry 
_pdbx_struct_conn_angle.value 
_pdbx_struct_conn_angle.value_esd 
1  SG ? A CYS 10 ? A CYS 10 ? 1_555 FE ? D FE . ? A FE 102 ? 1_555 SG ? A CYS 15 ? A CYS 15 ? 1_555 111.7 ? 
2  SG ? A CYS 10 ? A CYS 10 ? 1_555 FE ? D FE . ? A FE 102 ? 1_555 SG ? A CYS 45 ? A CYS 45 ? 1_555 113.5 ? 
3  SG ? A CYS 15 ? A CYS 15 ? 1_555 FE ? D FE . ? A FE 102 ? 1_555 SG ? A CYS 45 ? A CYS 45 ? 1_555 103.7 ? 
4  SG ? A CYS 10 ? A CYS 10 ? 1_555 FE ? D FE . ? A FE 102 ? 1_555 SG ? A CYS 48 ? A CYS 48 ? 1_555 99.3  ? 
5  SG ? A CYS 15 ? A CYS 15 ? 1_555 FE ? D FE . ? A FE 102 ? 1_555 SG ? A CYS 48 ? A CYS 48 ? 1_555 115.4 ? 
6  SG ? A CYS 45 ? A CYS 45 ? 1_555 FE ? D FE . ? A FE 102 ? 1_555 SG ? A CYS 48 ? A CYS 48 ? 1_555 113.6 ? 
7  SG ? B CYS 10 ? B CYS 10 ? 1_555 FE ? F FE . ? B FE 102 ? 1_555 SG ? B CYS 15 ? B CYS 15 ? 1_555 111.7 ? 
8  SG ? B CYS 10 ? B CYS 10 ? 1_555 FE ? F FE . ? B FE 102 ? 1_555 SG ? B CYS 45 ? B CYS 45 ? 1_555 115.2 ? 
9  SG ? B CYS 15 ? B CYS 15 ? 1_555 FE ? F FE . ? B FE 102 ? 1_555 SG ? B CYS 45 ? B CYS 45 ? 1_555 105.9 ? 
10 SG ? B CYS 10 ? B CYS 10 ? 1_555 FE ? F FE . ? B FE 102 ? 1_555 SG ? B CYS 48 ? B CYS 48 ? 1_555 97.6  ? 
11 SG ? B CYS 15 ? B CYS 15 ? 1_555 FE ? F FE . ? B FE 102 ? 1_555 SG ? B CYS 48 ? B CYS 48 ? 1_555 118.8 ? 
12 SG ? B CYS 45 ? B CYS 45 ? 1_555 FE ? F FE . ? B FE 102 ? 1_555 SG ? B CYS 48 ? B CYS 48 ? 1_555 108.0 ? 
# 
loop_
_pdbx_modification_feature.ordinal 
_pdbx_modification_feature.label_comp_id 
_pdbx_modification_feature.label_asym_id 
_pdbx_modification_feature.label_seq_id 
_pdbx_modification_feature.label_alt_id 
_pdbx_modification_feature.modified_residue_label_comp_id 
_pdbx_modification_feature.modified_residue_label_asym_id 
_pdbx_modification_feature.modified_residue_label_seq_id 
_pdbx_modification_feature.modified_residue_label_alt_id 
_pdbx_modification_feature.auth_comp_id 
_pdbx_modification_feature.auth_asym_id 
_pdbx_modification_feature.auth_seq_id 
_pdbx_modification_feature.PDB_ins_code 
_pdbx_modification_feature.symmetry 
_pdbx_modification_feature.modified_residue_auth_comp_id 
_pdbx_modification_feature.modified_residue_auth_asym_id 
_pdbx_modification_feature.modified_residue_auth_seq_id 
_pdbx_modification_feature.modified_residue_PDB_ins_code 
_pdbx_modification_feature.modified_residue_symmetry 
_pdbx_modification_feature.comp_id_linking_atom 
_pdbx_modification_feature.modified_residue_id_linking_atom 
_pdbx_modification_feature.modified_residue_id 
_pdbx_modification_feature.ref_pcm_id 
_pdbx_modification_feature.ref_comp_id 
_pdbx_modification_feature.type 
_pdbx_modification_feature.category 
1 CYS A 54 ? CYS A 69 ? CYS A 54 ? 1_555 CYS A 69 ? 1_555 SG SG . . . None 'Disulfide bridge' 
2 CYS B 54 ? CYS B 69 ? CYS B 54 ? 1_555 CYS B 69 ? 1_555 SG SG . . . None 'Disulfide bridge' 
# 
loop_
_struct_sheet.id 
_struct_sheet.type 
_struct_sheet.number_strands 
_struct_sheet.details 
AA1 ? 3 ? 
AA2 ? 3 ? 
# 
loop_
_struct_sheet_order.sheet_id 
_struct_sheet_order.range_id_1 
_struct_sheet_order.range_id_2 
_struct_sheet_order.offset 
_struct_sheet_order.sense 
AA1 1 2 ? anti-parallel 
AA1 2 3 ? anti-parallel 
AA2 1 2 ? anti-parallel 
AA2 2 3 ? anti-parallel 
# 
loop_
_struct_sheet_range.sheet_id 
_struct_sheet_range.id 
_struct_sheet_range.beg_label_comp_id 
_struct_sheet_range.beg_label_asym_id 
_struct_sheet_range.beg_label_seq_id 
_struct_sheet_range.pdbx_beg_PDB_ins_code 
_struct_sheet_range.end_label_comp_id 
_struct_sheet_range.end_label_asym_id 
_struct_sheet_range.end_label_seq_id 
_struct_sheet_range.pdbx_end_PDB_ins_code 
_struct_sheet_range.beg_auth_comp_id 
_struct_sheet_range.beg_auth_asym_id 
_struct_sheet_range.beg_auth_seq_id 
_struct_sheet_range.end_auth_comp_id 
_struct_sheet_range.end_auth_asym_id 
_struct_sheet_range.end_auth_seq_id 
AA1 1 VAL A 18 ? TYR A 19 ? VAL A 18 TYR A 19 
AA1 2 TRP A 8  ? CYS A 10 ? TRP A 8  CYS A 10 
AA1 3 PHE A 55 ? PRO A 57 ? PHE A 55 PRO A 57 
AA2 1 VAL B 18 ? TYR B 19 ? VAL B 18 TYR B 19 
AA2 2 TRP B 8  ? CYS B 10 ? TRP B 8  CYS B 10 
AA2 3 PHE B 55 ? PRO B 57 ? PHE B 55 PRO B 57 
# 
loop_
_pdbx_struct_sheet_hbond.sheet_id 
_pdbx_struct_sheet_hbond.range_id_1 
_pdbx_struct_sheet_hbond.range_id_2 
_pdbx_struct_sheet_hbond.range_1_label_atom_id 
_pdbx_struct_sheet_hbond.range_1_label_comp_id 
_pdbx_struct_sheet_hbond.range_1_label_asym_id 
_pdbx_struct_sheet_hbond.range_1_label_seq_id 
_pdbx_struct_sheet_hbond.range_1_PDB_ins_code 
_pdbx_struct_sheet_hbond.range_1_auth_atom_id 
_pdbx_struct_sheet_hbond.range_1_auth_comp_id 
_pdbx_struct_sheet_hbond.range_1_auth_asym_id 
_pdbx_struct_sheet_hbond.range_1_auth_seq_id 
_pdbx_struct_sheet_hbond.range_2_label_atom_id 
_pdbx_struct_sheet_hbond.range_2_label_comp_id 
_pdbx_struct_sheet_hbond.range_2_label_asym_id 
_pdbx_struct_sheet_hbond.range_2_label_seq_id 
_pdbx_struct_sheet_hbond.range_2_PDB_ins_code 
_pdbx_struct_sheet_hbond.range_2_auth_atom_id 
_pdbx_struct_sheet_hbond.range_2_auth_comp_id 
_pdbx_struct_sheet_hbond.range_2_auth_asym_id 
_pdbx_struct_sheet_hbond.range_2_auth_seq_id 
AA1 1 2 O TYR A 19 ? O TYR A 19 N TRP A 8  ? N TRP A 8  
AA1 2 3 N ARG A 9  ? N ARG A 9  O ARG A 56 ? O ARG A 56 
AA2 1 2 O TYR B 19 ? O TYR B 19 N TRP B 8  ? N TRP B 8  
AA2 2 3 N ARG B 9  ? N ARG B 9  O ARG B 56 ? O ARG B 56 
# 
_pdbx_entry_details.entry_id                   8ITO 
_pdbx_entry_details.has_ligand_of_interest     Y 
_pdbx_entry_details.compound_details           ? 
_pdbx_entry_details.source_details             ? 
_pdbx_entry_details.nonpolymer_details         ? 
_pdbx_entry_details.sequence_details           ? 
_pdbx_entry_details.has_protein_modification   Y 
# 
loop_
_pdbx_validate_close_contact.id 
_pdbx_validate_close_contact.PDB_model_num 
_pdbx_validate_close_contact.auth_atom_id_1 
_pdbx_validate_close_contact.auth_asym_id_1 
_pdbx_validate_close_contact.auth_comp_id_1 
_pdbx_validate_close_contact.auth_seq_id_1 
_pdbx_validate_close_contact.PDB_ins_code_1 
_pdbx_validate_close_contact.label_alt_id_1 
_pdbx_validate_close_contact.auth_atom_id_2 
_pdbx_validate_close_contact.auth_asym_id_2 
_pdbx_validate_close_contact.auth_comp_id_2 
_pdbx_validate_close_contact.auth_seq_id_2 
_pdbx_validate_close_contact.PDB_ins_code_2 
_pdbx_validate_close_contact.label_alt_id_2 
_pdbx_validate_close_contact.dist 
1 1 O B GLU 37  ? ? O B HOH 201 ? ? 2.16 
2 1 O A HOH 226 ? ? O A HOH 227 ? ? 2.19 
# 
loop_
_pdbx_validate_torsion.id 
_pdbx_validate_torsion.PDB_model_num 
_pdbx_validate_torsion.auth_comp_id 
_pdbx_validate_torsion.auth_asym_id 
_pdbx_validate_torsion.auth_seq_id 
_pdbx_validate_torsion.PDB_ins_code 
_pdbx_validate_torsion.label_alt_id 
_pdbx_validate_torsion.phi 
_pdbx_validate_torsion.psi 
1 1 CYS A 15 ? ? -106.03 -143.20 
2 1 THR A 73 ? ? -137.93 -141.89 
3 1 CYS B 15 ? ? -107.86 -116.66 
4 1 PRO B 40 ? ? -49.78  155.70  
5 1 CYS B 69 ? ? -163.52 -167.44 
# 
loop_
_pdbx_unobs_or_zero_occ_residues.id 
_pdbx_unobs_or_zero_occ_residues.PDB_model_num 
_pdbx_unobs_or_zero_occ_residues.polymer_flag 
_pdbx_unobs_or_zero_occ_residues.occupancy_flag 
_pdbx_unobs_or_zero_occ_residues.auth_asym_id 
_pdbx_unobs_or_zero_occ_residues.auth_comp_id 
_pdbx_unobs_or_zero_occ_residues.auth_seq_id 
_pdbx_unobs_or_zero_occ_residues.PDB_ins_code 
_pdbx_unobs_or_zero_occ_residues.label_asym_id 
_pdbx_unobs_or_zero_occ_residues.label_comp_id 
_pdbx_unobs_or_zero_occ_residues.label_seq_id 
1 1 Y 1 A MET 1  ? A MET 1  
2 1 Y 1 A LYS 75 ? A LYS 75 
3 1 Y 1 B MET 1  ? B MET 1  
# 
loop_
_chem_comp_atom.comp_id 
_chem_comp_atom.atom_id 
_chem_comp_atom.type_symbol 
_chem_comp_atom.pdbx_aromatic_flag 
_chem_comp_atom.pdbx_stereo_config 
_chem_comp_atom.pdbx_ordinal 
ALA N    N  N N 1   
ALA CA   C  N S 2   
ALA C    C  N N 3   
ALA O    O  N N 4   
ALA CB   C  N N 5   
ALA OXT  O  N N 6   
ALA H    H  N N 7   
ALA H2   H  N N 8   
ALA HA   H  N N 9   
ALA HB1  H  N N 10  
ALA HB2  H  N N 11  
ALA HB3  H  N N 12  
ALA HXT  H  N N 13  
ARG N    N  N N 14  
ARG CA   C  N S 15  
ARG C    C  N N 16  
ARG O    O  N N 17  
ARG CB   C  N N 18  
ARG CG   C  N N 19  
ARG CD   C  N N 20  
ARG NE   N  N N 21  
ARG CZ   C  N N 22  
ARG NH1  N  N N 23  
ARG NH2  N  N N 24  
ARG OXT  O  N N 25  
ARG H    H  N N 26  
ARG H2   H  N N 27  
ARG HA   H  N N 28  
ARG HB2  H  N N 29  
ARG HB3  H  N N 30  
ARG HG2  H  N N 31  
ARG HG3  H  N N 32  
ARG HD2  H  N N 33  
ARG HD3  H  N N 34  
ARG HE   H  N N 35  
ARG HH11 H  N N 36  
ARG HH12 H  N N 37  
ARG HH21 H  N N 38  
ARG HH22 H  N N 39  
ARG HXT  H  N N 40  
ASN N    N  N N 41  
ASN CA   C  N S 42  
ASN C    C  N N 43  
ASN O    O  N N 44  
ASN CB   C  N N 45  
ASN CG   C  N N 46  
ASN OD1  O  N N 47  
ASN ND2  N  N N 48  
ASN OXT  O  N N 49  
ASN H    H  N N 50  
ASN H2   H  N N 51  
ASN HA   H  N N 52  
ASN HB2  H  N N 53  
ASN HB3  H  N N 54  
ASN HD21 H  N N 55  
ASN HD22 H  N N 56  
ASN HXT  H  N N 57  
ASP N    N  N N 58  
ASP CA   C  N S 59  
ASP C    C  N N 60  
ASP O    O  N N 61  
ASP CB   C  N N 62  
ASP CG   C  N N 63  
ASP OD1  O  N N 64  
ASP OD2  O  N N 65  
ASP OXT  O  N N 66  
ASP H    H  N N 67  
ASP H2   H  N N 68  
ASP HA   H  N N 69  
ASP HB2  H  N N 70  
ASP HB3  H  N N 71  
ASP HD2  H  N N 72  
ASP HXT  H  N N 73  
CYS N    N  N N 74  
CYS CA   C  N R 75  
CYS C    C  N N 76  
CYS O    O  N N 77  
CYS CB   C  N N 78  
CYS SG   S  N N 79  
CYS OXT  O  N N 80  
CYS H    H  N N 81  
CYS H2   H  N N 82  
CYS HA   H  N N 83  
CYS HB2  H  N N 84  
CYS HB3  H  N N 85  
CYS HG   H  N N 86  
CYS HXT  H  N N 87  
FE  FE   FE N N 88  
GLN N    N  N N 89  
GLN CA   C  N S 90  
GLN C    C  N N 91  
GLN O    O  N N 92  
GLN CB   C  N N 93  
GLN CG   C  N N 94  
GLN CD   C  N N 95  
GLN OE1  O  N N 96  
GLN NE2  N  N N 97  
GLN OXT  O  N N 98  
GLN H    H  N N 99  
GLN H2   H  N N 100 
GLN HA   H  N N 101 
GLN HB2  H  N N 102 
GLN HB3  H  N N 103 
GLN HG2  H  N N 104 
GLN HG3  H  N N 105 
GLN HE21 H  N N 106 
GLN HE22 H  N N 107 
GLN HXT  H  N N 108 
GLU N    N  N N 109 
GLU CA   C  N S 110 
GLU C    C  N N 111 
GLU O    O  N N 112 
GLU CB   C  N N 113 
GLU CG   C  N N 114 
GLU CD   C  N N 115 
GLU OE1  O  N N 116 
GLU OE2  O  N N 117 
GLU OXT  O  N N 118 
GLU H    H  N N 119 
GLU H2   H  N N 120 
GLU HA   H  N N 121 
GLU HB2  H  N N 122 
GLU HB3  H  N N 123 
GLU HG2  H  N N 124 
GLU HG3  H  N N 125 
GLU HE2  H  N N 126 
GLU HXT  H  N N 127 
GLY N    N  N N 128 
GLY CA   C  N N 129 
GLY C    C  N N 130 
GLY O    O  N N 131 
GLY OXT  O  N N 132 
GLY H    H  N N 133 
GLY H2   H  N N 134 
GLY HA2  H  N N 135 
GLY HA3  H  N N 136 
GLY HXT  H  N N 137 
HOH O    O  N N 138 
HOH H1   H  N N 139 
HOH H2   H  N N 140 
ILE N    N  N N 141 
ILE CA   C  N S 142 
ILE C    C  N N 143 
ILE O    O  N N 144 
ILE CB   C  N S 145 
ILE CG1  C  N N 146 
ILE CG2  C  N N 147 
ILE CD1  C  N N 148 
ILE OXT  O  N N 149 
ILE H    H  N N 150 
ILE H2   H  N N 151 
ILE HA   H  N N 152 
ILE HB   H  N N 153 
ILE HG12 H  N N 154 
ILE HG13 H  N N 155 
ILE HG21 H  N N 156 
ILE HG22 H  N N 157 
ILE HG23 H  N N 158 
ILE HD11 H  N N 159 
ILE HD12 H  N N 160 
ILE HD13 H  N N 161 
ILE HXT  H  N N 162 
LEU N    N  N N 163 
LEU CA   C  N S 164 
LEU C    C  N N 165 
LEU O    O  N N 166 
LEU CB   C  N N 167 
LEU CG   C  N N 168 
LEU CD1  C  N N 169 
LEU CD2  C  N N 170 
LEU OXT  O  N N 171 
LEU H    H  N N 172 
LEU H2   H  N N 173 
LEU HA   H  N N 174 
LEU HB2  H  N N 175 
LEU HB3  H  N N 176 
LEU HG   H  N N 177 
LEU HD11 H  N N 178 
LEU HD12 H  N N 179 
LEU HD13 H  N N 180 
LEU HD21 H  N N 181 
LEU HD22 H  N N 182 
LEU HD23 H  N N 183 
LEU HXT  H  N N 184 
LYS N    N  N N 185 
LYS CA   C  N S 186 
LYS C    C  N N 187 
LYS O    O  N N 188 
LYS CB   C  N N 189 
LYS CG   C  N N 190 
LYS CD   C  N N 191 
LYS CE   C  N N 192 
LYS NZ   N  N N 193 
LYS OXT  O  N N 194 
LYS H    H  N N 195 
LYS H2   H  N N 196 
LYS HA   H  N N 197 
LYS HB2  H  N N 198 
LYS HB3  H  N N 199 
LYS HG2  H  N N 200 
LYS HG3  H  N N 201 
LYS HD2  H  N N 202 
LYS HD3  H  N N 203 
LYS HE2  H  N N 204 
LYS HE3  H  N N 205 
LYS HZ1  H  N N 206 
LYS HZ2  H  N N 207 
LYS HZ3  H  N N 208 
LYS HXT  H  N N 209 
MET N    N  N N 210 
MET CA   C  N S 211 
MET C    C  N N 212 
MET O    O  N N 213 
MET CB   C  N N 214 
MET CG   C  N N 215 
MET SD   S  N N 216 
MET CE   C  N N 217 
MET OXT  O  N N 218 
MET H    H  N N 219 
MET H2   H  N N 220 
MET HA   H  N N 221 
MET HB2  H  N N 222 
MET HB3  H  N N 223 
MET HG2  H  N N 224 
MET HG3  H  N N 225 
MET HE1  H  N N 226 
MET HE2  H  N N 227 
MET HE3  H  N N 228 
MET HXT  H  N N 229 
PHE N    N  N N 230 
PHE CA   C  N S 231 
PHE C    C  N N 232 
PHE O    O  N N 233 
PHE CB   C  N N 234 
PHE CG   C  Y N 235 
PHE CD1  C  Y N 236 
PHE CD2  C  Y N 237 
PHE CE1  C  Y N 238 
PHE CE2  C  Y N 239 
PHE CZ   C  Y N 240 
PHE OXT  O  N N 241 
PHE H    H  N N 242 
PHE H2   H  N N 243 
PHE HA   H  N N 244 
PHE HB2  H  N N 245 
PHE HB3  H  N N 246 
PHE HD1  H  N N 247 
PHE HD2  H  N N 248 
PHE HE1  H  N N 249 
PHE HE2  H  N N 250 
PHE HZ   H  N N 251 
PHE HXT  H  N N 252 
PO4 P    P  N N 253 
PO4 O1   O  N N 254 
PO4 O2   O  N N 255 
PO4 O3   O  N N 256 
PO4 O4   O  N N 257 
PRO N    N  N N 258 
PRO CA   C  N S 259 
PRO C    C  N N 260 
PRO O    O  N N 261 
PRO CB   C  N N 262 
PRO CG   C  N N 263 
PRO CD   C  N N 264 
PRO OXT  O  N N 265 
PRO H    H  N N 266 
PRO HA   H  N N 267 
PRO HB2  H  N N 268 
PRO HB3  H  N N 269 
PRO HG2  H  N N 270 
PRO HG3  H  N N 271 
PRO HD2  H  N N 272 
PRO HD3  H  N N 273 
PRO HXT  H  N N 274 
SER N    N  N N 275 
SER CA   C  N S 276 
SER C    C  N N 277 
SER O    O  N N 278 
SER CB   C  N N 279 
SER OG   O  N N 280 
SER OXT  O  N N 281 
SER H    H  N N 282 
SER H2   H  N N 283 
SER HA   H  N N 284 
SER HB2  H  N N 285 
SER HB3  H  N N 286 
SER HG   H  N N 287 
SER HXT  H  N N 288 
THR N    N  N N 289 
THR CA   C  N S 290 
THR C    C  N N 291 
THR O    O  N N 292 
THR CB   C  N R 293 
THR OG1  O  N N 294 
THR CG2  C  N N 295 
THR OXT  O  N N 296 
THR H    H  N N 297 
THR H2   H  N N 298 
THR HA   H  N N 299 
THR HB   H  N N 300 
THR HG1  H  N N 301 
THR HG21 H  N N 302 
THR HG22 H  N N 303 
THR HG23 H  N N 304 
THR HXT  H  N N 305 
TRP N    N  N N 306 
TRP CA   C  N S 307 
TRP C    C  N N 308 
TRP O    O  N N 309 
TRP CB   C  N N 310 
TRP CG   C  Y N 311 
TRP CD1  C  Y N 312 
TRP CD2  C  Y N 313 
TRP NE1  N  Y N 314 
TRP CE2  C  Y N 315 
TRP CE3  C  Y N 316 
TRP CZ2  C  Y N 317 
TRP CZ3  C  Y N 318 
TRP CH2  C  Y N 319 
TRP OXT  O  N N 320 
TRP H    H  N N 321 
TRP H2   H  N N 322 
TRP HA   H  N N 323 
TRP HB2  H  N N 324 
TRP HB3  H  N N 325 
TRP HD1  H  N N 326 
TRP HE1  H  N N 327 
TRP HE3  H  N N 328 
TRP HZ2  H  N N 329 
TRP HZ3  H  N N 330 
TRP HH2  H  N N 331 
TRP HXT  H  N N 332 
TYR N    N  N N 333 
TYR CA   C  N S 334 
TYR C    C  N N 335 
TYR O    O  N N 336 
TYR CB   C  N N 337 
TYR CG   C  Y N 338 
TYR CD1  C  Y N 339 
TYR CD2  C  Y N 340 
TYR CE1  C  Y N 341 
TYR CE2  C  Y N 342 
TYR CZ   C  Y N 343 
TYR OH   O  N N 344 
TYR OXT  O  N N 345 
TYR H    H  N N 346 
TYR H2   H  N N 347 
TYR HA   H  N N 348 
TYR HB2  H  N N 349 
TYR HB3  H  N N 350 
TYR HD1  H  N N 351 
TYR HD2  H  N N 352 
TYR HE1  H  N N 353 
TYR HE2  H  N N 354 
TYR HH   H  N N 355 
TYR HXT  H  N N 356 
VAL N    N  N N 357 
VAL CA   C  N S 358 
VAL C    C  N N 359 
VAL O    O  N N 360 
VAL CB   C  N N 361 
VAL CG1  C  N N 362 
VAL CG2  C  N N 363 
VAL OXT  O  N N 364 
VAL H    H  N N 365 
VAL H2   H  N N 366 
VAL HA   H  N N 367 
VAL HB   H  N N 368 
VAL HG11 H  N N 369 
VAL HG12 H  N N 370 
VAL HG13 H  N N 371 
VAL HG21 H  N N 372 
VAL HG22 H  N N 373 
VAL HG23 H  N N 374 
VAL HXT  H  N N 375 
# 
loop_
_chem_comp_bond.comp_id 
_chem_comp_bond.atom_id_1 
_chem_comp_bond.atom_id_2 
_chem_comp_bond.value_order 
_chem_comp_bond.pdbx_aromatic_flag 
_chem_comp_bond.pdbx_stereo_config 
_chem_comp_bond.pdbx_ordinal 
ALA N   CA   sing N N 1   
ALA N   H    sing N N 2   
ALA N   H2   sing N N 3   
ALA CA  C    sing N N 4   
ALA CA  CB   sing N N 5   
ALA CA  HA   sing N N 6   
ALA C   O    doub N N 7   
ALA C   OXT  sing N N 8   
ALA CB  HB1  sing N N 9   
ALA CB  HB2  sing N N 10  
ALA CB  HB3  sing N N 11  
ALA OXT HXT  sing N N 12  
ARG N   CA   sing N N 13  
ARG N   H    sing N N 14  
ARG N   H2   sing N N 15  
ARG CA  C    sing N N 16  
ARG CA  CB   sing N N 17  
ARG CA  HA   sing N N 18  
ARG C   O    doub N N 19  
ARG C   OXT  sing N N 20  
ARG CB  CG   sing N N 21  
ARG CB  HB2  sing N N 22  
ARG CB  HB3  sing N N 23  
ARG CG  CD   sing N N 24  
ARG CG  HG2  sing N N 25  
ARG CG  HG3  sing N N 26  
ARG CD  NE   sing N N 27  
ARG CD  HD2  sing N N 28  
ARG CD  HD3  sing N N 29  
ARG NE  CZ   sing N N 30  
ARG NE  HE   sing N N 31  
ARG CZ  NH1  sing N N 32  
ARG CZ  NH2  doub N N 33  
ARG NH1 HH11 sing N N 34  
ARG NH1 HH12 sing N N 35  
ARG NH2 HH21 sing N N 36  
ARG NH2 HH22 sing N N 37  
ARG OXT HXT  sing N N 38  
ASN N   CA   sing N N 39  
ASN N   H    sing N N 40  
ASN N   H2   sing N N 41  
ASN CA  C    sing N N 42  
ASN CA  CB   sing N N 43  
ASN CA  HA   sing N N 44  
ASN C   O    doub N N 45  
ASN C   OXT  sing N N 46  
ASN CB  CG   sing N N 47  
ASN CB  HB2  sing N N 48  
ASN CB  HB3  sing N N 49  
ASN CG  OD1  doub N N 50  
ASN CG  ND2  sing N N 51  
ASN ND2 HD21 sing N N 52  
ASN ND2 HD22 sing N N 53  
ASN OXT HXT  sing N N 54  
ASP N   CA   sing N N 55  
ASP N   H    sing N N 56  
ASP N   H2   sing N N 57  
ASP CA  C    sing N N 58  
ASP CA  CB   sing N N 59  
ASP CA  HA   sing N N 60  
ASP C   O    doub N N 61  
ASP C   OXT  sing N N 62  
ASP CB  CG   sing N N 63  
ASP CB  HB2  sing N N 64  
ASP CB  HB3  sing N N 65  
ASP CG  OD1  doub N N 66  
ASP CG  OD2  sing N N 67  
ASP OD2 HD2  sing N N 68  
ASP OXT HXT  sing N N 69  
CYS N   CA   sing N N 70  
CYS N   H    sing N N 71  
CYS N   H2   sing N N 72  
CYS CA  C    sing N N 73  
CYS CA  CB   sing N N 74  
CYS CA  HA   sing N N 75  
CYS C   O    doub N N 76  
CYS C   OXT  sing N N 77  
CYS CB  SG   sing N N 78  
CYS CB  HB2  sing N N 79  
CYS CB  HB3  sing N N 80  
CYS SG  HG   sing N N 81  
CYS OXT HXT  sing N N 82  
GLN N   CA   sing N N 83  
GLN N   H    sing N N 84  
GLN N   H2   sing N N 85  
GLN CA  C    sing N N 86  
GLN CA  CB   sing N N 87  
GLN CA  HA   sing N N 88  
GLN C   O    doub N N 89  
GLN C   OXT  sing N N 90  
GLN CB  CG   sing N N 91  
GLN CB  HB2  sing N N 92  
GLN CB  HB3  sing N N 93  
GLN CG  CD   sing N N 94  
GLN CG  HG2  sing N N 95  
GLN CG  HG3  sing N N 96  
GLN CD  OE1  doub N N 97  
GLN CD  NE2  sing N N 98  
GLN NE2 HE21 sing N N 99  
GLN NE2 HE22 sing N N 100 
GLN OXT HXT  sing N N 101 
GLU N   CA   sing N N 102 
GLU N   H    sing N N 103 
GLU N   H2   sing N N 104 
GLU CA  C    sing N N 105 
GLU CA  CB   sing N N 106 
GLU CA  HA   sing N N 107 
GLU C   O    doub N N 108 
GLU C   OXT  sing N N 109 
GLU CB  CG   sing N N 110 
GLU CB  HB2  sing N N 111 
GLU CB  HB3  sing N N 112 
GLU CG  CD   sing N N 113 
GLU CG  HG2  sing N N 114 
GLU CG  HG3  sing N N 115 
GLU CD  OE1  doub N N 116 
GLU CD  OE2  sing N N 117 
GLU OE2 HE2  sing N N 118 
GLU OXT HXT  sing N N 119 
GLY N   CA   sing N N 120 
GLY N   H    sing N N 121 
GLY N   H2   sing N N 122 
GLY CA  C    sing N N 123 
GLY CA  HA2  sing N N 124 
GLY CA  HA3  sing N N 125 
GLY C   O    doub N N 126 
GLY C   OXT  sing N N 127 
GLY OXT HXT  sing N N 128 
HOH O   H1   sing N N 129 
HOH O   H2   sing N N 130 
ILE N   CA   sing N N 131 
ILE N   H    sing N N 132 
ILE N   H2   sing N N 133 
ILE CA  C    sing N N 134 
ILE CA  CB   sing N N 135 
ILE CA  HA   sing N N 136 
ILE C   O    doub N N 137 
ILE C   OXT  sing N N 138 
ILE CB  CG1  sing N N 139 
ILE CB  CG2  sing N N 140 
ILE CB  HB   sing N N 141 
ILE CG1 CD1  sing N N 142 
ILE CG1 HG12 sing N N 143 
ILE CG1 HG13 sing N N 144 
ILE CG2 HG21 sing N N 145 
ILE CG2 HG22 sing N N 146 
ILE CG2 HG23 sing N N 147 
ILE CD1 HD11 sing N N 148 
ILE CD1 HD12 sing N N 149 
ILE CD1 HD13 sing N N 150 
ILE OXT HXT  sing N N 151 
LEU N   CA   sing N N 152 
LEU N   H    sing N N 153 
LEU N   H2   sing N N 154 
LEU CA  C    sing N N 155 
LEU CA  CB   sing N N 156 
LEU CA  HA   sing N N 157 
LEU C   O    doub N N 158 
LEU C   OXT  sing N N 159 
LEU CB  CG   sing N N 160 
LEU CB  HB2  sing N N 161 
LEU CB  HB3  sing N N 162 
LEU CG  CD1  sing N N 163 
LEU CG  CD2  sing N N 164 
LEU CG  HG   sing N N 165 
LEU CD1 HD11 sing N N 166 
LEU CD1 HD12 sing N N 167 
LEU CD1 HD13 sing N N 168 
LEU CD2 HD21 sing N N 169 
LEU CD2 HD22 sing N N 170 
LEU CD2 HD23 sing N N 171 
LEU OXT HXT  sing N N 172 
LYS N   CA   sing N N 173 
LYS N   H    sing N N 174 
LYS N   H2   sing N N 175 
LYS CA  C    sing N N 176 
LYS CA  CB   sing N N 177 
LYS CA  HA   sing N N 178 
LYS C   O    doub N N 179 
LYS C   OXT  sing N N 180 
LYS CB  CG   sing N N 181 
LYS CB  HB2  sing N N 182 
LYS CB  HB3  sing N N 183 
LYS CG  CD   sing N N 184 
LYS CG  HG2  sing N N 185 
LYS CG  HG3  sing N N 186 
LYS CD  CE   sing N N 187 
LYS CD  HD2  sing N N 188 
LYS CD  HD3  sing N N 189 
LYS CE  NZ   sing N N 190 
LYS CE  HE2  sing N N 191 
LYS CE  HE3  sing N N 192 
LYS NZ  HZ1  sing N N 193 
LYS NZ  HZ2  sing N N 194 
LYS NZ  HZ3  sing N N 195 
LYS OXT HXT  sing N N 196 
MET N   CA   sing N N 197 
MET N   H    sing N N 198 
MET N   H2   sing N N 199 
MET CA  C    sing N N 200 
MET CA  CB   sing N N 201 
MET CA  HA   sing N N 202 
MET C   O    doub N N 203 
MET C   OXT  sing N N 204 
MET CB  CG   sing N N 205 
MET CB  HB2  sing N N 206 
MET CB  HB3  sing N N 207 
MET CG  SD   sing N N 208 
MET CG  HG2  sing N N 209 
MET CG  HG3  sing N N 210 
MET SD  CE   sing N N 211 
MET CE  HE1  sing N N 212 
MET CE  HE2  sing N N 213 
MET CE  HE3  sing N N 214 
MET OXT HXT  sing N N 215 
PHE N   CA   sing N N 216 
PHE N   H    sing N N 217 
PHE N   H2   sing N N 218 
PHE CA  C    sing N N 219 
PHE CA  CB   sing N N 220 
PHE CA  HA   sing N N 221 
PHE C   O    doub N N 222 
PHE C   OXT  sing N N 223 
PHE CB  CG   sing N N 224 
PHE CB  HB2  sing N N 225 
PHE CB  HB3  sing N N 226 
PHE CG  CD1  doub Y N 227 
PHE CG  CD2  sing Y N 228 
PHE CD1 CE1  sing Y N 229 
PHE CD1 HD1  sing N N 230 
PHE CD2 CE2  doub Y N 231 
PHE CD2 HD2  sing N N 232 
PHE CE1 CZ   doub Y N 233 
PHE CE1 HE1  sing N N 234 
PHE CE2 CZ   sing Y N 235 
PHE CE2 HE2  sing N N 236 
PHE CZ  HZ   sing N N 237 
PHE OXT HXT  sing N N 238 
PO4 P   O1   doub N N 239 
PO4 P   O2   sing N N 240 
PO4 P   O3   sing N N 241 
PO4 P   O4   sing N N 242 
PRO N   CA   sing N N 243 
PRO N   CD   sing N N 244 
PRO N   H    sing N N 245 
PRO CA  C    sing N N 246 
PRO CA  CB   sing N N 247 
PRO CA  HA   sing N N 248 
PRO C   O    doub N N 249 
PRO C   OXT  sing N N 250 
PRO CB  CG   sing N N 251 
PRO CB  HB2  sing N N 252 
PRO CB  HB3  sing N N 253 
PRO CG  CD   sing N N 254 
PRO CG  HG2  sing N N 255 
PRO CG  HG3  sing N N 256 
PRO CD  HD2  sing N N 257 
PRO CD  HD3  sing N N 258 
PRO OXT HXT  sing N N 259 
SER N   CA   sing N N 260 
SER N   H    sing N N 261 
SER N   H2   sing N N 262 
SER CA  C    sing N N 263 
SER CA  CB   sing N N 264 
SER CA  HA   sing N N 265 
SER C   O    doub N N 266 
SER C   OXT  sing N N 267 
SER CB  OG   sing N N 268 
SER CB  HB2  sing N N 269 
SER CB  HB3  sing N N 270 
SER OG  HG   sing N N 271 
SER OXT HXT  sing N N 272 
THR N   CA   sing N N 273 
THR N   H    sing N N 274 
THR N   H2   sing N N 275 
THR CA  C    sing N N 276 
THR CA  CB   sing N N 277 
THR CA  HA   sing N N 278 
THR C   O    doub N N 279 
THR C   OXT  sing N N 280 
THR CB  OG1  sing N N 281 
THR CB  CG2  sing N N 282 
THR CB  HB   sing N N 283 
THR OG1 HG1  sing N N 284 
THR CG2 HG21 sing N N 285 
THR CG2 HG22 sing N N 286 
THR CG2 HG23 sing N N 287 
THR OXT HXT  sing N N 288 
TRP N   CA   sing N N 289 
TRP N   H    sing N N 290 
TRP N   H2   sing N N 291 
TRP CA  C    sing N N 292 
TRP CA  CB   sing N N 293 
TRP CA  HA   sing N N 294 
TRP C   O    doub N N 295 
TRP C   OXT  sing N N 296 
TRP CB  CG   sing N N 297 
TRP CB  HB2  sing N N 298 
TRP CB  HB3  sing N N 299 
TRP CG  CD1  doub Y N 300 
TRP CG  CD2  sing Y N 301 
TRP CD1 NE1  sing Y N 302 
TRP CD1 HD1  sing N N 303 
TRP CD2 CE2  doub Y N 304 
TRP CD2 CE3  sing Y N 305 
TRP NE1 CE2  sing Y N 306 
TRP NE1 HE1  sing N N 307 
TRP CE2 CZ2  sing Y N 308 
TRP CE3 CZ3  doub Y N 309 
TRP CE3 HE3  sing N N 310 
TRP CZ2 CH2  doub Y N 311 
TRP CZ2 HZ2  sing N N 312 
TRP CZ3 CH2  sing Y N 313 
TRP CZ3 HZ3  sing N N 314 
TRP CH2 HH2  sing N N 315 
TRP OXT HXT  sing N N 316 
TYR N   CA   sing N N 317 
TYR N   H    sing N N 318 
TYR N   H2   sing N N 319 
TYR CA  C    sing N N 320 
TYR CA  CB   sing N N 321 
TYR CA  HA   sing N N 322 
TYR C   O    doub N N 323 
TYR C   OXT  sing N N 324 
TYR CB  CG   sing N N 325 
TYR CB  HB2  sing N N 326 
TYR CB  HB3  sing N N 327 
TYR CG  CD1  doub Y N 328 
TYR CG  CD2  sing Y N 329 
TYR CD1 CE1  sing Y N 330 
TYR CD1 HD1  sing N N 331 
TYR CD2 CE2  doub Y N 332 
TYR CD2 HD2  sing N N 333 
TYR CE1 CZ   doub Y N 334 
TYR CE1 HE1  sing N N 335 
TYR CE2 CZ   sing Y N 336 
TYR CE2 HE2  sing N N 337 
TYR CZ  OH   sing N N 338 
TYR OH  HH   sing N N 339 
TYR OXT HXT  sing N N 340 
VAL N   CA   sing N N 341 
VAL N   H    sing N N 342 
VAL N   H2   sing N N 343 
VAL CA  C    sing N N 344 
VAL CA  CB   sing N N 345 
VAL CA  HA   sing N N 346 
VAL C   O    doub N N 347 
VAL C   OXT  sing N N 348 
VAL CB  CG1  sing N N 349 
VAL CB  CG2  sing N N 350 
VAL CB  HB   sing N N 351 
VAL CG1 HG11 sing N N 352 
VAL CG1 HG12 sing N N 353 
VAL CG1 HG13 sing N N 354 
VAL CG2 HG21 sing N N 355 
VAL CG2 HG22 sing N N 356 
VAL CG2 HG23 sing N N 357 
VAL OXT HXT  sing N N 358 
# 
_pdbx_audit_support.funding_organization   'Not funded' 
_pdbx_audit_support.country                ? 
_pdbx_audit_support.grant_number           ? 
_pdbx_audit_support.ordinal                1 
# 
_pdbx_initial_refinement_model.id               1 
_pdbx_initial_refinement_model.entity_id_list   1 
_pdbx_initial_refinement_model.type             'experimental model' 
_pdbx_initial_refinement_model.source_name      PDB 
_pdbx_initial_refinement_model.accession_code   1RB9 
_pdbx_initial_refinement_model.details          ? 
# 
_atom_sites.entry_id                    8ITO 
_atom_sites.Cartn_transf_matrix[1][1]   ? 
_atom_sites.Cartn_transf_matrix[1][2]   ? 
_atom_sites.Cartn_transf_matrix[1][3]   ? 
_atom_sites.Cartn_transf_matrix[2][1]   ? 
_atom_sites.Cartn_transf_matrix[2][2]   ? 
_atom_sites.Cartn_transf_matrix[2][3]   ? 
_atom_sites.Cartn_transf_matrix[3][1]   ? 
_atom_sites.Cartn_transf_matrix[3][2]   ? 
_atom_sites.Cartn_transf_matrix[3][3]   ? 
_atom_sites.Cartn_transf_vector[1]      ? 
_atom_sites.Cartn_transf_vector[2]      ? 
_atom_sites.Cartn_transf_vector[3]      ? 
_atom_sites.fract_transf_matrix[1][1]   0.02324561 
_atom_sites.fract_transf_matrix[1][2]   0.01230141 
_atom_sites.fract_transf_matrix[1][3]   -0.00750230 
_atom_sites.fract_transf_matrix[2][1]   -0.00391742 
_atom_sites.fract_transf_matrix[2][2]   -0.00272836 
_atom_sites.fract_transf_matrix[2][3]   -0.01661164 
_atom_sites.fract_transf_matrix[3][1]   -0.00803381 
_atom_sites.fract_transf_matrix[3][2]   0.01484928 
_atom_sites.fract_transf_matrix[3][3]   -0.00054434 
_atom_sites.fract_transf_vector[1]      0.145578 
_atom_sites.fract_transf_vector[2]      -0.150504 
_atom_sites.fract_transf_vector[3]      -0.300906 
_atom_sites.solution_primary            ? 
_atom_sites.solution_secondary          ? 
_atom_sites.solution_hydrogens          ? 
_atom_sites.special_details             ? 
# 
loop_
_atom_type.symbol 
C  
FE 
N  
O  
P  
S  
# 
loop_
_atom_site.group_PDB 
_atom_site.id 
_atom_site.type_symbol 
_atom_site.label_atom_id 
_atom_site.label_alt_id 
_atom_site.label_comp_id 
_atom_site.label_asym_id 
_atom_site.label_entity_id 
_atom_site.label_seq_id 
_atom_site.pdbx_PDB_ins_code 
_atom_site.Cartn_x 
_atom_site.Cartn_y 
_atom_site.Cartn_z 
_atom_site.occupancy 
_atom_site.B_iso_or_equiv 
_atom_site.pdbx_formal_charge 
_atom_site.auth_seq_id 
_atom_site.auth_comp_id 
_atom_site.auth_asym_id 
_atom_site.auth_atom_id 
_atom_site.pdbx_PDB_model_num 
ATOM   1    N  N   . ALA A 1 2  ? -7.718  9.968   0.984   1.00 52.03 ? 2   ALA A N   1 
ATOM   2    C  CA  . ALA A 1 2  ? -9.043  9.457   0.635   1.00 55.67 ? 2   ALA A CA  1 
ATOM   3    C  C   . ALA A 1 2  ? -9.089  8.952   -0.815  1.00 55.32 ? 2   ALA A C   1 
ATOM   4    O  O   . ALA A 1 2  ? -8.866  7.768   -1.064  1.00 59.58 ? 2   ALA A O   1 
ATOM   5    C  CB  . ALA A 1 2  ? -10.104 10.533  0.863   1.00 57.44 ? 2   ALA A CB  1 
ATOM   6    N  N   . ASN A 1 3  ? -9.365  9.857   -1.756  1.00 54.03 ? 3   ASN A N   1 
ATOM   7    C  CA  . ASN A 1 3  ? -9.464  9.496   -3.166  1.00 53.69 ? 3   ASN A CA  1 
ATOM   8    C  C   . ASN A 1 3  ? -8.169  8.867   -3.681  1.00 50.36 ? 3   ASN A C   1 
ATOM   9    O  O   . ASN A 1 3  ? -7.076  9.195   -3.211  1.00 48.64 ? 3   ASN A O   1 
ATOM   10   C  CB  . ASN A 1 3  ? -9.788  10.726  -4.012  1.00 58.11 ? 3   ASN A CB  1 
ATOM   11   C  CG  . ASN A 1 3  ? -11.243 11.111  -3.946  1.00 62.28 ? 3   ASN A CG  1 
ATOM   12   O  OD1 . ASN A 1 3  ? -11.615 12.217  -4.338  1.00 63.37 ? 3   ASN A OD1 1 
ATOM   13   N  ND2 . ASN A 1 3  ? -12.083 10.193  -3.461  1.00 59.10 ? 3   ASN A ND2 1 
ATOM   14   N  N   . PRO A 1 4  ? -8.264  7.971   -4.665  1.00 52.49 ? 4   PRO A N   1 
ATOM   15   C  CA  . PRO A 1 4  ? -7.044  7.401   -5.261  1.00 49.92 ? 4   PRO A CA  1 
ATOM   16   C  C   . PRO A 1 4  ? -6.107  8.446   -5.858  1.00 49.91 ? 4   PRO A C   1 
ATOM   17   O  O   . PRO A 1 4  ? -4.899  8.186   -5.963  1.00 44.06 ? 4   PRO A O   1 
ATOM   18   C  CB  . PRO A 1 4  ? -7.589  6.452   -6.341  1.00 47.90 ? 4   PRO A CB  1 
ATOM   19   C  CG  . PRO A 1 4  ? -8.986  6.117   -5.876  1.00 51.32 ? 4   PRO A CG  1 
ATOM   20   C  CD  . PRO A 1 4  ? -9.494  7.343   -5.187  1.00 55.27 ? 4   PRO A CD  1 
ATOM   21   N  N   . GLU A 1 5  ? -6.614  9.623   -6.233  1.00 47.28 ? 5   GLU A N   1 
ATOM   22   C  CA  . GLU A 1 5  ? -5.758  10.596  -6.907  1.00 53.13 ? 5   GLU A CA  1 
ATOM   23   C  C   . GLU A 1 5  ? -4.694  11.169  -5.970  1.00 50.37 ? 5   GLU A C   1 
ATOM   24   O  O   . GLU A 1 5  ? -3.582  11.480  -6.421  1.00 44.43 ? 5   GLU A O   1 
ATOM   25   C  CB  . GLU A 1 5  ? -6.606  11.731  -7.498  1.00 54.55 ? 5   GLU A CB  1 
ATOM   26   C  CG  . GLU A 1 5  ? -8.109  11.439  -7.734  1.00 60.75 ? 5   GLU A CG  1 
ATOM   27   C  CD  . GLU A 1 5  ? -8.422  10.144  -8.489  1.00 57.44 ? 5   GLU A CD  1 
ATOM   28   O  OE1 . GLU A 1 5  ? -7.533  9.600   -9.187  1.00 59.51 ? 5   GLU A OE1 1 
ATOM   29   O  OE2 . GLU A 1 5  ? -9.577  9.677   -8.380  1.00 54.99 ? 5   GLU A OE2 1 
ATOM   30   N  N   . ASP A 1 6  ? -5.010  11.323  -4.674  1.00 48.24 ? 6   ASP A N   1 
ATOM   31   C  CA  . ASP A 1 6  ? -4.053  11.818  -3.689  1.00 45.80 ? 6   ASP A CA  1 
ATOM   32   C  C   . ASP A 1 6  ? -3.476  10.717  -2.801  1.00 38.82 ? 6   ASP A C   1 
ATOM   33   O  O   . ASP A 1 6  ? -2.838  11.015  -1.790  1.00 33.67 ? 6   ASP A O   1 
ATOM   34   C  CB  . ASP A 1 6  ? -4.677  12.914  -2.830  1.00 48.32 ? 6   ASP A CB  1 
ATOM   35   C  CG  . ASP A 1 6  ? -6.173  12.878  -2.849  1.00 56.85 ? 6   ASP A CG  1 
ATOM   36   O  OD1 . ASP A 1 6  ? -6.725  11.771  -3.040  1.00 56.84 ? 6   ASP A OD1 1 
ATOM   37   O  OD2 . ASP A 1 6  ? -6.795  13.958  -2.713  1.00 55.61 ? 6   ASP A OD2 1 
ATOM   38   N  N   . MET A 1 7  ? -3.669  9.458   -3.158  1.00 43.33 ? 7   MET A N   1 
ATOM   39   C  CA  . MET A 1 7  ? -2.880  8.377   -2.589  1.00 37.77 ? 7   MET A CA  1 
ATOM   40   C  C   . MET A 1 7  ? -1.733  8.051   -3.537  1.00 35.69 ? 7   MET A C   1 
ATOM   41   O  O   . MET A 1 7  ? -1.894  8.109   -4.763  1.00 37.69 ? 7   MET A O   1 
ATOM   42   C  CB  . MET A 1 7  ? -3.748  7.148   -2.345  1.00 36.02 ? 7   MET A CB  1 
ATOM   43   C  CG  . MET A 1 7  ? -4.997  7.458   -1.576  1.00 39.33 ? 7   MET A CG  1 
ATOM   44   S  SD  . MET A 1 7  ? -5.855  5.946   -1.158  1.00 51.76 ? 7   MET A SD  1 
ATOM   45   C  CE  . MET A 1 7  ? -5.571  5.876   0.593   1.00 42.87 ? 7   MET A CE  1 
ATOM   46   N  N   . TRP A 1 8  ? -0.575  7.723   -2.965  1.00 25.82 ? 8   TRP A N   1 
ATOM   47   C  CA  . TRP A 1 8  ? 0.654   7.503   -3.721  1.00 29.60 ? 8   TRP A CA  1 
ATOM   48   C  C   . TRP A 1 8  ? 1.231   6.153   -3.333  1.00 27.70 ? 8   TRP A C   1 
ATOM   49   O  O   . TRP A 1 8  ? 1.373   5.863   -2.140  1.00 26.22 ? 8   TRP A O   1 
ATOM   50   C  CB  . TRP A 1 8  ? 1.697   8.588   -3.446  1.00 27.06 ? 8   TRP A CB  1 
ATOM   51   C  CG  . TRP A 1 8  ? 1.340   9.936   -3.937  1.00 33.97 ? 8   TRP A CG  1 
ATOM   52   C  CD1 . TRP A 1 8  ? 0.333   10.741  -3.484  1.00 36.06 ? 8   TRP A CD1 1 
ATOM   53   C  CD2 . TRP A 1 8  ? 1.991   10.657  -4.987  1.00 30.27 ? 8   TRP A CD2 1 
ATOM   54   N  NE1 . TRP A 1 8  ? 0.322   11.919  -4.190  1.00 33.89 ? 8   TRP A NE1 1 
ATOM   55   C  CE2 . TRP A 1 8  ? 1.330   11.887  -5.122  1.00 32.78 ? 8   TRP A CE2 1 
ATOM   56   C  CE3 . TRP A 1 8  ? 3.072   10.374  -5.829  1.00 30.42 ? 8   TRP A CE3 1 
ATOM   57   C  CZ2 . TRP A 1 8  ? 1.713   12.840  -6.058  1.00 31.31 ? 8   TRP A CZ2 1 
ATOM   58   C  CZ3 . TRP A 1 8  ? 3.453   11.320  -6.749  1.00 31.19 ? 8   TRP A CZ3 1 
ATOM   59   C  CH2 . TRP A 1 8  ? 2.768   12.541  -6.862  1.00 26.42 ? 8   TRP A CH2 1 
ATOM   60   N  N   . ARG A 1 9  ? 1.574   5.346   -4.333  1.00 24.88 ? 9   ARG A N   1 
ATOM   61   C  CA  . ARG A 1 9  ? 2.114   4.013   -4.130  1.00 24.00 ? 9   ARG A CA  1 
ATOM   62   C  C   . ARG A 1 9  ? 3.606   3.986   -4.424  1.00 27.21 ? 9   ARG A C   1 
ATOM   63   O  O   . ARG A 1 9  ? 4.054   4.486   -5.467  1.00 26.96 ? 9   ARG A O   1 
ATOM   64   C  CB  . ARG A 1 9  ? 1.405   3.000   -5.020  1.00 24.65 ? 9   ARG A CB  1 
ATOM   65   C  CG  . ARG A 1 9  ? 1.651   1.569   -4.590  1.00 26.43 ? 9   ARG A CG  1 
ATOM   66   C  CD  . ARG A 1 9  ? 1.099   0.600   -5.633  1.00 32.57 ? 9   ARG A CD  1 
ATOM   67   N  NE  . ARG A 1 9  ? 1.457   -0.776  -5.331  1.00 28.54 ? 9   ARG A NE  1 
ATOM   68   C  CZ  . ARG A 1 9  ? 0.710   -1.584  -4.591  1.00 30.25 ? 9   ARG A CZ  1 
ATOM   69   N  NH1 . ARG A 1 9  ? -0.458  -1.193  -4.104  1.00 23.88 ? 9   ARG A NH1 1 
ATOM   70   N  NH2 . ARG A 1 9  ? 1.138   -2.818  -4.345  1.00 23.83 ? 9   ARG A NH2 1 
ATOM   71   N  N   . CYS A 1 10 ? 4.364   3.382   -3.513  1.00 24.42 ? 10  CYS A N   1 
ATOM   72   C  CA  . CYS A 1 10 ? 5.791   3.169   -3.730  1.00 26.55 ? 10  CYS A CA  1 
ATOM   73   C  C   . CYS A 1 10 ? 6.023   2.175   -4.855  1.00 24.81 ? 10  CYS A C   1 
ATOM   74   O  O   . CYS A 1 10 ? 5.455   1.080   -4.855  1.00 27.21 ? 10  CYS A O   1 
ATOM   75   C  CB  . CYS A 1 10 ? 6.457   2.654   -2.463  1.00 25.60 ? 10  CYS A CB  1 
ATOM   76   S  SG  . CYS A 1 10 ? 8.224   2.481   -2.669  1.00 26.28 ? 10  CYS A SG  1 
ATOM   77   N  N   . GLN A 1 11 ? 6.893   2.531   -5.791  1.00 26.17 ? 11  GLN A N   1 
ATOM   78   C  CA  . GLN A 1 11 ? 7.032   1.748   -7.012  1.00 30.60 ? 11  GLN A CA  1 
ATOM   79   C  C   . GLN A 1 11 ? 8.222   0.794   -7.007  1.00 30.93 ? 11  GLN A C   1 
ATOM   80   O  O   . GLN A 1 11 ? 8.385   0.055   -7.980  1.00 28.47 ? 11  GLN A O   1 
ATOM   81   C  CB  . GLN A 1 11 ? 7.119   2.676   -8.237  1.00 31.57 ? 11  GLN A CB  1 
ATOM   82   C  CG  . GLN A 1 11 ? 5.821   3.423   -8.573  1.00 29.11 ? 11  GLN A CG  1 
ATOM   83   C  CD  . GLN A 1 11 ? 4.618   2.501   -8.766  1.00 36.18 ? 11  GLN A CD  1 
ATOM   84   O  OE1 . GLN A 1 11 ? 4.602   1.654   -9.660  1.00 41.22 ? 11  GLN A OE1 1 
ATOM   85   N  NE2 . GLN A 1 11 ? 3.605   2.664   -7.925  1.00 31.19 ? 11  GLN A NE2 1 
ATOM   86   N  N   . THR A 1 12 ? 9.059   0.772   -5.962  1.00 28.05 ? 12  THR A N   1 
ATOM   87   C  CA  . THR A 1 12 ? 10.193  -0.139  -6.011  1.00 30.40 ? 12  THR A CA  1 
ATOM   88   C  C   . THR A 1 12 ? 9.698   -1.578  -6.123  1.00 28.32 ? 12  THR A C   1 
ATOM   89   O  O   . THR A 1 12 ? 8.574   -1.911  -5.738  1.00 28.08 ? 12  THR A O   1 
ATOM   90   C  CB  . THR A 1 12 ? 11.124  0.024   -4.799  1.00 32.61 ? 12  THR A CB  1 
ATOM   91   O  OG1 . THR A 1 12 ? 10.603  -0.689  -3.677  1.00 28.25 ? 12  THR A OG1 1 
ATOM   92   C  CG2 . THR A 1 12 ? 11.316  1.495   -4.446  1.00 33.63 ? 12  THR A CG2 1 
ATOM   93   N  N   . VAL A 1 13 ? 10.547  -2.427  -6.698  1.00 30.46 ? 13  VAL A N   1 
ATOM   94   C  CA  . VAL A 1 13 ? 10.081  -3.695  -7.252  1.00 29.62 ? 13  VAL A CA  1 
ATOM   95   C  C   . VAL A 1 13 ? 9.470   -4.612  -6.189  1.00 31.72 ? 13  VAL A C   1 
ATOM   96   O  O   . VAL A 1 13 ? 8.520   -5.351  -6.477  1.00 31.57 ? 13  VAL A O   1 
ATOM   97   C  CB  . VAL A 1 13 ? 11.245  -4.367  -8.004  1.00 33.79 ? 13  VAL A CB  1 
ATOM   98   C  CG1 . VAL A 1 13 ? 12.452  -4.542  -7.069  1.00 35.40 ? 13  VAL A CG1 1 
ATOM   99   C  CG2 . VAL A 1 13 ? 10.800  -5.713  -8.565  1.00 41.47 ? 13  VAL A CG2 1 
ATOM   100  N  N   . ASN A 1 14 ? 9.982   -4.589  -4.953  1.00 28.50 ? 14  ASN A N   1 
ATOM   101  C  CA  . ASN A 1 14 ? 9.506   -5.510  -3.921  1.00 29.88 ? 14  ASN A CA  1 
ATOM   102  C  C   . ASN A 1 14 ? 8.716   -4.804  -2.822  1.00 28.22 ? 14  ASN A C   1 
ATOM   103  O  O   . ASN A 1 14 ? 8.488   -5.384  -1.755  1.00 25.34 ? 14  ASN A O   1 
ATOM   104  C  CB  . ASN A 1 14 ? 10.672  -6.296  -3.318  1.00 26.79 ? 14  ASN A CB  1 
ATOM   105  C  CG  . ASN A 1 14 ? 11.046  -7.533  -4.155  1.00 34.03 ? 14  ASN A CG  1 
ATOM   106  O  OD1 . ASN A 1 14 ? 10.710  -7.611  -5.329  1.00 30.75 ? 14  ASN A OD1 1 
ATOM   107  N  ND2 . ASN A 1 14 ? 11.744  -8.492  -3.544  1.00 28.60 ? 14  ASN A ND2 1 
ATOM   108  N  N   . CYS A 1 15 ? 8.273   -3.567  -3.071  1.00 26.66 ? 15  CYS A N   1 
ATOM   109  C  CA  . CYS A 1 15 ? 7.508   -2.840  -2.062  1.00 25.83 ? 15  CYS A CA  1 
ATOM   110  C  C   . CYS A 1 15 ? 6.035   -2.788  -2.449  1.00 25.56 ? 15  CYS A C   1 
ATOM   111  O  O   . CYS A 1 15 ? 5.502   -3.753  -2.997  1.00 27.61 ? 15  CYS A O   1 
ATOM   112  C  CB  . CYS A 1 15 ? 8.072   -1.439  -1.876  1.00 22.84 ? 15  CYS A CB  1 
ATOM   113  S  SG  . CYS A 1 15 ? 7.446   -0.637  -0.395  1.00 25.22 ? 15  CYS A SG  1 
ATOM   114  N  N   . GLY A 1 16 ? 5.360   -1.683  -2.173  1.00 26.00 ? 16  GLY A N   1 
ATOM   115  C  CA  . GLY A 1 16 ? 3.928   -1.627  -2.409  1.00 24.11 ? 16  GLY A CA  1 
ATOM   116  C  C   . GLY A 1 16 ? 3.192   -0.910  -1.294  1.00 23.68 ? 16  GLY A C   1 
ATOM   117  O  O   . GLY A 1 16 ? 1.972   -1.020  -1.163  1.00 24.19 ? 16  GLY A O   1 
ATOM   118  N  N   . TYR A 1 17 ? 3.944   -0.196  -0.466  1.00 19.68 ? 17  TYR A N   1 
ATOM   119  C  CA  . TYR A 1 17 ? 3.351   0.742   0.468   1.00 22.41 ? 17  TYR A CA  1 
ATOM   120  C  C   . TYR A 1 17 ? 2.584   1.810   -0.292  1.00 24.09 ? 17  TYR A C   1 
ATOM   121  O  O   . TYR A 1 17 ? 3.016   2.257   -1.359  1.00 22.01 ? 17  TYR A O   1 
ATOM   122  C  CB  . TYR A 1 17 ? 4.438   1.418   1.293   1.00 20.40 ? 17  TYR A CB  1 
ATOM   123  C  CG  . TYR A 1 17 ? 3.907   2.435   2.283   1.00 23.30 ? 17  TYR A CG  1 
ATOM   124  C  CD1 . TYR A 1 17 ? 3.372   2.031   3.507   1.00 23.97 ? 17  TYR A CD1 1 
ATOM   125  C  CD2 . TYR A 1 17 ? 3.956   3.809   1.998   1.00 25.39 ? 17  TYR A CD2 1 
ATOM   126  C  CE1 . TYR A 1 17 ? 2.906   2.970   4.445   1.00 27.17 ? 17  TYR A CE1 1 
ATOM   127  C  CE2 . TYR A 1 17 ? 3.492   4.760   2.925   1.00 29.88 ? 17  TYR A CE2 1 
ATOM   128  C  CZ  . TYR A 1 17 ? 2.967   4.328   4.143   1.00 30.02 ? 17  TYR A CZ  1 
ATOM   129  O  OH  . TYR A 1 17 ? 2.502   5.257   5.048   1.00 31.08 ? 17  TYR A OH  1 
ATOM   130  N  N   . VAL A 1 18 ? 1.441   2.207   0.264   1.00 23.75 ? 18  VAL A N   1 
ATOM   131  C  CA  . VAL A 1 18 ? 0.638   3.309   -0.251  1.00 22.20 ? 18  VAL A CA  1 
ATOM   132  C  C   . VAL A 1 18 ? 0.586   4.384   0.822   1.00 24.94 ? 18  VAL A C   1 
ATOM   133  O  O   . VAL A 1 18 ? 0.105   4.124   1.928   1.00 25.10 ? 18  VAL A O   1 
ATOM   134  C  CB  . VAL A 1 18 ? -0.788  2.861   -0.626  1.00 26.41 ? 18  VAL A CB  1 
ATOM   135  C  CG1 . VAL A 1 18 ? -1.591  4.065   -1.064  1.00 28.72 ? 18  VAL A CG1 1 
ATOM   136  C  CG2 . VAL A 1 18 ? -0.766  1.805   -1.731  1.00 22.74 ? 18  VAL A CG2 1 
ATOM   137  N  N   . TYR A 1 19 ? 1.061   5.592   0.499   1.00 26.00 ? 19  TYR A N   1 
ATOM   138  C  CA  . TYR A 1 19 ? 0.873   6.725   1.400   1.00 29.59 ? 19  TYR A CA  1 
ATOM   139  C  C   . TYR A 1 19 ? -0.564  7.234   1.323   1.00 31.59 ? 19  TYR A C   1 
ATOM   140  O  O   . TYR A 1 19 ? -1.012  7.707   0.272   1.00 30.23 ? 19  TYR A O   1 
ATOM   141  C  CB  . TYR A 1 19 ? 1.829   7.882   1.107   1.00 28.61 ? 19  TYR A CB  1 
ATOM   142  C  CG  . TYR A 1 19 ? 1.557   9.020   2.066   1.00 30.47 ? 19  TYR A CG  1 
ATOM   143  C  CD1 . TYR A 1 19 ? 1.958   8.933   3.395   1.00 31.89 ? 19  TYR A CD1 1 
ATOM   144  C  CD2 . TYR A 1 19 ? 0.847   10.145  1.671   1.00 33.24 ? 19  TYR A CD2 1 
ATOM   145  C  CE1 . TYR A 1 19 ? 1.687   9.945   4.302   1.00 28.86 ? 19  TYR A CE1 1 
ATOM   146  C  CE2 . TYR A 1 19 ? 0.561   11.166  2.579   1.00 30.88 ? 19  TYR A CE2 1 
ATOM   147  C  CZ  . TYR A 1 19 ? 0.990   11.052  3.889   1.00 34.25 ? 19  TYR A CZ  1 
ATOM   148  O  OH  . TYR A 1 19 ? 0.725   12.050  4.801   1.00 38.00 ? 19  TYR A OH  1 
ATOM   149  N  N   . ASP A 1 20 ? -1.262  7.181   2.451   1.00 29.24 ? 20  ASP A N   1 
ATOM   150  C  CA  . ASP A 1 20 ? -2.645  7.627   2.577   1.00 34.11 ? 20  ASP A CA  1 
ATOM   151  C  C   . ASP A 1 20 ? -2.663  8.922   3.384   1.00 34.93 ? 20  ASP A C   1 
ATOM   152  O  O   . ASP A 1 20 ? -2.335  8.899   4.583   1.00 32.29 ? 20  ASP A O   1 
ATOM   153  C  CB  . ASP A 1 20 ? -3.465  6.535   3.272   1.00 35.79 ? 20  ASP A CB  1 
ATOM   154  C  CG  . ASP A 1 20 ? -4.917  6.929   3.526   1.00 39.57 ? 20  ASP A CG  1 
ATOM   155  O  OD1 . ASP A 1 20 ? -5.341  8.068   3.195   1.00 37.04 ? 20  ASP A OD1 1 
ATOM   156  O  OD2 . ASP A 1 20 ? -5.646  6.050   4.042   1.00 40.94 ? 20  ASP A OD2 1 
ATOM   157  N  N   . PRO A 1 21 ? -3.013  10.069  2.792   1.00 34.67 ? 21  PRO A N   1 
ATOM   158  C  CA  . PRO A 1 21 ? -2.929  11.321  3.561   1.00 32.54 ? 21  PRO A CA  1 
ATOM   159  C  C   . PRO A 1 21 ? -3.843  11.325  4.776   1.00 34.39 ? 21  PRO A C   1 
ATOM   160  O  O   . PRO A 1 21 ? -3.492  11.918  5.803   1.00 34.16 ? 21  PRO A O   1 
ATOM   161  C  CB  . PRO A 1 21 ? -3.325  12.401  2.540   1.00 36.22 ? 21  PRO A CB  1 
ATOM   162  C  CG  . PRO A 1 21 ? -3.350  11.715  1.204   1.00 37.78 ? 21  PRO A CG  1 
ATOM   163  C  CD  . PRO A 1 21 ? -3.575  10.265  1.445   1.00 34.26 ? 21  PRO A CD  1 
ATOM   164  N  N   . ASP A 1 22 ? -4.990  10.648  4.713   1.00 35.37 ? 22  ASP A N   1 
ATOM   165  C  CA  . ASP A 1 22 ? -5.887  10.641  5.863   1.00 36.13 ? 22  ASP A CA  1 
ATOM   166  C  C   . ASP A 1 22 ? -5.348  9.797   7.003   1.00 36.34 ? 22  ASP A C   1 
ATOM   167  O  O   . ASP A 1 22 ? -5.787  9.959   8.141   1.00 40.49 ? 22  ASP A O   1 
ATOM   168  C  CB  . ASP A 1 22 ? -7.270  10.138  5.459   1.00 43.71 ? 22  ASP A CB  1 
ATOM   169  C  CG  . ASP A 1 22 ? -7.959  11.054  4.444   1.00 48.13 ? 22  ASP A CG  1 
ATOM   170  O  OD1 . ASP A 1 22 ? -7.636  12.271  4.375   1.00 47.73 ? 22  ASP A OD1 1 
ATOM   171  O  OD2 . ASP A 1 22 ? -8.846  10.550  3.725   1.00 57.74 ? 22  ASP A OD2 1 
ATOM   172  N  N   . ARG A 1 23 ? -4.419  8.892   6.726   1.00 32.84 ? 23  ARG A N   1 
ATOM   173  C  CA  . ARG A 1 23 ? -3.791  8.127   7.789   1.00 37.12 ? 23  ARG A CA  1 
ATOM   174  C  C   . ARG A 1 23 ? -2.513  8.784   8.272   1.00 30.89 ? 23  ARG A C   1 
ATOM   175  O  O   . ARG A 1 23 ? -2.202  8.709   9.463   1.00 31.66 ? 23  ARG A O   1 
ATOM   176  C  CB  . ARG A 1 23 ? -3.497  6.699   7.317   1.00 37.51 ? 23  ARG A CB  1 
ATOM   177  C  CG  . ARG A 1 23 ? -2.461  5.971   8.173   1.00 41.49 ? 23  ARG A CG  1 
ATOM   178  C  CD  . ARG A 1 23 ? -1.920  4.705   7.503   1.00 44.31 ? 23  ARG A CD  1 
ATOM   179  N  NE  . ARG A 1 23 ? -1.189  3.883   8.464   1.00 51.72 ? 23  ARG A NE  1 
ATOM   180  C  CZ  . ARG A 1 23 ? -1.750  3.001   9.286   1.00 53.45 ? 23  ARG A CZ  1 
ATOM   181  N  NH1 . ARG A 1 23 ? -3.048  2.733   9.237   1.00 52.86 ? 23  ARG A NH1 1 
ATOM   182  N  NH2 . ARG A 1 23 ? -0.987  2.371   10.183  1.00 52.94 ? 23  ARG A NH2 1 
ATOM   183  N  N   . GLY A 1 24 ? -1.789  9.471   7.387   1.00 34.44 ? 24  GLY A N   1 
ATOM   184  C  CA  . GLY A 1 24 ? -0.443  9.861   7.751   1.00 31.44 ? 24  GLY A CA  1 
ATOM   185  C  C   . GLY A 1 24 ? 0.463   8.645   7.703   1.00 33.46 ? 24  GLY A C   1 
ATOM   186  O  O   . GLY A 1 24 ? 0.198   7.663   6.997   1.00 37.07 ? 24  GLY A O   1 
ATOM   187  N  N   . ASP A 1 25 ? 1.542   8.689   8.480   1.00 32.48 ? 25  ASP A N   1 
ATOM   188  C  CA  . ASP A 1 25 ? 2.553   7.630   8.416   1.00 29.16 ? 25  ASP A CA  1 
ATOM   189  C  C   . ASP A 1 25 ? 3.213   7.553   9.782   1.00 32.25 ? 25  ASP A C   1 
ATOM   190  O  O   . ASP A 1 25 ? 4.008   8.428   10.126  1.00 30.26 ? 25  ASP A O   1 
ATOM   191  C  CB  . ASP A 1 25 ? 3.568   7.913   7.294   1.00 28.36 ? 25  ASP A CB  1 
ATOM   192  C  CG  . ASP A 1 25 ? 4.931   7.224   7.501   1.00 32.51 ? 25  ASP A CG  1 
ATOM   193  O  OD1 . ASP A 1 25 ? 5.011   6.173   8.179   1.00 29.94 ? 25  ASP A OD1 1 
ATOM   194  O  OD2 . ASP A 1 25 ? 5.938   7.737   6.955   1.00 27.14 ? 25  ASP A OD2 1 
ATOM   195  N  N   . LYS A 1 26 ? 2.877   6.514   10.556  1.00 30.53 ? 26  LYS A N   1 
ATOM   196  C  CA  . LYS A 1 26 ? 3.375   6.416   11.926  1.00 34.58 ? 26  LYS A CA  1 
ATOM   197  C  C   . LYS A 1 26 ? 4.899   6.273   11.965  1.00 32.21 ? 26  LYS A C   1 
ATOM   198  O  O   . LYS A 1 26 ? 5.575   6.938   12.758  1.00 31.55 ? 26  LYS A O   1 
ATOM   199  C  CB  . LYS A 1 26 ? 2.712   5.236   12.645  1.00 37.98 ? 26  LYS A CB  1 
ATOM   200  C  CG  . LYS A 1 26 ? 1.362   5.538   13.274  1.00 44.45 ? 26  LYS A CG  1 
ATOM   201  C  CD  . LYS A 1 26 ? 0.410   4.328   13.133  1.00 52.96 ? 26  LYS A CD  1 
ATOM   202  C  CE  . LYS A 1 26 ? -1.045  4.758   12.901  1.00 53.17 ? 26  LYS A CE  1 
ATOM   203  N  NZ  . LYS A 1 26 ? -1.279  5.339   11.539  1.00 48.79 ? 26  LYS A NZ  1 
ATOM   204  N  N   . ARG A 1 27 ? 5.459   5.392   11.133  1.00 34.28 ? 27  ARG A N   1 
ATOM   205  C  CA  . ARG A 1 27 ? 6.895   5.146   11.208  1.00 30.70 ? 27  ARG A CA  1 
ATOM   206  C  C   . ARG A 1 27 ? 7.699   6.376   10.822  1.00 28.38 ? 27  ARG A C   1 
ATOM   207  O  O   . ARG A 1 27 ? 8.795   6.576   11.344  1.00 30.35 ? 27  ARG A O   1 
ATOM   208  C  CB  . ARG A 1 27 ? 7.284   3.959   10.340  1.00 25.86 ? 27  ARG A CB  1 
ATOM   209  C  CG  . ARG A 1 27 ? 7.006   2.635   11.004  1.00 32.34 ? 27  ARG A CG  1 
ATOM   210  C  CD  . ARG A 1 27 ? 6.922   1.513   9.991   1.00 32.93 ? 27  ARG A CD  1 
ATOM   211  N  NE  . ARG A 1 27 ? 5.682   1.589   9.228   1.00 34.38 ? 27  ARG A NE  1 
ATOM   212  C  CZ  . ARG A 1 27 ? 5.336   0.734   8.275   1.00 32.90 ? 27  ARG A CZ  1 
ATOM   213  N  NH1 . ARG A 1 27 ? 6.100   -0.300  7.963   1.00 30.88 ? 27  ARG A NH1 1 
ATOM   214  N  NH2 . ARG A 1 27 ? 4.200   0.929   7.610   1.00 34.79 ? 27  ARG A NH2 1 
ATOM   215  N  N   . GLY A 1 28 ? 7.175   7.216   9.940   1.00 31.12 ? 28  GLY A N   1 
ATOM   216  C  CA  . GLY A 1 28 ? 7.833   8.460   9.606   1.00 30.14 ? 28  GLY A CA  1 
ATOM   217  C  C   . GLY A 1 28 ? 7.397   9.664   10.420  1.00 33.95 ? 28  GLY A C   1 
ATOM   218  O  O   . GLY A 1 28 ? 7.722   10.794  10.047  1.00 36.72 ? 28  GLY A O   1 
ATOM   219  N  N   . LYS A 1 29 ? 6.645   9.461   11.499  1.00 33.39 ? 29  LYS A N   1 
ATOM   220  C  CA  . LYS A 1 29 ? 6.222   10.542  12.396  1.00 41.55 ? 29  LYS A CA  1 
ATOM   221  C  C   . LYS A 1 29 ? 5.437   11.622  11.649  1.00 34.73 ? 29  LYS A C   1 
ATOM   222  O  O   . LYS A 1 29 ? 5.553   12.811  11.939  1.00 38.44 ? 29  LYS A O   1 
ATOM   223  C  CB  . LYS A 1 29 ? 7.420   11.157  13.117  1.00 39.07 ? 29  LYS A CB  1 
ATOM   224  C  CG  . LYS A 1 29 ? 8.509   10.184  13.491  1.00 40.52 ? 29  LYS A CG  1 
ATOM   225  C  CD  . LYS A 1 29 ? 8.164   9.363   14.715  1.00 39.76 ? 29  LYS A CD  1 
ATOM   226  C  CE  . LYS A 1 29 ? 9.309   8.396   15.020  1.00 45.02 ? 29  LYS A CE  1 
ATOM   227  N  NZ  . LYS A 1 29 ? 10.188  8.229   13.808  1.00 50.08 ? 29  LYS A NZ  1 
ATOM   228  N  N   . VAL A 1 30 ? 4.641   11.208  10.670  1.00 31.89 ? 30  VAL A N   1 
ATOM   229  C  CA  . VAL A 1 30 ? 3.841   12.117  9.851   1.00 31.32 ? 30  VAL A CA  1 
ATOM   230  C  C   . VAL A 1 30 ? 2.400   12.049  10.348  1.00 33.87 ? 30  VAL A C   1 
ATOM   231  O  O   . VAL A 1 30 ? 1.785   10.969  10.276  1.00 33.64 ? 30  VAL A O   1 
ATOM   232  C  CB  . VAL A 1 30 ? 3.912   11.751  8.358   1.00 33.06 ? 30  VAL A CB  1 
ATOM   233  C  CG1 . VAL A 1 30 ? 2.797   12.465  7.591   1.00 28.93 ? 30  VAL A CG1 1 
ATOM   234  C  CG2 . VAL A 1 30 ? 5.282   12.087  7.766   1.00 27.37 ? 30  VAL A CG2 1 
ATOM   235  N  N   . PRO A 1 31 ? 1.818   13.153  10.821  1.00 33.57 ? 31  PRO A N   1 
ATOM   236  C  CA  . PRO A 1 31 ? 0.451   13.093  11.397  1.00 32.81 ? 31  PRO A CA  1 
ATOM   237  C  C   . PRO A 1 31 ? -0.601  12.858  10.327  1.00 32.95 ? 31  PRO A C   1 
ATOM   238  O  O   . PRO A 1 31 ? -0.367  13.130  9.138   1.00 32.80 ? 31  PRO A O   1 
ATOM   239  C  CB  . PRO A 1 31 ? 0.281   14.467  12.065  1.00 29.31 ? 31  PRO A CB  1 
ATOM   240  C  CG  . PRO A 1 31 ? 1.338   15.348  11.437  1.00 36.57 ? 31  PRO A CG  1 
ATOM   241  C  CD  . PRO A 1 31 ? 2.480   14.445  11.083  1.00 33.58 ? 31  PRO A CD  1 
ATOM   242  N  N   . PRO A 1 32 ? -1.759  12.307  10.695  1.00 31.70 ? 32  PRO A N   1 
ATOM   243  C  CA  . PRO A 1 32 ? -2.862  12.215  9.729   1.00 33.40 ? 32  PRO A CA  1 
ATOM   244  C  C   . PRO A 1 32 ? -3.221  13.589  9.165   1.00 35.98 ? 32  PRO A C   1 
ATOM   245  O  O   . PRO A 1 32 ? -3.037  14.625  9.812   1.00 33.61 ? 32  PRO A O   1 
ATOM   246  C  CB  . PRO A 1 32 ? -4.023  11.620  10.543  1.00 33.90 ? 32  PRO A CB  1 
ATOM   247  C  CG  . PRO A 1 32 ? -3.481  11.280  11.912  1.00 33.95 ? 32  PRO A CG  1 
ATOM   248  C  CD  . PRO A 1 32 ? -2.003  11.537  11.933  1.00 32.63 ? 32  PRO A CD  1 
ATOM   249  N  N   . GLY A 1 33 ? -3.724  13.586  7.923   1.00 33.25 ? 33  GLY A N   1 
ATOM   250  C  CA  . GLY A 1 33 ? -4.086  14.800  7.225   1.00 39.51 ? 33  GLY A CA  1 
ATOM   251  C  C   . GLY A 1 33 ? -2.986  15.432  6.400   1.00 39.29 ? 33  GLY A C   1 
ATOM   252  O  O   . GLY A 1 33 ? -3.265  16.395  5.665   1.00 37.19 ? 33  GLY A O   1 
ATOM   253  N  N   . THR A 1 34 ? -1.757  14.912  6.475   1.00 39.55 ? 34  THR A N   1 
ATOM   254  C  CA  . THR A 1 34 ? -0.612  15.481  5.763   1.00 39.29 ? 34  THR A CA  1 
ATOM   255  C  C   . THR A 1 34 ? -0.609  15.046  4.292   1.00 39.87 ? 34  THR A C   1 
ATOM   256  O  O   . THR A 1 34 ? -0.458  13.857  3.988   1.00 34.55 ? 34  THR A O   1 
ATOM   257  C  CB  . THR A 1 34 ? 0.681   15.050  6.445   1.00 37.31 ? 34  THR A CB  1 
ATOM   258  O  OG1 . THR A 1 34 ? 0.640   15.413  7.832   1.00 40.17 ? 34  THR A OG1 1 
ATOM   259  C  CG2 . THR A 1 34 ? 1.878   15.693  5.781   1.00 34.46 ? 34  THR A CG2 1 
ATOM   260  N  N   . ARG A 1 35 ? -0.745  16.009  3.383   1.00 38.67 ? 35  ARG A N   1 
ATOM   261  C  CA  . ARG A 1 35 ? -0.749  15.692  1.961   1.00 40.89 ? 35  ARG A CA  1 
ATOM   262  C  C   . ARG A 1 35 ? 0.644   15.276  1.493   1.00 38.78 ? 35  ARG A C   1 
ATOM   263  O  O   . ARG A 1 35 ? 1.664   15.698  2.048   1.00 35.85 ? 35  ARG A O   1 
ATOM   264  C  CB  . ARG A 1 35 ? -1.231  16.895  1.150   1.00 43.67 ? 35  ARG A CB  1 
ATOM   265  C  CG  . ARG A 1 35 ? -2.702  17.245  1.368   1.00 50.76 ? 35  ARG A CG  1 
ATOM   266  C  CD  . ARG A 1 35 ? -3.407  17.695  0.077   1.00 58.17 ? 35  ARG A CD  1 
ATOM   267  N  NE  . ARG A 1 35 ? -2.523  18.289  -0.923  1.00 63.01 ? 35  ARG A NE  1 
ATOM   268  C  CZ  . ARG A 1 35 ? -1.814  19.399  -0.755  1.00 61.24 ? 35  ARG A CZ  1 
ATOM   269  N  NH1 . ARG A 1 35 ? -1.914  20.127  0.350   1.00 62.34 ? 35  ARG A NH1 1 
ATOM   270  N  NH2 . ARG A 1 35 ? -0.994  19.796  -1.727  1.00 59.51 ? 35  ARG A NH2 1 
ATOM   271  N  N   . PHE A 1 36 ? 0.676   14.433  0.456   1.00 38.61 ? 36  PHE A N   1 
ATOM   272  C  CA  . PHE A 1 36 ? 1.951   13.917  -0.058  1.00 38.99 ? 36  PHE A CA  1 
ATOM   273  C  C   . PHE A 1 36 ? 2.906   15.049  -0.421  1.00 36.93 ? 36  PHE A C   1 
ATOM   274  O  O   . PHE A 1 36 ? 4.112   14.961  -0.165  1.00 33.48 ? 36  PHE A O   1 
ATOM   275  C  CB  . PHE A 1 36 ? 1.703   13.020  -1.273  1.00 36.19 ? 36  PHE A CB  1 
ATOM   276  C  CG  . PHE A 1 36 ? 2.945   12.400  -1.841  1.00 34.58 ? 36  PHE A CG  1 
ATOM   277  C  CD1 . PHE A 1 36 ? 3.470   11.242  -1.288  1.00 36.74 ? 36  PHE A CD1 1 
ATOM   278  C  CD2 . PHE A 1 36 ? 3.584   12.969  -2.928  1.00 35.07 ? 36  PHE A CD2 1 
ATOM   279  C  CE1 . PHE A 1 36 ? 4.603   10.652  -1.811  1.00 32.37 ? 36  PHE A CE1 1 
ATOM   280  C  CE2 . PHE A 1 36 ? 4.725   12.391  -3.453  1.00 36.17 ? 36  PHE A CE2 1 
ATOM   281  C  CZ  . PHE A 1 36 ? 5.232   11.229  -2.887  1.00 36.92 ? 36  PHE A CZ  1 
ATOM   282  N  N   . GLU A 1 37 ? 2.377   16.126  -1.007  1.00 42.51 ? 37  GLU A N   1 
ATOM   283  C  CA  . GLU A 1 37 ? 3.203   17.275  -1.371  1.00 41.95 ? 37  GLU A CA  1 
ATOM   284  C  C   . GLU A 1 37 ? 3.890   17.878  -0.158  1.00 42.10 ? 37  GLU A C   1 
ATOM   285  O  O   . GLU A 1 37 ? 5.051   18.298  -0.232  1.00 47.20 ? 37  GLU A O   1 
ATOM   286  C  CB  . GLU A 1 37 ? 2.340   18.319  -2.076  1.00 44.32 ? 37  GLU A CB  1 
ATOM   287  C  CG  . GLU A 1 37 ? 1.993   17.879  -3.485  1.00 46.09 ? 37  GLU A CG  1 
ATOM   288  C  CD  . GLU A 1 37 ? 0.904   16.813  -3.523  1.00 51.16 ? 37  GLU A CD  1 
ATOM   289  O  OE1 . GLU A 1 37 ? 0.576   16.340  -4.636  1.00 44.00 ? 37  GLU A OE1 1 
ATOM   290  O  OE2 . GLU A 1 37 ? 0.355   16.467  -2.444  1.00 51.99 ? 37  GLU A OE2 1 
ATOM   291  N  N   . ASP A 1 38 ? 3.203   17.892  0.976   1.00 41.22 ? 38  ASP A N   1 
ATOM   292  C  CA  . ASP A 1 38 ? 3.668   18.555  2.184   1.00 42.97 ? 38  ASP A CA  1 
ATOM   293  C  C   . ASP A 1 38 ? 4.587   17.695  3.037   1.00 39.78 ? 38  ASP A C   1 
ATOM   294  O  O   . ASP A 1 38 ? 5.016   18.150  4.103   1.00 46.32 ? 38  ASP A O   1 
ATOM   295  C  CB  . ASP A 1 38 ? 2.460   19.009  3.002   1.00 39.55 ? 38  ASP A CB  1 
ATOM   296  C  CG  . ASP A 1 38 ? 1.753   20.198  2.374   1.00 43.28 ? 38  ASP A CG  1 
ATOM   297  O  OD1 . ASP A 1 38 ? 2.444   21.022  1.741   1.00 49.78 ? 38  ASP A OD1 1 
ATOM   298  O  OD2 . ASP A 1 38 ? 0.517   20.319  2.510   1.00 49.89 ? 38  ASP A OD2 1 
ATOM   299  N  N   . LEU A 1 39 ? 4.902   16.473  2.605   1.00 41.41 ? 39  LEU A N   1 
ATOM   300  C  CA  . LEU A 1 39 ? 5.812   15.623  3.363   1.00 40.96 ? 39  LEU A CA  1 
ATOM   301  C  C   . LEU A 1 39 ? 7.202   16.263  3.422   1.00 43.06 ? 39  LEU A C   1 
ATOM   302  O  O   . LEU A 1 39 ? 7.586   17.012  2.517   1.00 46.77 ? 39  LEU A O   1 
ATOM   303  C  CB  . LEU A 1 39 ? 5.892   14.234  2.725   1.00 37.80 ? 39  LEU A CB  1 
ATOM   304  C  CG  . LEU A 1 39 ? 4.629   13.361  2.804   1.00 35.13 ? 39  LEU A CG  1 
ATOM   305  C  CD1 . LEU A 1 39 ? 4.737   12.162  1.866   1.00 34.42 ? 39  LEU A CD1 1 
ATOM   306  C  CD2 . LEU A 1 39 ? 4.365   12.889  4.219   1.00 32.97 ? 39  LEU A CD2 1 
ATOM   307  N  N   . PRO A 1 40 ? 7.973   16.005  4.483   1.00 39.16 ? 40  PRO A N   1 
ATOM   308  C  CA  . PRO A 1 40 ? 9.329   16.566  4.562   1.00 44.23 ? 40  PRO A CA  1 
ATOM   309  C  C   . PRO A 1 40 ? 10.181  16.136  3.378   1.00 50.60 ? 40  PRO A C   1 
ATOM   310  O  O   . PRO A 1 40 ? 9.858   15.197  2.645   1.00 48.69 ? 40  PRO A O   1 
ATOM   311  C  CB  . PRO A 1 40 ? 9.888   15.997  5.871   1.00 44.10 ? 40  PRO A CB  1 
ATOM   312  C  CG  . PRO A 1 40 ? 8.703   15.509  6.643   1.00 42.64 ? 40  PRO A CG  1 
ATOM   313  C  CD  . PRO A 1 40 ? 7.646   15.154  5.639   1.00 40.77 ? 40  PRO A CD  1 
ATOM   314  N  N   . ASP A 1 41 ? 11.291  16.849  3.188   1.00 54.62 ? 41  ASP A N   1 
ATOM   315  C  CA  . ASP A 1 41 ? 12.190  16.507  2.091   1.00 56.53 ? 41  ASP A CA  1 
ATOM   316  C  C   . ASP A 1 41 ? 13.000  15.256  2.407   1.00 51.22 ? 41  ASP A C   1 
ATOM   317  O  O   . ASP A 1 41 ? 13.410  14.529  1.491   1.00 53.30 ? 41  ASP A O   1 
ATOM   318  C  CB  . ASP A 1 41 ? 13.112  17.691  1.786   1.00 61.18 ? 41  ASP A CB  1 
ATOM   319  C  CG  . ASP A 1 41 ? 12.564  19.016  2.316   1.00 66.50 ? 41  ASP A CG  1 
ATOM   320  O  OD1 . ASP A 1 41 ? 11.540  19.520  1.785   1.00 63.21 ? 41  ASP A OD1 1 
ATOM   321  O  OD2 . ASP A 1 41 ? 13.166  19.552  3.274   1.00 72.37 ? 41  ASP A OD2 1 
ATOM   322  N  N   . GLU A 1 42 ? 13.207  14.977  3.690   1.00 46.99 ? 42  GLU A N   1 
ATOM   323  C  CA  . GLU A 1 42 ? 13.925  13.797  4.148   1.00 52.46 ? 42  GLU A CA  1 
ATOM   324  C  C   . GLU A 1 42 ? 13.003  12.601  4.430   1.00 51.26 ? 42  GLU A C   1 
ATOM   325  O  O   . GLU A 1 42 ? 13.447  11.628  5.054   1.00 52.47 ? 42  GLU A O   1 
ATOM   326  C  CB  . GLU A 1 42 ? 14.765  14.164  5.382   1.00 55.49 ? 42  GLU A CB  1 
ATOM   327  C  CG  . GLU A 1 42 ? 14.045  14.101  6.734   1.00 56.98 ? 42  GLU A CG  1 
ATOM   328  C  CD  . GLU A 1 42 ? 14.989  13.812  7.916   1.00 70.40 ? 42  GLU A CD  1 
ATOM   329  O  OE1 . GLU A 1 42 ? 15.888  14.645  8.214   1.00 69.68 ? 42  GLU A OE1 1 
ATOM   330  O  OE2 . GLU A 1 42 ? 14.811  12.757  8.570   1.00 66.53 ? 42  GLU A OE2 1 
ATOM   331  N  N   . TRP A 1 43 ? 11.748  12.640  3.967   1.00 45.73 ? 43  TRP A N   1 
ATOM   332  C  CA  . TRP A 1 43 ? 10.818  11.533  4.173   1.00 38.88 ? 43  TRP A CA  1 
ATOM   333  C  C   . TRP A 1 43 ? 11.145  10.391  3.228   1.00 36.15 ? 43  TRP A C   1 
ATOM   334  O  O   . TRP A 1 43 ? 11.418  10.604  2.041   1.00 35.69 ? 43  TRP A O   1 
ATOM   335  C  CB  . TRP A 1 43 ? 9.371   11.976  3.947   1.00 32.60 ? 43  TRP A CB  1 
ATOM   336  C  CG  . TRP A 1 43 ? 8.313   10.901  4.166   1.00 29.03 ? 43  TRP A CG  1 
ATOM   337  C  CD1 . TRP A 1 43 ? 7.660   10.610  5.342   1.00 29.20 ? 43  TRP A CD1 1 
ATOM   338  C  CD2 . TRP A 1 43 ? 7.773   10.008  3.182   1.00 28.49 ? 43  TRP A CD2 1 
ATOM   339  N  NE1 . TRP A 1 43 ? 6.762   9.589   5.147   1.00 29.87 ? 43  TRP A NE1 1 
ATOM   340  C  CE2 . TRP A 1 43 ? 6.808   9.202   3.832   1.00 26.85 ? 43  TRP A CE2 1 
ATOM   341  C  CE3 . TRP A 1 43 ? 8.012   9.806   1.814   1.00 27.39 ? 43  TRP A CE3 1 
ATOM   342  C  CZ2 . TRP A 1 43 ? 6.088   8.212   3.163   1.00 27.68 ? 43  TRP A CZ2 1 
ATOM   343  C  CZ3 . TRP A 1 43 ? 7.293   8.814   1.148   1.00 26.65 ? 43  TRP A CZ3 1 
ATOM   344  C  CH2 . TRP A 1 43 ? 6.343   8.030   1.825   1.00 24.64 ? 43  TRP A CH2 1 
ATOM   345  N  N   . ARG A 1 44 ? 11.103  9.177   3.762   1.00 33.33 ? 44  ARG A N   1 
ATOM   346  C  CA  . ARG A 1 44 ? 11.318  7.965   2.988   1.00 35.31 ? 44  ARG A CA  1 
ATOM   347  C  C   . ARG A 1 44 ? 10.134  7.021   3.186   1.00 31.09 ? 44  ARG A C   1 
ATOM   348  O  O   . ARG A 1 44 ? 9.411   7.099   4.186   1.00 25.65 ? 44  ARG A O   1 
ATOM   349  C  CB  . ARG A 1 44 ? 12.628  7.265   3.397   1.00 31.14 ? 44  ARG A CB  1 
ATOM   350  C  CG  . ARG A 1 44 ? 13.832  8.196   3.483   1.00 35.80 ? 44  ARG A CG  1 
ATOM   351  C  CD  . ARG A 1 44 ? 14.166  8.803   2.138   1.00 36.51 ? 44  ARG A CD  1 
ATOM   352  N  NE  . ARG A 1 44 ? 15.577  9.146   1.994   1.00 42.65 ? 44  ARG A NE  1 
ATOM   353  C  CZ  . ARG A 1 44 ? 16.535  8.274   1.698   1.00 50.29 ? 44  ARG A CZ  1 
ATOM   354  N  NH1 . ARG A 1 44 ? 16.291  6.971   1.625   1.00 43.41 ? 44  ARG A NH1 1 
ATOM   355  N  NH2 . ARG A 1 44 ? 17.767  8.719   1.455   1.00 51.96 ? 44  ARG A NH2 1 
ATOM   356  N  N   . CYS A 1 45 ? 9.940   6.134   2.210   1.00 25.48 ? 45  CYS A N   1 
ATOM   357  C  CA  . CYS A 1 45 ? 8.998   5.032   2.360   1.00 25.05 ? 45  CYS A CA  1 
ATOM   358  C  C   . CYS A 1 45 ? 9.270   4.293   3.669   1.00 23.51 ? 45  CYS A C   1 
ATOM   359  O  O   . CYS A 1 45 ? 10.415  3.882   3.917   1.00 27.19 ? 45  CYS A O   1 
ATOM   360  C  CB  . CYS A 1 45 ? 9.123   4.068   1.180   1.00 23.63 ? 45  CYS A CB  1 
ATOM   361  S  SG  . CYS A 1 45 ? 7.984   2.670   1.272   1.00 23.10 ? 45  CYS A SG  1 
ATOM   362  N  N   . PRO A 1 46 ? 8.268   4.121   4.538   1.00 29.28 ? 46  PRO A N   1 
ATOM   363  C  CA  . PRO A 1 46 ? 8.516   3.391   5.795   1.00 27.30 ? 46  PRO A CA  1 
ATOM   364  C  C   . PRO A 1 46 ? 8.824   1.920   5.580   1.00 27.78 ? 46  PRO A C   1 
ATOM   365  O  O   . PRO A 1 46 ? 9.396   1.289   6.477   1.00 25.28 ? 46  PRO A O   1 
ATOM   366  C  CB  . PRO A 1 46 ? 7.216   3.569   6.590   1.00 27.73 ? 46  PRO A CB  1 
ATOM   367  C  CG  . PRO A 1 46 ? 6.184   3.959   5.603   1.00 26.20 ? 46  PRO A CG  1 
ATOM   368  C  CD  . PRO A 1 46 ? 6.862   4.538   4.386   1.00 27.18 ? 46  PRO A CD  1 
ATOM   369  N  N   . ILE A 1 47 ? 8.468   1.351   4.433   1.00 22.19 ? 47  ILE A N   1 
ATOM   370  C  CA  . ILE A 1 47 ? 8.773   -0.057  4.190   1.00 20.64 ? 47  ILE A CA  1 
ATOM   371  C  C   . ILE A 1 47 ? 10.179  -0.181  3.610   1.00 24.39 ? 47  ILE A C   1 
ATOM   372  O  O   . ILE A 1 47 ? 11.083  -0.710  4.269   1.00 22.56 ? 47  ILE A O   1 
ATOM   373  C  CB  . ILE A 1 47 ? 7.734   -0.714  3.269   1.00 22.93 ? 47  ILE A CB  1 
ATOM   374  C  CG1 . ILE A 1 47 ? 6.379   -0.769  3.984   1.00 24.26 ? 47  ILE A CG1 1 
ATOM   375  C  CG2 . ILE A 1 47 ? 8.189   -2.144  2.879   1.00 22.06 ? 47  ILE A CG2 1 
ATOM   376  C  CD1 . ILE A 1 47 ? 5.278   -1.478  3.190   1.00 24.52 ? 47  ILE A CD1 1 
ATOM   377  N  N   . CYS A 1 48 ? 10.394  0.325   2.394   1.00 22.26 ? 48  CYS A N   1 
ATOM   378  C  CA  . CYS A 1 48 ? 11.643  0.069   1.680   1.00 23.51 ? 48  CYS A CA  1 
ATOM   379  C  C   . CYS A 1 48 ? 12.644  1.218   1.758   1.00 28.48 ? 48  CYS A C   1 
ATOM   380  O  O   . CYS A 1 48 ? 13.770  1.066   1.274   1.00 28.24 ? 48  CYS A O   1 
ATOM   381  C  CB  . CYS A 1 48 ? 11.355  -0.260  0.206   1.00 24.63 ? 48  CYS A CB  1 
ATOM   382  S  SG  . CYS A 1 48 ? 10.894  1.193   -0.785  1.00 27.06 ? 48  CYS A SG  1 
ATOM   383  N  N   . LYS A 1 49 ? 12.272  2.350   2.354   1.00 28.60 ? 49  LYS A N   1 
ATOM   384  C  CA  . LYS A 1 49 ? 13.111  3.536   2.534   1.00 29.88 ? 49  LYS A CA  1 
ATOM   385  C  C   . LYS A 1 49 ? 13.447  4.261   1.234   1.00 30.47 ? 49  LYS A C   1 
ATOM   386  O  O   . LYS A 1 49 ? 14.344  5.107   1.239   1.00 33.12 ? 49  LYS A O   1 
ATOM   387  C  CB  . LYS A 1 49 ? 14.403  3.205   3.293   1.00 30.44 ? 49  LYS A CB  1 
ATOM   388  C  CG  . LYS A 1 49 ? 14.129  2.825   4.748   1.00 29.34 ? 49  LYS A CG  1 
ATOM   389  C  CD  . LYS A 1 49 ? 13.695  4.034   5.555   1.00 35.45 ? 49  LYS A CD  1 
ATOM   390  C  CE  . LYS A 1 49 ? 14.159  3.949   7.015   1.00 35.29 ? 49  LYS A CE  1 
ATOM   391  N  NZ  . LYS A 1 49 ? 13.384  4.901   7.866   1.00 44.02 ? 49  LYS A NZ  1 
ATOM   392  N  N   . ALA A 1 50 ? 12.749  3.983   0.130   1.00 23.83 ? 50  ALA A N   1 
ATOM   393  C  CA  . ALA A 1 50 ? 12.903  4.812   -1.062  1.00 29.11 ? 50  ALA A CA  1 
ATOM   394  C  C   . ALA A 1 50 ? 12.533  6.264   -0.767  1.00 29.33 ? 50  ALA A C   1 
ATOM   395  O  O   . ALA A 1 50 ? 11.741  6.549   0.137   1.00 27.12 ? 50  ALA A O   1 
ATOM   396  C  CB  . ALA A 1 50 ? 12.014  4.289   -2.190  1.00 32.01 ? 50  ALA A CB  1 
ATOM   397  N  N   . THR A 1 51 ? 13.110  7.189   -1.542  1.00 29.40 ? 51  THR A N   1 
ATOM   398  C  CA  . THR A 1 51 ? 12.703  8.590   -1.488  1.00 30.84 ? 51  THR A CA  1 
ATOM   399  C  C   . THR A 1 51 ? 11.337  8.743   -2.138  1.00 34.84 ? 51  THR A C   1 
ATOM   400  O  O   . THR A 1 51 ? 10.789  7.804   -2.726  1.00 28.42 ? 51  THR A O   1 
ATOM   401  C  CB  . THR A 1 51 ? 13.694  9.504   -2.212  1.00 35.95 ? 51  THR A CB  1 
ATOM   402  O  OG1 . THR A 1 51 ? 13.570  9.311   -3.635  1.00 30.20 ? 51  THR A OG1 1 
ATOM   403  C  CG2 . THR A 1 51 ? 15.134  9.252   -1.745  1.00 33.08 ? 51  THR A CG2 1 
ATOM   404  N  N   . LYS A 1 52 ? 10.789  9.953   -2.074  1.00 28.54 ? 52  LYS A N   1 
ATOM   405  C  CA  . LYS A 1 52 ? 9.469   10.129  -2.658  1.00 33.28 ? 52  LYS A CA  1 
ATOM   406  C  C   . LYS A 1 52 ? 9.495   10.175  -4.189  1.00 32.79 ? 52  LYS A C   1 
ATOM   407  O  O   . LYS A 1 52 ? 8.431   10.090  -4.809  1.00 29.09 ? 52  LYS A O   1 
ATOM   408  C  CB  . LYS A 1 52 ? 8.791   11.365  -2.055  1.00 32.83 ? 52  LYS A CB  1 
ATOM   409  C  CG  . LYS A 1 52 ? 9.266   12.688  -2.552  1.00 41.85 ? 52  LYS A CG  1 
ATOM   410  C  CD  . LYS A 1 52 ? 9.196   13.725  -1.442  1.00 41.29 ? 52  LYS A CD  1 
ATOM   411  C  CE  . LYS A 1 52 ? 7.788   14.257  -1.260  1.00 43.46 ? 52  LYS A CE  1 
ATOM   412  N  NZ  . LYS A 1 52 ? 7.715   15.170  -0.071  1.00 50.02 ? 52  LYS A NZ  1 
ATOM   413  N  N   . LYS A 1 53 ? 10.674  10.244  -4.814  1.00 29.09 ? 53  LYS A N   1 
ATOM   414  C  CA  . LYS A 1 53 ? 10.751  10.098  -6.265  1.00 33.56 ? 53  LYS A CA  1 
ATOM   415  C  C   . LYS A 1 53 ? 10.304  8.715   -6.745  1.00 32.91 ? 53  LYS A C   1 
ATOM   416  O  O   . LYS A 1 53 ? 10.013  8.541   -7.933  1.00 37.19 ? 53  LYS A O   1 
ATOM   417  C  CB  . LYS A 1 53 ? 12.176  10.397  -6.739  1.00 38.01 ? 53  LYS A CB  1 
ATOM   418  C  CG  . LYS A 1 53 ? 12.432  11.888  -7.026  1.00 43.09 ? 53  LYS A CG  1 
ATOM   419  C  CD  . LYS A 1 53 ? 13.898  12.307  -6.896  1.00 41.13 ? 53  LYS A CD  1 
ATOM   420  C  CE  . LYS A 1 53 ? 14.837  11.106  -6.724  1.00 46.97 ? 53  LYS A CE  1 
ATOM   421  N  NZ  . LYS A 1 53 ? 16.235  11.432  -7.092  1.00 40.15 ? 53  LYS A NZ  1 
ATOM   422  N  N   . CYS A 1 54 ? 10.227  7.736   -5.855  1.00 28.71 ? 54  CYS A N   1 
ATOM   423  C  CA  . CYS A 1 54 ? 9.821   6.391   -6.217  1.00 31.84 ? 54  CYS A CA  1 
ATOM   424  C  C   . CYS A 1 54 ? 8.313   6.179   -6.117  1.00 32.33 ? 54  CYS A C   1 
ATOM   425  O  O   . CYS A 1 54 ? 7.852   5.045   -6.276  1.00 30.13 ? 54  CYS A O   1 
ATOM   426  C  CB  . CYS A 1 54 ? 10.554  5.375   -5.342  1.00 26.63 ? 54  CYS A CB  1 
ATOM   427  S  SG  . CYS A 1 54 ? 12.368  5.313   -5.607  1.00 42.09 ? 54  CYS A SG  1 
ATOM   428  N  N   . PHE A 1 55 ? 7.535   7.234   -5.876  1.00 27.76 ? 55  PHE A N   1 
ATOM   429  C  CA  . PHE A 1 55 ? 6.096   7.112   -5.671  1.00 28.26 ? 55  PHE A CA  1 
ATOM   430  C  C   . PHE A 1 55 ? 5.305   7.669   -6.854  1.00 30.33 ? 55  PHE A C   1 
ATOM   431  O  O   . PHE A 1 55 ? 5.759   8.553   -7.579  1.00 25.96 ? 55  PHE A O   1 
ATOM   432  C  CB  . PHE A 1 55 ? 5.677   7.833   -4.390  1.00 28.28 ? 55  PHE A CB  1 
ATOM   433  C  CG  . PHE A 1 55 ? 6.020   7.083   -3.138  1.00 28.92 ? 55  PHE A CG  1 
ATOM   434  C  CD1 . PHE A 1 55 ? 7.321   7.037   -2.684  1.00 27.16 ? 55  PHE A CD1 1 
ATOM   435  C  CD2 . PHE A 1 55 ? 5.033   6.414   -2.422  1.00 26.15 ? 55  PHE A CD2 1 
ATOM   436  C  CE1 . PHE A 1 55 ? 7.642   6.342   -1.531  1.00 25.41 ? 55  PHE A CE1 1 
ATOM   437  C  CE2 . PHE A 1 55 ? 5.348   5.709   -1.278  1.00 23.43 ? 55  PHE A CE2 1 
ATOM   438  C  CZ  . PHE A 1 55 ? 6.656   5.673   -0.830  1.00 23.05 ? 55  PHE A CZ  1 
ATOM   439  N  N   . ARG A 1 56 ? 4.080   7.173   -7.001  1.00 28.87 ? 56  ARG A N   1 
ATOM   440  C  CA  . ARG A 1 56 ? 3.200   7.440   -8.129  1.00 30.23 ? 56  ARG A CA  1 
ATOM   441  C  C   . ARG A 1 56 ? 1.790   7.580   -7.578  1.00 29.99 ? 56  ARG A C   1 
ATOM   442  O  O   . ARG A 1 56 ? 1.387   6.749   -6.754  1.00 28.22 ? 56  ARG A O   1 
ATOM   443  C  CB  . ARG A 1 56 ? 3.236   6.267   -9.111  1.00 32.13 ? 56  ARG A CB  1 
ATOM   444  C  CG  . ARG A 1 56 ? 3.092   6.596   -10.539 1.00 42.49 ? 56  ARG A CG  1 
ATOM   445  C  CD  . ARG A 1 56 ? 3.560   5.425   -11.387 1.00 43.63 ? 56  ARG A CD  1 
ATOM   446  N  NE  . ARG A 1 56 ? 2.545   4.395   -11.582 1.00 44.97 ? 56  ARG A NE  1 
ATOM   447  C  CZ  . ARG A 1 56 ? 2.662   3.404   -12.461 1.00 51.45 ? 56  ARG A CZ  1 
ATOM   448  N  NH1 . ARG A 1 56 ? 3.726   3.295   -13.243 1.00 52.35 ? 56  ARG A NH1 1 
ATOM   449  N  NH2 . ARG A 1 56 ? 1.683   2.507   -12.569 1.00 46.74 ? 56  ARG A NH2 1 
ATOM   450  N  N   . PRO A 1 57 ? 1.005   8.574   -8.022  1.00 32.83 ? 57  PRO A N   1 
ATOM   451  C  CA  . PRO A 1 57 ? -0.400  8.636   -7.587  1.00 33.72 ? 57  PRO A CA  1 
ATOM   452  C  C   . PRO A 1 57 ? -1.164  7.430   -8.103  1.00 34.84 ? 57  PRO A C   1 
ATOM   453  O  O   . PRO A 1 57 ? -0.796  6.831   -9.114  1.00 36.68 ? 57  PRO A O   1 
ATOM   454  C  CB  . PRO A 1 57 ? -0.921  9.938   -8.204  1.00 33.89 ? 57  PRO A CB  1 
ATOM   455  C  CG  . PRO A 1 57 ? 0.025   10.299  -9.251  1.00 29.92 ? 57  PRO A CG  1 
ATOM   456  C  CD  . PRO A 1 57 ? 1.331   9.615   -9.011  1.00 31.14 ? 57  PRO A CD  1 
ATOM   457  N  N   . LEU A 1 58 ? -2.233  7.058   -7.388  1.00 35.65 ? 58  LEU A N   1 
ATOM   458  C  CA  . LEU A 1 58 ? -2.892  5.788   -7.690  1.00 38.96 ? 58  LEU A CA  1 
ATOM   459  C  C   . LEU A 1 58 ? -3.664  5.836   -8.999  1.00 40.78 ? 58  LEU A C   1 
ATOM   460  O  O   . LEU A 1 58 ? -3.772  4.816   -9.687  1.00 39.33 ? 58  LEU A O   1 
ATOM   461  C  CB  . LEU A 1 58 ? -3.837  5.390   -6.558  1.00 39.08 ? 58  LEU A CB  1 
ATOM   462  C  CG  . LEU A 1 58 ? -3.181  4.935   -5.262  1.00 33.27 ? 58  LEU A CG  1 
ATOM   463  C  CD1 . LEU A 1 58 ? -4.184  4.182   -4.426  1.00 39.64 ? 58  LEU A CD1 1 
ATOM   464  C  CD2 . LEU A 1 58 ? -1.981  4.081   -5.571  1.00 31.43 ? 58  LEU A CD2 1 
ATOM   465  N  N   . ALA A 1 59 ? -4.233  6.989   -9.340  1.00 41.23 ? 59  ALA A N   1 
ATOM   466  C  CA  . ALA A 1 59 ? -5.029  7.138   -10.545 1.00 42.38 ? 59  ALA A CA  1 
ATOM   467  C  C   . ALA A 1 59 ? -4.849  8.565   -11.042 1.00 44.00 ? 59  ALA A C   1 
ATOM   468  O  O   . ALA A 1 59 ? -4.355  9.438   -10.319 1.00 40.37 ? 59  ALA A O   1 
ATOM   469  C  CB  . ALA A 1 59 ? -6.503  6.802   -10.283 1.00 44.20 ? 59  ALA A CB  1 
ATOM   470  N  N   . GLY A 1 60 ? -5.259  8.805   -12.289 1.00 44.47 ? 60  GLY A N   1 
ATOM   471  C  CA  . GLY A 1 60 ? -5.051  10.098  -12.900 1.00 36.13 ? 60  GLY A CA  1 
ATOM   472  C  C   . GLY A 1 60 ? -3.697  10.138  -13.575 1.00 38.20 ? 60  GLY A C   1 
ATOM   473  O  O   . GLY A 1 60 ? -2.968  9.140   -13.602 1.00 42.83 ? 60  GLY A O   1 
ATOM   474  N  N   . PRO A 1 61 ? -3.330  11.294  -14.128 1.00 39.39 ? 61  PRO A N   1 
ATOM   475  C  CA  . PRO A 1 61 ? -2.207  11.314  -15.088 1.00 43.61 ? 61  PRO A CA  1 
ATOM   476  C  C   . PRO A 1 61 ? -0.898  10.749  -14.553 1.00 41.56 ? 61  PRO A C   1 
ATOM   477  O  O   . PRO A 1 61 ? -0.279  9.916   -15.228 1.00 44.28 ? 61  PRO A O   1 
ATOM   478  C  CB  . PRO A 1 61 ? -2.115  12.802  -15.450 1.00 37.98 ? 61  PRO A CB  1 
ATOM   479  C  CG  . PRO A 1 61 ? -3.549  13.243  -15.390 1.00 35.16 ? 61  PRO A CG  1 
ATOM   480  C  CD  . PRO A 1 61 ? -4.097  12.549  -14.165 1.00 36.96 ? 61  PRO A CD  1 
ATOM   481  N  N   . GLY A 1 62 ? -0.454  11.165  -13.364 1.00 41.75 ? 62  GLY A N   1 
ATOM   482  C  CA  . GLY A 1 62 ? 0.782   10.616  -12.828 1.00 37.47 ? 62  GLY A CA  1 
ATOM   483  C  C   . GLY A 1 62 ? 0.769   9.101   -12.743 1.00 35.54 ? 62  GLY A C   1 
ATOM   484  O  O   . GLY A 1 62 ? 1.801   8.457   -12.934 1.00 39.99 ? 62  GLY A O   1 
ATOM   485  N  N   . SER A 1 63 ? -0.403  8.511   -12.495 1.00 38.77 ? 63  SER A N   1 
ATOM   486  C  CA  . SER A 1 63 ? -0.504  7.073   -12.261 1.00 41.07 ? 63  SER A CA  1 
ATOM   487  C  C   . SER A 1 63 ? -0.062  6.238   -13.457 1.00 47.42 ? 63  SER A C   1 
ATOM   488  O  O   . SER A 1 63 ? 0.214   5.044   -13.295 1.00 45.41 ? 63  SER A O   1 
ATOM   489  C  CB  . SER A 1 63 ? -1.937  6.698   -11.894 1.00 39.24 ? 63  SER A CB  1 
ATOM   490  O  OG  . SER A 1 63 ? -2.710  6.455   -13.061 1.00 45.76 ? 63  SER A OG  1 
ATOM   491  N  N   . THR A 1 64 ? 0.005   6.822   -14.651 1.00 41.52 ? 64  THR A N   1 
ATOM   492  C  CA  . THR A 1 64 ? 0.480   6.096   -15.818 1.00 49.51 ? 64  THR A CA  1 
ATOM   493  C  C   . THR A 1 64 ? 1.893   6.503   -16.219 1.00 51.00 ? 64  THR A C   1 
ATOM   494  O  O   . THR A 1 64 ? 2.387   6.045   -17.255 1.00 49.51 ? 64  THR A O   1 
ATOM   495  C  CB  . THR A 1 64 ? -0.485  6.290   -16.996 1.00 49.13 ? 64  THR A CB  1 
ATOM   496  O  OG1 . THR A 1 64 ? -0.341  7.617   -17.520 1.00 46.35 ? 64  THR A OG1 1 
ATOM   497  C  CG2 . THR A 1 64 ? -1.942  6.059   -16.556 1.00 39.83 ? 64  THR A CG2 1 
ATOM   498  N  N   . GLU A 1 65 ? 2.545   7.365   -15.441 1.00 49.28 ? 65  GLU A N   1 
ATOM   499  C  CA  . GLU A 1 65 ? 3.903   7.790   -15.752 1.00 53.12 ? 65  GLU A CA  1 
ATOM   500  C  C   . GLU A 1 65 ? 4.914   6.932   -15.014 1.00 55.46 ? 65  GLU A C   1 
ATOM   501  O  O   . GLU A 1 65 ? 4.621   6.327   -13.983 1.00 54.78 ? 65  GLU A O   1 
ATOM   502  C  CB  . GLU A 1 65 ? 4.135   9.264   -15.399 1.00 53.64 ? 65  GLU A CB  1 
ATOM   503  C  CG  . GLU A 1 65 ? 4.195   10.169  -16.620 1.00 54.07 ? 65  GLU A CG  1 
ATOM   504  C  CD  . GLU A 1 65 ? 3.111   9.817   -17.647 1.00 61.11 ? 65  GLU A CD  1 
ATOM   505  O  OE1 . GLU A 1 65 ? 1.913   9.825   -17.265 1.00 57.29 ? 65  GLU A OE1 1 
ATOM   506  O  OE2 . GLU A 1 65 ? 3.451   9.521   -18.826 1.00 60.39 ? 65  GLU A OE2 1 
ATOM   507  N  N   . GLN A 1 66 ? 6.116   6.875   -15.566 1.00 59.80 ? 66  GLN A N   1 
ATOM   508  C  CA  . GLN A 1 66 ? 7.206   6.163   -14.920 1.00 58.52 ? 66  GLN A CA  1 
ATOM   509  C  C   . GLN A 1 66 ? 7.908   7.105   -13.952 1.00 56.64 ? 66  GLN A C   1 
ATOM   510  O  O   . GLN A 1 66 ? 8.389   8.165   -14.377 1.00 54.83 ? 66  GLN A O   1 
ATOM   511  C  CB  . GLN A 1 66 ? 8.185   5.651   -15.949 1.00 56.40 ? 66  GLN A CB  1 
ATOM   512  C  CG  . GLN A 1 66 ? 9.437   5.108   -15.337 1.00 58.29 ? 66  GLN A CG  1 
ATOM   513  C  CD  . GLN A 1 66 ? 9.706   3.698   -15.794 1.00 69.94 ? 66  GLN A CD  1 
ATOM   514  O  OE1 . GLN A 1 66 ? 10.002  2.814   -14.979 1.00 67.71 ? 66  GLN A OE1 1 
ATOM   515  N  NE2 . GLN A 1 66 ? 9.589   3.467   -17.109 1.00 65.34 ? 66  GLN A NE2 1 
ATOM   516  N  N   . PRO A 1 67 ? 7.985   6.782   -12.663 1.00 52.90 ? 67  PRO A N   1 
ATOM   517  C  CA  . PRO A 1 67 ? 8.588   7.723   -11.715 1.00 54.04 ? 67  PRO A CA  1 
ATOM   518  C  C   . PRO A 1 67 ? 10.105  7.755   -11.855 1.00 55.59 ? 67  PRO A C   1 
ATOM   519  O  O   . PRO A 1 67 ? 10.742  6.781   -12.274 1.00 48.70 ? 67  PRO A O   1 
ATOM   520  C  CB  . PRO A 1 67 ? 8.160   7.184   -10.340 1.00 48.94 ? 67  PRO A CB  1 
ATOM   521  C  CG  . PRO A 1 67 ? 7.336   5.929   -10.612 1.00 50.36 ? 67  PRO A CG  1 
ATOM   522  C  CD  . PRO A 1 67 ? 7.629   5.508   -12.023 1.00 52.31 ? 67  PRO A CD  1 
ATOM   523  N  N   . GLN A 1 68 ? 10.675  8.907   -11.488 1.00 48.44 ? 68  GLN A N   1 
ATOM   524  C  CA  . GLN A 1 68 ? 12.119  9.153   -11.520 1.00 54.08 ? 68  GLN A CA  1 
ATOM   525  C  C   . GLN A 1 68 ? 12.790  8.548   -10.280 1.00 47.68 ? 68  GLN A C   1 
ATOM   526  O  O   . GLN A 1 68 ? 13.308  9.248   -9.409  1.00 49.87 ? 68  GLN A O   1 
ATOM   527  C  CB  . GLN A 1 68 ? 12.365  10.654  -11.596 1.00 51.73 ? 68  GLN A CB  1 
ATOM   528  C  CG  . GLN A 1 68 ? 11.287  11.452  -10.842 1.00 58.71 ? 68  GLN A CG  1 
ATOM   529  C  CD  . GLN A 1 68 ? 11.500  12.961  -10.891 1.00 64.39 ? 68  GLN A CD  1 
ATOM   530  O  OE1 . GLN A 1 68 ? 10.611  13.723  -11.288 1.00 66.76 ? 68  GLN A OE1 1 
ATOM   531  N  NE2 . GLN A 1 68 ? 12.691  13.396  -10.488 1.00 60.23 ? 68  GLN A NE2 1 
ATOM   532  N  N   . CYS A 1 69 ? 12.794  7.215   -10.210 1.00 47.27 ? 69  CYS A N   1 
ATOM   533  C  CA  . CYS A 1 69 ? 13.115  6.513   -8.969  1.00 46.71 ? 69  CYS A CA  1 
ATOM   534  C  C   . CYS A 1 69 ? 14.523  5.923   -8.986  1.00 46.87 ? 69  CYS A C   1 
ATOM   535  O  O   . CYS A 1 69 ? 14.940  5.312   -9.974  1.00 48.57 ? 69  CYS A O   1 
ATOM   536  C  CB  . CYS A 1 69 ? 12.094  5.405   -8.695  1.00 45.48 ? 69  CYS A CB  1 
ATOM   537  S  SG  . CYS A 1 69 ? 12.577  4.256   -7.338  1.00 44.24 ? 69  CYS A SG  1 
ATOM   538  N  N   . GLU A 1 70 ? 15.231  6.061   -7.850  1.00 45.82 ? 70  GLU A N   1 
ATOM   539  C  CA  . GLU A 1 70 ? 16.636  5.663   -7.758  1.00 45.40 ? 70  GLU A CA  1 
ATOM   540  C  C   . GLU A 1 70 ? 16.829  4.169   -7.471  1.00 47.27 ? 70  GLU A C   1 
ATOM   541  O  O   . GLU A 1 70 ? 17.853  3.603   -7.865  1.00 49.12 ? 70  GLU A O   1 
ATOM   542  C  CB  . GLU A 1 70 ? 17.351  6.507   -6.689  1.00 44.64 ? 70  GLU A CB  1 
ATOM   543  C  CG  . GLU A 1 70 ? 17.079  6.118   -5.221  1.00 49.99 ? 70  GLU A CG  1 
ATOM   544  C  CD  . GLU A 1 70 ? 15.767  6.673   -4.660  1.00 46.69 ? 70  GLU A CD  1 
ATOM   545  O  OE1 . GLU A 1 70 ? 15.171  7.578   -5.292  1.00 45.80 ? 70  GLU A OE1 1 
ATOM   546  O  OE2 . GLU A 1 70 ? 15.332  6.202   -3.581  1.00 39.58 ? 70  GLU A OE2 1 
ATOM   547  N  N   . MET A 1 71 ? 15.879  3.504   -6.776  1.00 45.83 ? 71  MET A N   1 
ATOM   548  C  CA  . MET A 1 71 ? 15.935  2.058   -6.571  1.00 43.77 ? 71  MET A CA  1 
ATOM   549  C  C   . MET A 1 71 ? 15.270  1.324   -7.732  1.00 43.23 ? 71  MET A C   1 
ATOM   550  O  O   . MET A 1 71 ? 14.530  1.929   -8.516  1.00 41.86 ? 71  MET A O   1 
ATOM   551  C  CB  . MET A 1 71 ? 15.276  1.676   -5.242  1.00 41.17 ? 71  MET A CB  1 
ATOM   552  C  CG  . MET A 1 71 ? 15.944  2.248   -3.990  1.00 41.79 ? 71  MET A CG  1 
ATOM   553  S  SD  . MET A 1 71 ? 14.940  2.108   -2.459  1.00 61.69 ? 71  MET A SD  1 
ATOM   554  C  CE  . MET A 1 71 ? 14.385  0.403   -2.515  1.00 36.53 ? 71  MET A CE  1 
ATOM   555  N  N   . PRO A 1 72 ? 15.535  0.018   -7.891  1.00 40.05 ? 72  PRO A N   1 
ATOM   556  C  CA  . PRO A 1 72 ? 14.911  -0.731  -8.993  1.00 38.94 ? 72  PRO A CA  1 
ATOM   557  C  C   . PRO A 1 72 ? 13.390  -0.758  -8.875  1.00 43.03 ? 72  PRO A C   1 
ATOM   558  O  O   . PRO A 1 72 ? 12.829  -0.851  -7.778  1.00 36.48 ? 72  PRO A O   1 
ATOM   559  C  CB  . PRO A 1 72 ? 15.505  -2.144  -8.858  1.00 37.56 ? 72  PRO A CB  1 
ATOM   560  C  CG  . PRO A 1 72 ? 16.757  -1.979  -8.061  1.00 36.41 ? 72  PRO A CG  1 
ATOM   561  C  CD  . PRO A 1 72 ? 16.513  -0.806  -7.149  1.00 42.03 ? 72  PRO A CD  1 
ATOM   562  N  N   . THR A 1 73 ? 12.729  -0.699  -10.034 1.00 41.47 ? 73  THR A N   1 
ATOM   563  C  CA  . THR A 1 73 ? 11.271  -0.678  -10.134 1.00 43.84 ? 73  THR A CA  1 
ATOM   564  C  C   . THR A 1 73 ? 10.763  -1.571  -11.262 1.00 47.57 ? 73  THR A C   1 
ATOM   565  O  O   . THR A 1 73 ? 11.301  -2.654  -11.515 1.00 47.41 ? 73  THR A O   1 
ATOM   566  C  CB  . THR A 1 73 ? 10.776  0.744   -10.393 1.00 42.15 ? 73  THR A CB  1 
ATOM   567  O  OG1 . THR A 1 73 ? 11.490  1.288   -11.516 1.00 48.94 ? 73  THR A OG1 1 
ATOM   568  C  CG2 . THR A 1 73 ? 10.990  1.630   -9.178  1.00 37.55 ? 73  THR A CG2 1 
ATOM   569  N  N   . ASP A 1 74 ? 9.722   -1.099  -11.946 1.00 59.25 ? 74  ASP A N   1 
ATOM   570  C  CA  . ASP A 1 74 ? 9.208   -1.702  -13.183 1.00 68.82 ? 74  ASP A CA  1 
ATOM   571  C  C   . ASP A 1 74 ? 8.682   -3.116  -12.959 1.00 65.66 ? 74  ASP A C   1 
ATOM   572  O  O   . ASP A 1 74 ? 7.607   -3.457  -13.448 1.00 71.87 ? 74  ASP A O   1 
ATOM   573  C  CB  . ASP A 1 74 ? 10.289  -1.712  -14.281 1.00 64.27 ? 74  ASP A CB  1 
ATOM   574  C  CG  . ASP A 1 74 ? 10.440  -0.359  -14.975 1.00 66.66 ? 74  ASP A CG  1 
ATOM   575  O  OD1 . ASP A 1 74 ? 11.268  0.462   -14.507 1.00 65.25 ? 74  ASP A OD1 1 
ATOM   576  O  OD2 . ASP A 1 74 ? 9.733   -0.120  -15.987 1.00 67.27 ? 74  ASP A OD2 1 
ATOM   577  N  N   . ALA B 1 2  ? -10.156 0.790   -8.322  1.00 59.86 ? 2   ALA B N   1 
ATOM   578  C  CA  . ALA B 1 2  ? -9.081  1.302   -7.478  1.00 55.29 ? 2   ALA B CA  1 
ATOM   579  C  C   . ALA B 1 2  ? -9.660  2.212   -6.417  1.00 56.58 ? 2   ALA B C   1 
ATOM   580  O  O   . ALA B 1 2  ? -8.961  3.066   -5.874  1.00 60.08 ? 2   ALA B O   1 
ATOM   581  C  CB  . ALA B 1 2  ? -8.030  2.052   -8.305  1.00 56.69 ? 2   ALA B CB  1 
ATOM   582  N  N   . ASN B 1 3  ? -10.942 2.043   -6.128  1.00 53.07 ? 3   ASN B N   1 
ATOM   583  C  CA  . ASN B 1 3  ? -11.509 2.757   -5.004  1.00 52.75 ? 3   ASN B CA  1 
ATOM   584  C  C   . ASN B 1 3  ? -10.958 2.175   -3.703  1.00 49.53 ? 3   ASN B C   1 
ATOM   585  O  O   . ASN B 1 3  ? -10.593 0.995   -3.650  1.00 41.79 ? 3   ASN B O   1 
ATOM   586  C  CB  . ASN B 1 3  ? -13.032 2.691   -5.039  1.00 53.46 ? 3   ASN B CB  1 
ATOM   587  C  CG  . ASN B 1 3  ? -13.623 3.747   -5.956  1.00 60.36 ? 3   ASN B CG  1 
ATOM   588  O  OD1 . ASN B 1 3  ? -13.153 3.931   -7.081  1.00 60.00 ? 3   ASN B OD1 1 
ATOM   589  N  ND2 . ASN B 1 3  ? -14.649 4.452   -5.481  1.00 57.72 ? 3   ASN B ND2 1 
ATOM   590  N  N   . PRO B 1 4  ? -10.844 2.999   -2.654  1.00 50.79 ? 4   PRO B N   1 
ATOM   591  C  CA  . PRO B 1 4  ? -10.185 2.537   -1.421  1.00 41.59 ? 4   PRO B CA  1 
ATOM   592  C  C   . PRO B 1 4  ? -10.884 1.385   -0.718  1.00 40.23 ? 4   PRO B C   1 
ATOM   593  O  O   . PRO B 1 4  ? -10.197 0.578   -0.077  1.00 38.12 ? 4   PRO B O   1 
ATOM   594  C  CB  . PRO B 1 4  ? -10.157 3.804   -0.559  1.00 47.49 ? 4   PRO B CB  1 
ATOM   595  C  CG  . PRO B 1 4  ? -10.077 4.906   -1.568  1.00 49.84 ? 4   PRO B CG  1 
ATOM   596  C  CD  . PRO B 1 4  ? -10.996 4.467   -2.669  1.00 50.38 ? 4   PRO B CD  1 
ATOM   597  N  N   . GLU B 1 5  ? -12.214 1.265   -0.822  1.00 38.55 ? 5   GLU B N   1 
ATOM   598  C  CA  . GLU B 1 5  ? -12.910 0.114   -0.248  1.00 39.87 ? 5   GLU B CA  1 
ATOM   599  C  C   . GLU B 1 5  ? -12.476 -1.203  -0.880  1.00 40.21 ? 5   GLU B C   1 
ATOM   600  O  O   . GLU B 1 5  ? -12.707 -2.263  -0.291  1.00 44.37 ? 5   GLU B O   1 
ATOM   601  C  CB  . GLU B 1 5  ? -14.437 0.236   -0.396  1.00 42.24 ? 5   GLU B CB  1 
ATOM   602  C  CG  . GLU B 1 5  ? -15.027 1.655   -0.312  1.00 50.66 ? 5   GLU B CG  1 
ATOM   603  C  CD  . GLU B 1 5  ? -14.772 2.525   -1.564  1.00 58.89 ? 5   GLU B CD  1 
ATOM   604  O  OE1 . GLU B 1 5  ? -15.127 2.097   -2.697  1.00 60.07 ? 5   GLU B OE1 1 
ATOM   605  O  OE2 . GLU B 1 5  ? -14.208 3.639   -1.408  1.00 55.84 ? 5   GLU B OE2 1 
ATOM   606  N  N   . ASP B 1 6  ? -11.874 -1.165  -2.071  1.00 36.39 ? 6   ASP B N   1 
ATOM   607  C  CA  . ASP B 1 6  ? -11.406 -2.370  -2.745  1.00 37.97 ? 6   ASP B CA  1 
ATOM   608  C  C   . ASP B 1 6  ? -9.924  -2.656  -2.524  1.00 37.03 ? 6   ASP B C   1 
ATOM   609  O  O   . ASP B 1 6  ? -9.446  -3.708  -2.962  1.00 35.48 ? 6   ASP B O   1 
ATOM   610  C  CB  . ASP B 1 6  ? -11.663 -2.270  -4.251  1.00 39.53 ? 6   ASP B CB  1 
ATOM   611  C  CG  . ASP B 1 6  ? -13.092 -1.933  -4.572  1.00 46.49 ? 6   ASP B CG  1 
ATOM   612  O  OD1 . ASP B 1 6  ? -13.973 -2.753  -4.239  1.00 47.50 ? 6   ASP B OD1 1 
ATOM   613  O  OD2 . ASP B 1 6  ? -13.329 -0.845  -5.150  1.00 51.33 ? 6   ASP B OD2 1 
ATOM   614  N  N   . MET B 1 7  ? -9.192  -1.749  -1.877  1.00 31.35 ? 7   MET B N   1 
ATOM   615  C  CA  . MET B 1 7  ? -7.771  -1.903  -1.626  1.00 31.93 ? 7   MET B CA  1 
ATOM   616  C  C   . MET B 1 7  ? -7.549  -2.380  -0.201  1.00 32.15 ? 7   MET B C   1 
ATOM   617  O  O   . MET B 1 7  ? -8.240  -1.940  0.721   1.00 35.83 ? 7   MET B O   1 
ATOM   618  C  CB  . MET B 1 7  ? -7.053  -0.585  -1.880  1.00 30.76 ? 7   MET B CB  1 
ATOM   619  C  CG  . MET B 1 7  ? -7.245  -0.105  -3.312  1.00 37.05 ? 7   MET B CG  1 
ATOM   620  S  SD  . MET B 1 7  ? -6.086  1.188   -3.743  1.00 45.66 ? 7   MET B SD  1 
ATOM   621  C  CE  . MET B 1 7  ? -6.873  2.570   -2.902  1.00 41.58 ? 7   MET B CE  1 
ATOM   622  N  N   . TRP B 1 8  ? -6.590  -3.293  -0.024  1.00 25.10 ? 8   TRP B N   1 
ATOM   623  C  CA  . TRP B 1 8  ? -6.446  -4.017  1.227   1.00 26.24 ? 8   TRP B CA  1 
ATOM   624  C  C   . TRP B 1 8  ? -5.022  -3.917  1.725   1.00 24.33 ? 8   TRP B C   1 
ATOM   625  O  O   . TRP B 1 8  ? -4.082  -4.227  0.989   1.00 25.34 ? 8   TRP B O   1 
ATOM   626  C  CB  . TRP B 1 8  ? -6.844  -5.473  1.054   1.00 24.22 ? 8   TRP B CB  1 
ATOM   627  C  CG  . TRP B 1 8  ? -8.330  -5.649  0.850   1.00 30.14 ? 8   TRP B CG  1 
ATOM   628  C  CD1 . TRP B 1 8  ? -9.056  -5.304  -0.266  1.00 30.46 ? 8   TRP B CD1 1 
ATOM   629  C  CD2 . TRP B 1 8  ? -9.279  -6.187  1.796   1.00 27.86 ? 8   TRP B CD2 1 
ATOM   630  N  NE1 . TRP B 1 8  ? -10.393 -5.615  -0.077  1.00 32.22 ? 8   TRP B NE1 1 
ATOM   631  C  CE2 . TRP B 1 8  ? -10.553 -6.157  1.176   1.00 30.69 ? 8   TRP B CE2 1 
ATOM   632  C  CE3 . TRP B 1 8  ? -9.173  -6.686  3.101   1.00 28.74 ? 8   TRP B CE3 1 
ATOM   633  C  CZ2 . TRP B 1 8  ? -11.709 -6.617  1.815   1.00 28.35 ? 8   TRP B CZ2 1 
ATOM   634  C  CZ3 . TRP B 1 8  ? -10.335 -7.152  3.736   1.00 31.68 ? 8   TRP B CZ3 1 
ATOM   635  C  CH2 . TRP B 1 8  ? -11.580 -7.101  3.092   1.00 28.00 ? 8   TRP B CH2 1 
ATOM   636  N  N   . ARG B 1 9  ? -4.874  -3.519  2.983   1.00 22.91 ? 9   ARG B N   1 
ATOM   637  C  CA  . ARG B 1 9  ? -3.587  -3.178  3.562   1.00 26.52 ? 9   ARG B CA  1 
ATOM   638  C  C   . ARG B 1 9  ? -3.155  -4.254  4.541   1.00 24.34 ? 9   ARG B C   1 
ATOM   639  O  O   . ARG B 1 9  ? -3.921  -4.612  5.443   1.00 25.07 ? 9   ARG B O   1 
ATOM   640  C  CB  . ARG B 1 9  ? -3.673  -1.830  4.278   1.00 27.72 ? 9   ARG B CB  1 
ATOM   641  C  CG  . ARG B 1 9  ? -2.383  -1.335  4.899   1.00 30.15 ? 9   ARG B CG  1 
ATOM   642  C  CD  . ARG B 1 9  ? -2.579  0.148   5.212   1.00 29.47 ? 9   ARG B CD  1 
ATOM   643  N  NE  . ARG B 1 9  ? -1.334  0.859   5.449   1.00 40.64 ? 9   ARG B NE  1 
ATOM   644  C  CZ  . ARG B 1 9  ? -0.595  0.756   6.549   1.00 41.02 ? 9   ARG B CZ  1 
ATOM   645  N  NH1 . ARG B 1 9  ? -0.893  -0.108  7.513   1.00 43.44 ? 9   ARG B NH1 1 
ATOM   646  N  NH2 . ARG B 1 9  ? 0.468   1.546   6.690   1.00 37.58 ? 9   ARG B NH2 1 
ATOM   647  N  N   . CYS B 1 10 ? -1.927  -4.737  4.380   1.00 20.23 ? 10  CYS B N   1 
ATOM   648  C  CA  . CYS B 1 10 ? -1.377  -5.720  5.306   1.00 25.66 ? 10  CYS B CA  1 
ATOM   649  C  C   . CYS B 1 10 ? -1.020  -5.032  6.622   1.00 29.09 ? 10  CYS B C   1 
ATOM   650  O  O   . CYS B 1 10 ? -0.202  -4.103  6.647   1.00 26.79 ? 10  CYS B O   1 
ATOM   651  C  CB  . CYS B 1 10 ? -0.151  -6.392  4.708   1.00 21.64 ? 10  CYS B CB  1 
ATOM   652  S  SG  . CYS B 1 10 ? 0.580   -7.626  5.826   1.00 27.01 ? 10  CYS B SG  1 
ATOM   653  N  N   . GLN B 1 11 ? -1.647  -5.467  7.711   1.00 24.45 ? 11  GLN B N   1 
ATOM   654  C  CA  . GLN B 1 11 ? -1.465  -4.846  9.016   1.00 29.04 ? 11  GLN B CA  1 
ATOM   655  C  C   . GLN B 1 11 ? -0.425  -5.555  9.867   1.00 30.09 ? 11  GLN B C   1 
ATOM   656  O  O   . GLN B 1 11 ? -0.312  -5.257  11.058  1.00 29.83 ? 11  GLN B O   1 
ATOM   657  C  CB  . GLN B 1 11 ? -2.790  -4.782  9.771   1.00 26.81 ? 11  GLN B CB  1 
ATOM   658  C  CG  . GLN B 1 11 ? -3.804  -3.827  9.193   1.00 32.34 ? 11  GLN B CG  1 
ATOM   659  C  CD  . GLN B 1 11 ? -3.250  -2.428  8.998   1.00 34.01 ? 11  GLN B CD  1 
ATOM   660  O  OE1 . GLN B 1 11 ? -3.287  -1.888  7.908   1.00 38.17 ? 11  GLN B OE1 1 
ATOM   661  N  NE2 . GLN B 1 11 ? -2.725  -1.844  10.060  1.00 43.24 ? 11  GLN B NE2 1 
ATOM   662  N  N   . THR B 1 12 ? 0.324   -6.498  9.298   1.00 26.94 ? 12  THR B N   1 
ATOM   663  C  CA  . THR B 1 12 ? 1.413   -7.111  10.045  1.00 31.97 ? 12  THR B CA  1 
ATOM   664  C  C   . THR B 1 12 ? 2.369   -6.019  10.511  1.00 34.54 ? 12  THR B C   1 
ATOM   665  O  O   . THR B 1 12 ? 2.560   -5.007  9.826   1.00 33.40 ? 12  THR B O   1 
ATOM   666  C  CB  . THR B 1 12 ? 2.126   -8.142  9.167   1.00 31.21 ? 12  THR B CB  1 
ATOM   667  O  OG1 . THR B 1 12 ? 1.315   -9.320  9.098   1.00 36.00 ? 12  THR B OG1 1 
ATOM   668  C  CG2 . THR B 1 12 ? 3.463   -8.536  9.734   1.00 35.66 ? 12  THR B CG2 1 
ATOM   669  N  N   . VAL B 1 13 ? 2.924   -6.196  11.713  1.00 34.82 ? 13  VAL B N   1 
ATOM   670  C  CA  . VAL B 1 13 ? 3.870   -5.227  12.262  1.00 35.59 ? 13  VAL B CA  1 
ATOM   671  C  C   . VAL B 1 13 ? 4.977   -4.951  11.255  1.00 33.53 ? 13  VAL B C   1 
ATOM   672  O  O   . VAL B 1 13 ? 5.584   -5.880  10.711  1.00 34.31 ? 13  VAL B O   1 
ATOM   673  C  CB  . VAL B 1 13 ? 4.439   -5.751  13.597  1.00 41.83 ? 13  VAL B CB  1 
ATOM   674  C  CG1 . VAL B 1 13 ? 5.682   -4.948  14.016  1.00 39.64 ? 13  VAL B CG1 1 
ATOM   675  C  CG2 . VAL B 1 13 ? 3.364   -5.730  14.671  1.00 33.75 ? 13  VAL B CG2 1 
ATOM   676  N  N   . ASN B 1 14 ? 5.243   -3.663  11.007  1.00 31.42 ? 14  ASN B N   1 
ATOM   677  C  CA  . ASN B 1 14 ? 6.264   -3.205  10.053  1.00 33.84 ? 14  ASN B CA  1 
ATOM   678  C  C   . ASN B 1 14 ? 6.053   -3.696  8.621   1.00 34.16 ? 14  ASN B C   1 
ATOM   679  O  O   . ASN B 1 14 ? 7.017   -3.785  7.853   1.00 34.12 ? 14  ASN B O   1 
ATOM   680  C  CB  . ASN B 1 14 ? 7.687   -3.564  10.493  1.00 37.48 ? 14  ASN B CB  1 
ATOM   681  C  CG  . ASN B 1 14 ? 8.088   -2.878  11.785  1.00 50.14 ? 14  ASN B CG  1 
ATOM   682  O  OD1 . ASN B 1 14 ? 7.310   -2.112  12.373  1.00 50.02 ? 14  ASN B OD1 1 
ATOM   683  N  ND2 . ASN B 1 14 ? 9.326   -3.118  12.216  1.00 51.98 ? 14  ASN B ND2 1 
ATOM   684  N  N   . CYS B 1 15 ? 4.820   -4.009  8.221   1.00 27.25 ? 15  CYS B N   1 
ATOM   685  C  CA  . CYS B 1 15 ? 4.579   -4.215  6.791   1.00 27.02 ? 15  CYS B CA  1 
ATOM   686  C  C   . CYS B 1 15 ? 3.773   -3.038  6.223   1.00 31.36 ? 15  CYS B C   1 
ATOM   687  O  O   . CYS B 1 15 ? 4.242   -1.892  6.255   1.00 29.99 ? 15  CYS B O   1 
ATOM   688  C  CB  . CYS B 1 15 ? 3.880   -5.563  6.532   1.00 28.27 ? 15  CYS B CB  1 
ATOM   689  S  SG  . CYS B 1 15 ? 3.832   -5.995  4.743   1.00 24.75 ? 15  CYS B SG  1 
ATOM   690  N  N   . GLY B 1 16 ? 2.556   -3.281  5.735   1.00 24.71 ? 16  GLY B N   1 
ATOM   691  C  CA  . GLY B 1 16 ? 1.756   -2.226  5.145   1.00 23.81 ? 16  GLY B CA  1 
ATOM   692  C  C   . GLY B 1 16 ? 1.666   -2.278  3.636   1.00 24.08 ? 16  GLY B C   1 
ATOM   693  O  O   . GLY B 1 16 ? 1.234   -1.295  3.017   1.00 23.96 ? 16  GLY B O   1 
ATOM   694  N  N   . TYR B 1 17 ? 2.081   -3.383  3.026   1.00 21.71 ? 17  TYR B N   1 
ATOM   695  C  CA  . TYR B 1 17 ? 1.796   -3.643  1.629   1.00 22.28 ? 17  TYR B CA  1 
ATOM   696  C  C   . TYR B 1 17 ? 0.297   -3.543  1.356   1.00 23.45 ? 17  TYR B C   1 
ATOM   697  O  O   . TYR B 1 17 ? -0.532  -4.028  2.139   1.00 24.68 ? 17  TYR B O   1 
ATOM   698  C  CB  . TYR B 1 17 ? 2.289   -5.041  1.273   1.00 18.60 ? 17  TYR B CB  1 
ATOM   699  C  CG  . TYR B 1 17 ? 1.876   -5.497  -0.102  1.00 24.79 ? 17  TYR B CG  1 
ATOM   700  C  CD1 . TYR B 1 17 ? 0.625   -6.112  -0.330  1.00 25.76 ? 17  TYR B CD1 1 
ATOM   701  C  CD2 . TYR B 1 17 ? 2.728   -5.310  -1.178  1.00 23.08 ? 17  TYR B CD2 1 
ATOM   702  C  CE1 . TYR B 1 17 ? 0.257   -6.530  -1.616  1.00 24.78 ? 17  TYR B CE1 1 
ATOM   703  C  CE2 . TYR B 1 17 ? 2.384   -5.723  -2.454  1.00 25.24 ? 17  TYR B CE2 1 
ATOM   704  C  CZ  . TYR B 1 17 ? 1.163   -6.325  -2.678  1.00 29.60 ? 17  TYR B CZ  1 
ATOM   705  O  OH  . TYR B 1 17 ? 0.873   -6.726  -3.963  1.00 29.24 ? 17  TYR B OH  1 
ATOM   706  N  N   . VAL B 1 18 ? -0.052  -2.941  0.226   1.00 23.82 ? 18  VAL B N   1 
ATOM   707  C  CA  . VAL B 1 18 ? -1.446  -2.822  -0.198  1.00 21.72 ? 18  VAL B CA  1 
ATOM   708  C  C   . VAL B 1 18 ? -1.677  -3.685  -1.437  1.00 28.40 ? 18  VAL B C   1 
ATOM   709  O  O   . VAL B 1 18 ? -0.947  -3.586  -2.447  1.00 21.72 ? 18  VAL B O   1 
ATOM   710  C  CB  . VAL B 1 18 ? -1.836  -1.358  -0.450  1.00 23.13 ? 18  VAL B CB  1 
ATOM   711  C  CG1 . VAL B 1 18 ? -3.209  -1.275  -1.037  1.00 26.25 ? 18  VAL B CG1 1 
ATOM   712  C  CG2 . VAL B 1 18 ? -1.785  -0.593  0.879   1.00 22.82 ? 18  VAL B CG2 1 
ATOM   713  N  N   . TYR B 1 19 ? -2.681  -4.557  -1.344  1.00 28.54 ? 19  TYR B N   1 
ATOM   714  C  CA  . TYR B 1 19 ? -3.192  -5.235  -2.523  1.00 28.12 ? 19  TYR B CA  1 
ATOM   715  C  C   . TYR B 1 19 ? -4.150  -4.296  -3.235  1.00 27.29 ? 19  TYR B C   1 
ATOM   716  O  O   . TYR B 1 19 ? -5.199  -3.935  -2.690  1.00 29.77 ? 19  TYR B O   1 
ATOM   717  C  CB  . TYR B 1 19 ? -3.905  -6.544  -2.178  1.00 27.69 ? 19  TYR B CB  1 
ATOM   718  C  CG  . TYR B 1 19 ? -4.374  -7.220  -3.449  1.00 25.89 ? 19  TYR B CG  1 
ATOM   719  C  CD1 . TYR B 1 19 ? -3.464  -7.879  -4.269  1.00 27.60 ? 19  TYR B CD1 1 
ATOM   720  C  CD2 . TYR B 1 19 ? -5.699  -7.129  -3.872  1.00 29.27 ? 19  TYR B CD2 1 
ATOM   721  C  CE1 . TYR B 1 19 ? -3.860  -8.473  -5.443  1.00 29.51 ? 19  TYR B CE1 1 
ATOM   722  C  CE2 . TYR B 1 19 ? -6.110  -7.713  -5.055  1.00 27.06 ? 19  TYR B CE2 1 
ATOM   723  C  CZ  . TYR B 1 19 ? -5.185  -8.390  -5.831  1.00 30.44 ? 19  TYR B CZ  1 
ATOM   724  O  OH  . TYR B 1 19 ? -5.553  -8.982  -7.009  1.00 32.36 ? 19  TYR B OH  1 
ATOM   725  N  N   . ASP B 1 20 ? -3.779  -3.899  -4.443  1.00 29.48 ? 20  ASP B N   1 
ATOM   726  C  CA  . ASP B 1 20 ? -4.584  -3.039  -5.301  1.00 27.65 ? 20  ASP B CA  1 
ATOM   727  C  C   . ASP B 1 20 ? -5.168  -3.900  -6.411  1.00 29.63 ? 20  ASP B C   1 
ATOM   728  O  O   . ASP B 1 20 ? -4.417  -4.332  -7.301  1.00 31.38 ? 20  ASP B O   1 
ATOM   729  C  CB  . ASP B 1 20 ? -3.710  -1.930  -5.880  1.00 29.35 ? 20  ASP B CB  1 
ATOM   730  C  CG  . ASP B 1 20 ? -4.492  -0.915  -6.684  1.00 35.26 ? 20  ASP B CG  1 
ATOM   731  O  OD1 . ASP B 1 20 ? -5.537  -1.271  -7.268  1.00 35.77 ? 20  ASP B OD1 1 
ATOM   732  O  OD2 . ASP B 1 20 ? -4.038  0.250   -6.738  1.00 44.05 ? 20  ASP B OD2 1 
ATOM   733  N  N   . PRO B 1 21 ? -6.468  -4.200  -6.411  1.00 31.02 ? 21  PRO B N   1 
ATOM   734  C  CA  . PRO B 1 21 ? -6.980  -5.173  -7.390  1.00 33.11 ? 21  PRO B CA  1 
ATOM   735  C  C   . PRO B 1 21 ? -6.688  -4.790  -8.836  1.00 35.27 ? 21  PRO B C   1 
ATOM   736  O  O   . PRO B 1 21 ? -6.612  -5.683  -9.687  1.00 37.02 ? 21  PRO B O   1 
ATOM   737  C  CB  . PRO B 1 21 ? -8.489  -5.221  -7.098  1.00 32.10 ? 21  PRO B CB  1 
ATOM   738  C  CG  . PRO B 1 21 ? -8.791  -3.945  -6.327  1.00 33.54 ? 21  PRO B CG  1 
ATOM   739  C  CD  . PRO B 1 21 ? -7.532  -3.686  -5.530  1.00 33.88 ? 21  PRO B CD  1 
ATOM   740  N  N   . ASP B 1 22 ? -6.491  -3.504  -9.140  1.00 35.93 ? 22  ASP B N   1 
ATOM   741  C  CA  . ASP B 1 22 ? -6.173  -3.101  -10.508 1.00 36.92 ? 22  ASP B CA  1 
ATOM   742  C  C   . ASP B 1 22 ? -4.766  -3.529  -10.913 1.00 39.84 ? 22  ASP B C   1 
ATOM   743  O  O   . ASP B 1 22 ? -4.514  -3.802  -12.094 1.00 39.35 ? 22  ASP B O   1 
ATOM   744  C  CB  . ASP B 1 22 ? -6.333  -1.593  -10.627 1.00 41.58 ? 22  ASP B CB  1 
ATOM   745  C  CG  . ASP B 1 22 ? -7.793  -1.154  -10.535 1.00 53.05 ? 22  ASP B CG  1 
ATOM   746  O  OD1 . ASP B 1 22 ? -8.044  0.067   -10.610 1.00 58.65 ? 22  ASP B OD1 1 
ATOM   747  O  OD2 . ASP B 1 22 ? -8.696  -2.016  -10.412 1.00 50.60 ? 22  ASP B OD2 1 
ATOM   748  N  N   . ARG B 1 23 ? -3.845  -3.589  -9.948  1.00 34.89 ? 23  ARG B N   1 
ATOM   749  C  CA  . ARG B 1 23 ? -2.479  -4.051  -10.179 1.00 33.78 ? 23  ARG B CA  1 
ATOM   750  C  C   . ARG B 1 23 ? -2.404  -5.563  -10.308 1.00 28.90 ? 23  ARG B C   1 
ATOM   751  O  O   . ARG B 1 23 ? -1.583  -6.084  -11.065 1.00 34.38 ? 23  ARG B O   1 
ATOM   752  C  CB  . ARG B 1 23 ? -1.578  -3.639  -9.012  1.00 36.14 ? 23  ARG B CB  1 
ATOM   753  C  CG  . ARG B 1 23 ? -1.109  -2.212  -8.960  1.00 34.53 ? 23  ARG B CG  1 
ATOM   754  C  CD  . ARG B 1 23 ? -0.029  -2.109  -7.864  1.00 34.61 ? 23  ARG B CD  1 
ATOM   755  N  NE  . ARG B 1 23 ? 1.277   -2.599  -8.305  1.00 32.47 ? 23  ARG B NE  1 
ATOM   756  C  CZ  . ARG B 1 23 ? 1.819   -3.764  -7.960  1.00 33.88 ? 23  ARG B CZ  1 
ATOM   757  N  NH1 . ARG B 1 23 ? 1.180   -4.626  -7.182  1.00 27.33 ? 23  ARG B NH1 1 
ATOM   758  N  NH2 . ARG B 1 23 ? 3.046   -4.066  -8.396  1.00 29.56 ? 23  ARG B NH2 1 
ATOM   759  N  N   . GLY B 1 24 ? -3.218  -6.288  -9.548  1.00 31.41 ? 24  GLY B N   1 
ATOM   760  C  CA  . GLY B 1 24 ? -2.876  -7.684  -9.362  1.00 34.16 ? 24  GLY B CA  1 
ATOM   761  C  C   . GLY B 1 24 ? -1.673  -7.804  -8.438  1.00 29.67 ? 24  GLY B C   1 
ATOM   762  O  O   . GLY B 1 24 ? -1.388  -6.918  -7.616  1.00 31.10 ? 24  GLY B O   1 
ATOM   763  N  N   . ASP B 1 25 ? -0.939  -8.909  -8.591  1.00 29.46 ? 25  ASP B N   1 
ATOM   764  C  CA  . ASP B 1 25 ? 0.211   -9.194  -7.728  1.00 30.62 ? 25  ASP B CA  1 
ATOM   765  C  C   . ASP B 1 25 ? 1.179   -10.065 -8.527  1.00 30.44 ? 25  ASP B C   1 
ATOM   766  O  O   . ASP B 1 25 ? 0.955   -11.271 -8.666  1.00 27.60 ? 25  ASP B O   1 
ATOM   767  C  CB  . ASP B 1 25 ? -0.235  -9.865  -6.430  1.00 27.94 ? 25  ASP B CB  1 
ATOM   768  C  CG  . ASP B 1 25 ? 0.927   -10.483 -5.640  1.00 33.18 ? 25  ASP B CG  1 
ATOM   769  O  OD1 . ASP B 1 25 ? 2.075   -9.966  -5.710  1.00 27.51 ? 25  ASP B OD1 1 
ATOM   770  O  OD2 . ASP B 1 25 ? 0.680   -11.482 -4.930  1.00 30.67 ? 25  ASP B OD2 1 
ATOM   771  N  N   . LYS B 1 26 ? 2.255   -9.446  -9.030  1.00 31.52 ? 26  LYS B N   1 
ATOM   772  C  CA  . LYS B 1 26 ? 3.208   -10.165 -9.882  1.00 31.47 ? 26  LYS B CA  1 
ATOM   773  C  C   . LYS B 1 26 ? 3.904   -11.298 -9.121  1.00 31.22 ? 26  LYS B C   1 
ATOM   774  O  O   . LYS B 1 26 ? 3.960   -12.441 -9.600  1.00 32.41 ? 26  LYS B O   1 
ATOM   775  C  CB  . LYS B 1 26 ? 4.221   -9.182  -10.471 1.00 29.20 ? 26  LYS B CB  1 
ATOM   776  C  CG  . LYS B 1 26 ? 3.628   -8.263  -11.552 1.00 36.92 ? 26  LYS B CG  1 
ATOM   777  C  CD  . LYS B 1 26 ? 3.014   -9.067  -12.721 1.00 42.16 ? 26  LYS B CD  1 
ATOM   778  C  CE  . LYS B 1 26 ? 1.467   -9.194  -12.639 1.00 42.89 ? 26  LYS B CE  1 
ATOM   779  N  NZ  . LYS B 1 26 ? 0.938   -10.497 -13.196 1.00 46.19 ? 26  LYS B NZ  1 
ATOM   780  N  N   . ARG B 1 27 ? 4.401   -11.013 -7.912  1.00 29.50 ? 27  ARG B N   1 
ATOM   781  C  CA  . ARG B 1 27 ? 5.042   -12.060 -7.120  1.00 30.47 ? 27  ARG B CA  1 
ATOM   782  C  C   . ARG B 1 27 ? 4.078   -13.202 -6.796  1.00 31.00 ? 27  ARG B C   1 
ATOM   783  O  O   . ARG B 1 27 ? 4.468   -14.370 -6.832  1.00 34.37 ? 27  ARG B O   1 
ATOM   784  C  CB  . ARG B 1 27 ? 5.629   -11.468 -5.837  1.00 26.79 ? 27  ARG B CB  1 
ATOM   785  C  CG  . ARG B 1 27 ? 6.973   -10.761 -6.044  1.00 25.17 ? 27  ARG B CG  1 
ATOM   786  C  CD  . ARG B 1 27 ? 7.338   -9.921  -4.830  1.00 28.47 ? 27  ARG B CD  1 
ATOM   787  N  NE  . ARG B 1 27 ? 6.495   -8.739  -4.683  1.00 21.99 ? 27  ARG B NE  1 
ATOM   788  C  CZ  . ARG B 1 27 ? 6.646   -7.826  -3.729  1.00 27.86 ? 27  ARG B CZ  1 
ATOM   789  N  NH1 . ARG B 1 27 ? 7.549   -7.972  -2.761  1.00 25.83 ? 27  ARG B NH1 1 
ATOM   790  N  NH2 . ARG B 1 27 ? 5.885   -6.729  -3.752  1.00 23.38 ? 27  ARG B NH2 1 
ATOM   791  N  N   . GLY B 1 28 ? 2.819   -12.889 -6.465  1.00 26.42 ? 28  GLY B N   1 
ATOM   792  C  CA  . GLY B 1 28 ? 1.828   -13.928 -6.277  1.00 25.83 ? 28  GLY B CA  1 
ATOM   793  C  C   . GLY B 1 28 ? 1.289   -14.544 -7.558  1.00 30.47 ? 28  GLY B C   1 
ATOM   794  O  O   . GLY B 1 28 ? 0.539   -15.524 -7.494  1.00 30.94 ? 28  GLY B O   1 
ATOM   795  N  N   . LYS B 1 29 ? 1.671   -14.010 -8.718  1.00 31.24 ? 29  LYS B N   1 
ATOM   796  C  CA  . LYS B 1 29 ? 1.172   -14.489 -10.009 1.00 31.58 ? 29  LYS B CA  1 
ATOM   797  C  C   . LYS B 1 29 ? -0.341  -14.312 -10.075 1.00 32.41 ? 29  LYS B C   1 
ATOM   798  O  O   . LYS B 1 29 ? -1.065  -15.180 -10.565 1.00 29.55 ? 29  LYS B O   1 
ATOM   799  C  CB  . LYS B 1 29 ? 1.570   -15.949 -10.287 1.00 30.54 ? 29  LYS B CB  1 
ATOM   800  C  CG  . LYS B 1 29 ? 3.064   -16.284 -10.094 1.00 30.97 ? 29  LYS B CG  1 
ATOM   801  C  CD  . LYS B 1 29 ? 3.984   -15.445 -10.987 1.00 27.26 ? 29  LYS B CD  1 
ATOM   802  C  CE  . LYS B 1 29 ? 5.457   -15.853 -10.839 1.00 30.71 ? 29  LYS B CE  1 
ATOM   803  N  NZ  . LYS B 1 29 ? 6.278   -15.312 -11.969 1.00 37.31 ? 29  LYS B NZ  1 
ATOM   804  N  N   . VAL B 1 30 ? -0.811  -13.183 -9.558  1.00 30.19 ? 30  VAL B N   1 
ATOM   805  C  CA  . VAL B 1 30 ? -2.229  -12.826 -9.552  1.00 31.85 ? 30  VAL B CA  1 
ATOM   806  C  C   . VAL B 1 30 ? -2.449  -11.813 -10.673 1.00 32.92 ? 30  VAL B C   1 
ATOM   807  O  O   . VAL B 1 30 ? -1.827  -10.736 -10.649 1.00 30.81 ? 30  VAL B O   1 
ATOM   808  C  CB  . VAL B 1 30 ? -2.658  -12.242 -8.197  1.00 34.13 ? 30  VAL B CB  1 
ATOM   809  C  CG1 . VAL B 1 30 ? -4.050  -11.656 -8.294  1.00 32.62 ? 30  VAL B CG1 1 
ATOM   810  C  CG2 . VAL B 1 30 ? -2.608  -13.303 -7.109  1.00 33.96 ? 30  VAL B CG2 1 
ATOM   811  N  N   . PRO B 1 31 ? -3.298  -12.110 -11.662 1.00 33.78 ? 31  PRO B N   1 
ATOM   812  C  CA  . PRO B 1 31 ? -3.449  -11.182 -12.788 1.00 36.66 ? 31  PRO B CA  1 
ATOM   813  C  C   . PRO B 1 31 ? -4.218  -9.935  -12.387 1.00 32.75 ? 31  PRO B C   1 
ATOM   814  O  O   . PRO B 1 31 ? -5.062  -9.974  -11.475 1.00 35.15 ? 31  PRO B O   1 
ATOM   815  C  CB  . PRO B 1 31 ? -4.230  -12.015 -13.824 1.00 35.49 ? 31  PRO B CB  1 
ATOM   816  C  CG  . PRO B 1 31 ? -4.955  -13.034 -13.014 1.00 35.11 ? 31  PRO B CG  1 
ATOM   817  C  CD  . PRO B 1 31 ? -4.040  -13.363 -11.864 1.00 35.48 ? 31  PRO B CD  1 
ATOM   818  N  N   . PRO B 1 32 ? -3.966  -8.803  -13.055 1.00 38.03 ? 32  PRO B N   1 
ATOM   819  C  CA  . PRO B 1 32 ? -4.730  -7.577  -12.772 1.00 34.81 ? 32  PRO B CA  1 
ATOM   820  C  C   . PRO B 1 32 ? -6.227  -7.763  -12.952 1.00 36.40 ? 32  PRO B C   1 
ATOM   821  O  O   . PRO B 1 32 ? -6.686  -8.494  -13.830 1.00 33.70 ? 32  PRO B O   1 
ATOM   822  C  CB  . PRO B 1 32 ? -4.190  -6.561  -13.788 1.00 37.76 ? 32  PRO B CB  1 
ATOM   823  C  CG  . PRO B 1 32 ? -2.949  -7.149  -14.376 1.00 36.47 ? 32  PRO B CG  1 
ATOM   824  C  CD  . PRO B 1 32 ? -2.901  -8.614  -14.059 1.00 37.11 ? 32  PRO B CD  1 
ATOM   825  N  N   . GLY B 1 33 ? -6.994  -7.039  -12.129 1.00 34.20 ? 33  GLY B N   1 
ATOM   826  C  CA  . GLY B 1 33 ? -8.430  -7.180  -12.114 1.00 31.72 ? 33  GLY B CA  1 
ATOM   827  C  C   . GLY B 1 33 ? -8.966  -8.197  -11.128 1.00 35.55 ? 33  GLY B C   1 
ATOM   828  O  O   . GLY B 1 33 ? -10.187 -8.337  -11.015 1.00 40.57 ? 33  GLY B O   1 
ATOM   829  N  N   . THR B 1 34 ? -8.100  -8.899  -10.397 1.00 31.01 ? 34  THR B N   1 
ATOM   830  C  CA  . THR B 1 34 ? -8.539  -9.871  -9.397  1.00 32.66 ? 34  THR B CA  1 
ATOM   831  C  C   . THR B 1 34 ? -8.890  -9.151  -8.092  1.00 36.63 ? 34  THR B C   1 
ATOM   832  O  O   . THR B 1 34 ? -8.021  -8.577  -7.426  1.00 30.78 ? 34  THR B O   1 
ATOM   833  C  CB  . THR B 1 34 ? -7.451  -10.919 -9.171  1.00 32.63 ? 34  THR B CB  1 
ATOM   834  O  OG1 . THR B 1 34 ? -7.157  -11.565 -10.411 1.00 33.44 ? 34  THR B OG1 1 
ATOM   835  C  CG2 . THR B 1 34 ? -7.902  -11.976 -8.173  1.00 33.50 ? 34  THR B CG2 1 
ATOM   836  N  N   . ARG B 1 35 ? -10.167 -9.179  -7.721  1.00 36.37 ? 35  ARG B N   1 
ATOM   837  C  CA  . ARG B 1 35 ? -10.562 -8.626  -6.435  1.00 34.44 ? 35  ARG B CA  1 
ATOM   838  C  C   . ARG B 1 35 ? -9.919  -9.409  -5.303  1.00 32.09 ? 35  ARG B C   1 
ATOM   839  O  O   . ARG B 1 35 ? -9.644  -10.610 -5.415  1.00 32.39 ? 35  ARG B O   1 
ATOM   840  C  CB  . ARG B 1 35 ? -12.082 -8.641  -6.273  1.00 37.37 ? 35  ARG B CB  1 
ATOM   841  C  CG  . ARG B 1 35 ? -12.812 -7.652  -7.166  1.00 36.28 ? 35  ARG B CG  1 
ATOM   842  C  CD  . ARG B 1 35 ? -14.281 -8.047  -7.293  1.00 44.10 ? 35  ARG B CD  1 
ATOM   843  N  NE  . ARG B 1 35 ? -14.974 -7.994  -6.008  1.00 43.74 ? 35  ARG B NE  1 
ATOM   844  C  CZ  . ARG B 1 35 ? -15.387 -9.065  -5.338  1.00 44.47 ? 35  ARG B CZ  1 
ATOM   845  N  NH1 . ARG B 1 35 ? -15.201 -10.289 -5.811  1.00 46.32 ? 35  ARG B NH1 1 
ATOM   846  N  NH2 . ARG B 1 35 ? -15.989 -8.902  -4.159  1.00 42.39 ? 35  ARG B NH2 1 
ATOM   847  N  N   . PHE B 1 36 ? -9.670  -8.697  -4.206  1.00 30.27 ? 36  PHE B N   1 
ATOM   848  C  CA  . PHE B 1 36 ? -9.091  -9.307  -3.012  1.00 33.62 ? 36  PHE B CA  1 
ATOM   849  C  C   . PHE B 1 36 ? -9.908  -10.504 -2.539  1.00 35.14 ? 36  PHE B C   1 
ATOM   850  O  O   . PHE B 1 36 ? -9.351  -11.519 -2.100  1.00 33.71 ? 36  PHE B O   1 
ATOM   851  C  CB  . PHE B 1 36 ? -9.001  -8.255  -1.911  1.00 32.75 ? 36  PHE B CB  1 
ATOM   852  C  CG  . PHE B 1 36 ? -8.273  -8.715  -0.698  1.00 33.35 ? 36  PHE B CG  1 
ATOM   853  C  CD1 . PHE B 1 36 ? -6.887  -8.706  -0.664  1.00 30.59 ? 36  PHE B CD1 1 
ATOM   854  C  CD2 . PHE B 1 36 ? -8.969  -9.145  0.420   1.00 30.96 ? 36  PHE B CD2 1 
ATOM   855  C  CE1 . PHE B 1 36 ? -6.208  -9.136  0.470   1.00 31.75 ? 36  PHE B CE1 1 
ATOM   856  C  CE2 . PHE B 1 36 ? -8.294  -9.561  1.561   1.00 33.33 ? 36  PHE B CE2 1 
ATOM   857  C  CZ  . PHE B 1 36 ? -6.914  -9.558  1.581   1.00 31.10 ? 36  PHE B CZ  1 
ATOM   858  N  N   . GLU B 1 37 ? -11.233 -10.397 -2.627  1.00 34.15 ? 37  GLU B N   1 
ATOM   859  C  CA  . GLU B 1 37 ? -12.128 -11.476 -2.217  1.00 38.12 ? 37  GLU B CA  1 
ATOM   860  C  C   . GLU B 1 37 ? -11.945 -12.732 -3.066  1.00 37.37 ? 37  GLU B C   1 
ATOM   861  O  O   . GLU B 1 37 ? -12.212 -13.840 -2.592  1.00 44.20 ? 37  GLU B O   1 
ATOM   862  C  CB  . GLU B 1 37 ? -13.569 -10.978 -2.292  1.00 35.09 ? 37  GLU B CB  1 
ATOM   863  C  CG  . GLU B 1 37 ? -13.850 -9.718  -1.445  1.00 40.78 ? 37  GLU B CG  1 
ATOM   864  C  CD  . GLU B 1 37 ? -13.337 -8.394  -2.040  1.00 41.99 ? 37  GLU B CD  1 
ATOM   865  O  OE1 . GLU B 1 37 ? -12.664 -8.391  -3.093  1.00 42.68 ? 37  GLU B OE1 1 
ATOM   866  O  OE2 . GLU B 1 37 ? -13.597 -7.340  -1.430  1.00 48.92 ? 37  GLU B OE2 1 
ATOM   867  N  N   . ASP B 1 38 ? -11.482 -12.586 -4.309  1.00 35.05 ? 38  ASP B N   1 
ATOM   868  C  CA  . ASP B 1 38 ? -11.258 -13.703 -5.227  1.00 35.07 ? 38  ASP B CA  1 
ATOM   869  C  C   . ASP B 1 38 ? -9.809  -14.179 -5.263  1.00 33.04 ? 38  ASP B C   1 
ATOM   870  O  O   . ASP B 1 38 ? -9.462  -15.019 -6.108  1.00 34.77 ? 38  ASP B O   1 
ATOM   871  C  CB  . ASP B 1 38 ? -11.703 -13.320 -6.650  1.00 35.40 ? 38  ASP B CB  1 
ATOM   872  C  CG  . ASP B 1 38 ? -13.198 -12.968 -6.732  1.00 43.33 ? 38  ASP B CG  1 
ATOM   873  O  OD1 . ASP B 1 38 ? -13.546 -11.977 -7.422  1.00 43.74 ? 38  ASP B OD1 1 
ATOM   874  O  OD2 . ASP B 1 38 ? -14.025 -13.686 -6.113  1.00 41.79 ? 38  ASP B OD2 1 
ATOM   875  N  N   . LEU B 1 39 ? -8.945  -13.647 -4.398  1.00 36.57 ? 39  LEU B N   1 
ATOM   876  C  CA  . LEU B 1 39 ? -7.572  -14.128 -4.346  1.00 36.67 ? 39  LEU B CA  1 
ATOM   877  C  C   . LEU B 1 39 ? -7.550  -15.615 -3.975  1.00 31.59 ? 39  LEU B C   1 
ATOM   878  O  O   . LEU B 1 39 ? -8.431  -16.095 -3.257  1.00 39.44 ? 39  LEU B O   1 
ATOM   879  C  CB  . LEU B 1 39 ? -6.754  -13.326 -3.331  1.00 31.02 ? 39  LEU B CB  1 
ATOM   880  C  CG  . LEU B 1 39 ? -6.275  -11.926 -3.714  1.00 28.68 ? 39  LEU B CG  1 
ATOM   881  C  CD1 . LEU B 1 39 ? -5.602  -11.291 -2.513  1.00 29.02 ? 39  LEU B CD1 1 
ATOM   882  C  CD2 . LEU B 1 39 ? -5.318  -11.957 -4.907  1.00 31.44 ? 39  LEU B CD2 1 
ATOM   883  N  N   . PRO B 1 40 ? -6.554  -16.366 -4.454  1.00 34.57 ? 40  PRO B N   1 
ATOM   884  C  CA  . PRO B 1 40 ? -6.418  -17.775 -4.047  1.00 38.63 ? 40  PRO B CA  1 
ATOM   885  C  C   . PRO B 1 40 ? -6.476  -17.984 -2.536  1.00 45.39 ? 40  PRO B C   1 
ATOM   886  O  O   . PRO B 1 40 ? -6.199  -17.063 -1.753  1.00 37.69 ? 40  PRO B O   1 
ATOM   887  C  CB  . PRO B 1 40 ? -5.042  -18.163 -4.604  1.00 36.61 ? 40  PRO B CB  1 
ATOM   888  C  CG  . PRO B 1 40 ? -4.833  -17.246 -5.764  1.00 32.24 ? 40  PRO B CG  1 
ATOM   889  C  CD  . PRO B 1 40 ? -5.480  -15.946 -5.375  1.00 34.53 ? 40  PRO B CD  1 
ATOM   890  N  N   . ASP B 1 41 ? -6.861  -19.199 -2.127  1.00 47.58 ? 41  ASP B N   1 
ATOM   891  C  CA  . ASP B 1 41 ? -6.914  -19.551 -0.710  1.00 47.15 ? 41  ASP B CA  1 
ATOM   892  C  C   . ASP B 1 41 ? -5.563  -19.339 -0.033  1.00 47.13 ? 41  ASP B C   1 
ATOM   893  O  O   . ASP B 1 41 ? -5.475  -18.711 1.029   1.00 50.19 ? 41  ASP B O   1 
ATOM   894  C  CB  . ASP B 1 41 ? -7.337  -21.015 -0.550  1.00 54.06 ? 41  ASP B CB  1 
ATOM   895  C  CG  . ASP B 1 41 ? -8.827  -21.229 -0.722  1.00 60.35 ? 41  ASP B CG  1 
ATOM   896  O  OD1 . ASP B 1 41 ? -9.571  -20.225 -0.826  1.00 57.50 ? 41  ASP B OD1 1 
ATOM   897  O  OD2 . ASP B 1 41 ? -9.244  -22.417 -0.732  1.00 58.83 ? 41  ASP B OD2 1 
ATOM   898  N  N   . GLU B 1 42 ? -4.504  -19.885 -0.629  1.00 42.74 ? 42  GLU B N   1 
ATOM   899  C  CA  . GLU B 1 42 ? -3.146  -19.871 -0.106  1.00 44.09 ? 42  GLU B CA  1 
ATOM   900  C  C   . GLU B 1 42 ? -2.402  -18.550 -0.363  1.00 43.80 ? 42  GLU B C   1 
ATOM   901  O  O   . GLU B 1 42 ? -1.210  -18.464 -0.036  1.00 41.06 ? 42  GLU B O   1 
ATOM   902  C  CB  . GLU B 1 42 ? -2.356  -21.027 -0.731  1.00 44.34 ? 42  GLU B CB  1 
ATOM   903  C  CG  . GLU B 1 42 ? -2.284  -20.957 -2.266  1.00 51.91 ? 42  GLU B CG  1 
ATOM   904  C  CD  . GLU B 1 42 ? -3.396  -21.754 -2.970  1.00 56.54 ? 42  GLU B CD  1 
ATOM   905  O  OE1 . GLU B 1 42 ? -4.578  -21.305 -2.952  1.00 46.62 ? 42  GLU B OE1 1 
ATOM   906  O  OE2 . GLU B 1 42 ? -3.079  -22.820 -3.556  1.00 58.98 ? 42  GLU B OE2 1 
ATOM   907  N  N   . TRP B 1 43 ? -3.062  -17.537 -0.935  1.00 37.01 ? 43  TRP B N   1 
ATOM   908  C  CA  . TRP B 1 43 ? -2.382  -16.288 -1.275  1.00 35.35 ? 43  TRP B CA  1 
ATOM   909  C  C   . TRP B 1 43 ? -1.875  -15.596 -0.016  1.00 33.13 ? 43  TRP B C   1 
ATOM   910  O  O   . TRP B 1 43 ? -2.584  -15.504 0.991   1.00 28.42 ? 43  TRP B O   1 
ATOM   911  C  CB  . TRP B 1 43 ? -3.325  -15.345 -2.037  1.00 30.41 ? 43  TRP B CB  1 
ATOM   912  C  CG  . TRP B 1 43 ? -2.676  -14.056 -2.437  1.00 31.56 ? 43  TRP B CG  1 
ATOM   913  C  CD1 . TRP B 1 43 ? -2.093  -13.774 -3.642  1.00 30.09 ? 43  TRP B CD1 1 
ATOM   914  C  CD2 . TRP B 1 43 ? -2.524  -12.876 -1.629  1.00 33.23 ? 43  TRP B CD2 1 
ATOM   915  N  NE1 . TRP B 1 43 ? -1.599  -12.486 -3.639  1.00 30.18 ? 43  TRP B NE1 1 
ATOM   916  C  CE2 . TRP B 1 43 ? -1.837  -11.921 -2.410  1.00 28.97 ? 43  TRP B CE2 1 
ATOM   917  C  CE3 . TRP B 1 43 ? -2.892  -12.539 -0.313  1.00 27.98 ? 43  TRP B CE3 1 
ATOM   918  C  CZ2 . TRP B 1 43 ? -1.514  -10.655 -1.928  1.00 30.72 ? 43  TRP B CZ2 1 
ATOM   919  C  CZ3 . TRP B 1 43 ? -2.586  -11.285 0.158   1.00 29.17 ? 43  TRP B CZ3 1 
ATOM   920  C  CH2 . TRP B 1 43 ? -1.899  -10.353 -0.644  1.00 30.96 ? 43  TRP B CH2 1 
ATOM   921  N  N   . ARG B 1 44 ? -0.652  -15.074 -0.083  1.00 32.19 ? 44  ARG B N   1 
ATOM   922  C  CA  . ARG B 1 44 ? -0.056  -14.417 1.069   1.00 31.37 ? 44  ARG B CA  1 
ATOM   923  C  C   . ARG B 1 44 ? 0.555   -13.093 0.643   1.00 29.09 ? 44  ARG B C   1 
ATOM   924  O  O   . ARG B 1 44 ? 0.855   -12.881 -0.532  1.00 27.21 ? 44  ARG B O   1 
ATOM   925  C  CB  . ARG B 1 44 ? 1.003   -15.301 1.715   1.00 29.37 ? 44  ARG B CB  1 
ATOM   926  C  CG  . ARG B 1 44 ? 0.422   -16.461 2.472   1.00 29.68 ? 44  ARG B CG  1 
ATOM   927  C  CD  . ARG B 1 44 ? 1.516   -17.403 2.883   1.00 33.77 ? 44  ARG B CD  1 
ATOM   928  N  NE  . ARG B 1 44 ? 0.977   -18.581 3.549   1.00 39.63 ? 44  ARG B NE  1 
ATOM   929  C  CZ  . ARG B 1 44 ? 0.750   -18.665 4.852   1.00 30.18 ? 44  ARG B CZ  1 
ATOM   930  N  NH1 . ARG B 1 44 ? 1.026   -17.657 5.669   1.00 22.34 ? 44  ARG B NH1 1 
ATOM   931  N  NH2 . ARG B 1 44 ? 0.241   -19.790 5.349   1.00 26.32 ? 44  ARG B NH2 1 
ATOM   932  N  N   . CYS B 1 45 ? 0.712   -12.203 1.620   1.00 24.59 ? 45  CYS B N   1 
ATOM   933  C  CA  . CYS B 1 45 ? 1.436   -10.962 1.410   1.00 26.19 ? 45  CYS B CA  1 
ATOM   934  C  C   . CYS B 1 45 ? 2.780   -11.238 0.747   1.00 26.55 ? 45  CYS B C   1 
ATOM   935  O  O   . CYS B 1 45 ? 3.569   -12.048 1.263   1.00 23.58 ? 45  CYS B O   1 
ATOM   936  C  CB  . CYS B 1 45 ? 1.668   -10.229 2.731   1.00 24.61 ? 45  CYS B CB  1 
ATOM   937  S  SG  . CYS B 1 45 ? 2.551   -8.664  2.524   1.00 25.51 ? 45  CYS B SG  1 
ATOM   938  N  N   . PRO B 1 46 ? 3.088   -10.587 -0.375  1.00 27.33 ? 46  PRO B N   1 
ATOM   939  C  CA  . PRO B 1 46 ? 4.388   -10.841 -1.024  1.00 27.88 ? 46  PRO B CA  1 
ATOM   940  C  C   . PRO B 1 46 ? 5.563   -10.328 -0.211  1.00 28.36 ? 46  PRO B C   1 
ATOM   941  O  O   . PRO B 1 46 ? 6.696   -10.780 -0.436  1.00 28.30 ? 46  PRO B O   1 
ATOM   942  C  CB  . PRO B 1 46 ? 4.278   -10.115 -2.376  1.00 29.13 ? 46  PRO B CB  1 
ATOM   943  C  CG  . PRO B 1 46 ? 3.041   -9.263  -2.313  1.00 29.40 ? 46  PRO B CG  1 
ATOM   944  C  CD  . PRO B 1 46 ? 2.288   -9.542  -1.039  1.00 29.19 ? 46  PRO B CD  1 
ATOM   945  N  N   . ILE B 1 47 ? 5.340   -9.429  0.741   1.00 22.60 ? 47  ILE B N   1 
ATOM   946  C  CA  . ILE B 1 47 ? 6.447   -8.931  1.536   1.00 23.40 ? 47  ILE B CA  1 
ATOM   947  C  C   . ILE B 1 47 ? 6.660   -9.777  2.776   1.00 27.30 ? 47  ILE B C   1 
ATOM   948  O  O   . ILE B 1 47 ? 7.778   -10.232 3.035   1.00 27.35 ? 47  ILE B O   1 
ATOM   949  C  CB  . ILE B 1 47 ? 6.252   -7.454  1.913   1.00 22.16 ? 47  ILE B CB  1 
ATOM   950  C  CG1 . ILE B 1 47 ? 6.204   -6.573  0.667   1.00 25.30 ? 47  ILE B CG1 1 
ATOM   951  C  CG2 . ILE B 1 47 ? 7.436   -7.006  2.761   1.00 28.13 ? 47  ILE B CG2 1 
ATOM   952  C  CD1 . ILE B 1 47 ? 6.183   -5.060  0.980   1.00 24.63 ? 47  ILE B CD1 1 
ATOM   953  N  N   . CYS B 1 48 ? 5.613   -10.002 3.568   1.00 27.36 ? 48  CYS B N   1 
ATOM   954  C  CA  . CYS B 1 48 ? 5.791   -10.590 4.894   1.00 25.65 ? 48  CYS B CA  1 
ATOM   955  C  C   . CYS B 1 48 ? 5.149   -11.959 5.071   1.00 24.04 ? 48  CYS B C   1 
ATOM   956  O  O   . CYS B 1 48 ? 5.193   -12.484 6.187   1.00 24.37 ? 48  CYS B O   1 
ATOM   957  C  CB  . CYS B 1 48 ? 5.245   -9.647  5.983   1.00 22.73 ? 48  CYS B CB  1 
ATOM   958  S  SG  . CYS B 1 48 ? 3.417   -9.673  6.094   1.00 26.00 ? 48  CYS B SG  1 
ATOM   959  N  N   . LYS B 1 49 ? 4.556   -12.553 4.024   1.00 26.26 ? 49  LYS B N   1 
ATOM   960  C  CA  . LYS B 1 49 ? 3.928   -13.888 4.038   1.00 23.91 ? 49  LYS B CA  1 
ATOM   961  C  C   . LYS B 1 49 ? 2.667   -13.973 4.895   1.00 26.73 ? 49  LYS B C   1 
ATOM   962  O  O   . LYS B 1 49 ? 2.180   -15.101 5.171   1.00 22.15 ? 49  LYS B O   1 
ATOM   963  C  CB  . LYS B 1 49 ? 4.894   -14.993 4.504   1.00 24.22 ? 49  LYS B CB  1 
ATOM   964  C  CG  . LYS B 1 49 ? 6.256   -14.985 3.822   1.00 25.42 ? 49  LYS B CG  1 
ATOM   965  C  CD  . LYS B 1 49 ? 7.000   -16.284 4.069   1.00 27.36 ? 49  LYS B CD  1 
ATOM   966  C  CE  . LYS B 1 49 ? 8.474   -16.068 4.328   1.00 32.78 ? 49  LYS B CE  1 
ATOM   967  N  NZ  . LYS B 1 49 ? 8.711   -15.512 5.700   1.00 43.79 ? 49  LYS B NZ  1 
ATOM   968  N  N   . ALA B 1 50 ? 2.106   -12.835 5.315   1.00 24.87 ? 50  ALA B N   1 
ATOM   969  C  CA  . ALA B 1 50 ? 0.839   -12.837 6.044   1.00 25.74 ? 50  ALA B CA  1 
ATOM   970  C  C   . ALA B 1 50 ? -0.271  -13.409 5.167   1.00 27.32 ? 50  ALA B C   1 
ATOM   971  O  O   . ALA B 1 50 ? -0.317  -13.157 3.959   1.00 28.28 ? 50  ALA B O   1 
ATOM   972  C  CB  . ALA B 1 50 ? 0.464   -11.413 6.492   1.00 20.69 ? 50  ALA B CB  1 
ATOM   973  N  N   . THR B 1 51 ? -1.160  -14.197 5.779   1.00 30.26 ? 51  THR B N   1 
ATOM   974  C  CA  . THR B 1 51 ? -2.385  -14.598 5.096   1.00 26.85 ? 51  THR B CA  1 
ATOM   975  C  C   . THR B 1 51 ? -3.311  -13.401 4.950   1.00 31.33 ? 51  THR B C   1 
ATOM   976  O  O   . THR B 1 51 ? -3.108  -12.329 5.555   1.00 26.57 ? 51  THR B O   1 
ATOM   977  C  CB  . THR B 1 51 ? -3.134  -15.709 5.847   1.00 26.40 ? 51  THR B CB  1 
ATOM   978  O  OG1 . THR B 1 51 ? -3.717  -15.191 7.050   1.00 29.14 ? 51  THR B OG1 1 
ATOM   979  C  CG2 . THR B 1 51 ? -2.228  -16.847 6.189   1.00 23.64 ? 51  THR B CG2 1 
ATOM   980  N  N   . LYS B 1 52 ? -4.370  -13.614 4.159   1.00 28.62 ? 52  LYS B N   1 
ATOM   981  C  CA  . LYS B 1 52 ? -5.364  -12.571 3.938   1.00 29.81 ? 52  LYS B CA  1 
ATOM   982  C  C   . LYS B 1 52 ? -6.053  -12.144 5.220   1.00 29.58 ? 52  LYS B C   1 
ATOM   983  O  O   . LYS B 1 52 ? -6.589  -11.035 5.287   1.00 31.49 ? 52  LYS B O   1 
ATOM   984  C  CB  . LYS B 1 52 ? -6.407  -13.044 2.928   1.00 29.46 ? 52  LYS B CB  1 
ATOM   985  C  CG  . LYS B 1 52 ? -5.809  -13.262 1.552   1.00 35.27 ? 52  LYS B CG  1 
ATOM   986  C  CD  . LYS B 1 52 ? -6.874  -13.511 0.520   1.00 34.10 ? 52  LYS B CD  1 
ATOM   987  C  CE  . LYS B 1 52 ? -7.497  -14.869 0.704   1.00 33.62 ? 52  LYS B CE  1 
ATOM   988  N  NZ  . LYS B 1 52 ? -8.811  -14.853 -0.001  1.00 43.98 ? 52  LYS B NZ  1 
ATOM   989  N  N   . LYS B 1 53 ? -6.057  -12.984 6.242   1.00 27.75 ? 53  LYS B N   1 
ATOM   990  C  CA  . LYS B 1 53 ? -6.705  -12.538 7.465   1.00 31.80 ? 53  LYS B CA  1 
ATOM   991  C  C   . LYS B 1 53 ? -5.958  -11.395 8.163   1.00 27.52 ? 53  LYS B C   1 
ATOM   992  O  O   . LYS B 1 53 ? -6.560  -10.730 9.010   1.00 27.69 ? 53  LYS B O   1 
ATOM   993  C  CB  . LYS B 1 53 ? -6.924  -13.744 8.387   1.00 32.93 ? 53  LYS B CB  1 
ATOM   994  C  CG  . LYS B 1 53 ? -7.916  -14.758 7.754   1.00 31.69 ? 53  LYS B CG  1 
ATOM   995  C  CD  . LYS B 1 53 ? -8.127  -16.059 8.557   1.00 40.92 ? 53  LYS B CD  1 
ATOM   996  C  CE  . LYS B 1 53 ? -6.887  -16.557 9.287   1.00 32.05 ? 53  LYS B CE  1 
ATOM   997  N  NZ  . LYS B 1 53 ? -5.933  -17.235 8.361   1.00 32.68 ? 53  LYS B NZ  1 
ATOM   998  N  N   . CYS B 1 54 ? -4.704  -11.095 7.795   1.00 28.83 ? 54  CYS B N   1 
ATOM   999  C  CA  . CYS B 1 54 ? -4.005  -9.941  8.374   1.00 27.19 ? 54  CYS B CA  1 
ATOM   1000 C  C   . CYS B 1 54 ? -4.284  -8.603  7.673   1.00 25.69 ? 54  CYS B C   1 
ATOM   1001 O  O   . CYS B 1 54 ? -3.726  -7.582  8.102   1.00 27.72 ? 54  CYS B O   1 
ATOM   1002 C  CB  . CYS B 1 54 ? -2.495  -10.172 8.378   1.00 28.25 ? 54  CYS B CB  1 
ATOM   1003 S  SG  . CYS B 1 54 ? -1.955  -11.687 9.199   1.00 30.51 ? 54  CYS B SG  1 
ATOM   1004 N  N   . PHE B 1 55 ? -5.103  -8.566  6.623   1.00 25.15 ? 55  PHE B N   1 
ATOM   1005 C  CA  . PHE B 1 55 ? -5.345  -7.362  5.832   1.00 27.82 ? 55  PHE B CA  1 
ATOM   1006 C  C   . PHE B 1 55 ? -6.638  -6.673  6.262   1.00 29.37 ? 55  PHE B C   1 
ATOM   1007 O  O   . PHE B 1 55 ? -7.530  -7.299  6.832   1.00 27.89 ? 55  PHE B O   1 
ATOM   1008 C  CB  . PHE B 1 55 ? -5.444  -7.705  4.337   1.00 25.06 ? 55  PHE B CB  1 
ATOM   1009 C  CG  . PHE B 1 55 ? -4.118  -8.003  3.676   1.00 25.67 ? 55  PHE B CG  1 
ATOM   1010 C  CD1 . PHE B 1 55 ? -3.344  -9.077  4.087   1.00 25.16 ? 55  PHE B CD1 1 
ATOM   1011 C  CD2 . PHE B 1 55 ? -3.657  -7.212  2.629   1.00 23.84 ? 55  PHE B CD2 1 
ATOM   1012 C  CE1 . PHE B 1 55 ? -2.130  -9.351  3.473   1.00 26.94 ? 55  PHE B CE1 1 
ATOM   1013 C  CE2 . PHE B 1 55 ? -2.456  -7.487  2.002   1.00 23.27 ? 55  PHE B CE2 1 
ATOM   1014 C  CZ  . PHE B 1 55 ? -1.679  -8.554  2.444   1.00 25.58 ? 55  PHE B CZ  1 
ATOM   1015 N  N   . ARG B 1 56 ? -6.764  -5.389  5.942   1.00 25.68 ? 56  ARG B N   1 
ATOM   1016 C  CA  . ARG B 1 56 ? -8.066  -4.741  6.065   1.00 28.61 ? 56  ARG B CA  1 
ATOM   1017 C  C   . ARG B 1 56 ? -8.255  -3.750  4.928   1.00 28.78 ? 56  ARG B C   1 
ATOM   1018 O  O   . ARG B 1 56 ? -7.277  -3.229  4.388   1.00 29.31 ? 56  ARG B O   1 
ATOM   1019 C  CB  . ARG B 1 56 ? -8.257  -3.992  7.391   1.00 29.44 ? 56  ARG B CB  1 
ATOM   1020 C  CG  . ARG B 1 56 ? -7.058  -3.273  7.907   1.00 33.06 ? 56  ARG B CG  1 
ATOM   1021 C  CD  . ARG B 1 56 ? -7.462  -2.175  8.883   1.00 38.60 ? 56  ARG B CD  1 
ATOM   1022 N  NE  . ARG B 1 56 ? -6.376  -1.226  9.099   1.00 39.42 ? 56  ARG B NE  1 
ATOM   1023 C  CZ  . ARG B 1 56 ? -6.057  -0.218  8.294   1.00 44.27 ? 56  ARG B CZ  1 
ATOM   1024 N  NH1 . ARG B 1 56 ? -6.822  0.124   7.265   1.00 44.92 ? 56  ARG B NH1 1 
ATOM   1025 N  NH2 . ARG B 1 56 ? -4.937  0.464   8.529   1.00 48.04 ? 56  ARG B NH2 1 
ATOM   1026 N  N   . PRO B 1 57 ? -9.502  -3.444  4.578   1.00 30.15 ? 57  PRO B N   1 
ATOM   1027 C  CA  . PRO B 1 57 ? -9.726  -2.472  3.501   1.00 32.97 ? 57  PRO B CA  1 
ATOM   1028 C  C   . PRO B 1 57 ? -9.305  -1.073  3.927   1.00 37.70 ? 57  PRO B C   1 
ATOM   1029 O  O   . PRO B 1 57 ? -9.315  -0.724  5.115   1.00 35.09 ? 57  PRO B O   1 
ATOM   1030 C  CB  . PRO B 1 57 ? -11.236 -2.558  3.246   1.00 32.58 ? 57  PRO B CB  1 
ATOM   1031 C  CG  . PRO B 1 57 ? -11.819 -3.047  4.528   1.00 32.78 ? 57  PRO B CG  1 
ATOM   1032 C  CD  . PRO B 1 57 ? -10.766 -3.908  5.186   1.00 32.47 ? 57  PRO B CD  1 
ATOM   1033 N  N   . LEU B 1 58 ? -8.915  -0.271  2.934   1.00 35.87 ? 58  LEU B N   1 
ATOM   1034 C  CA  . LEU B 1 58 ? -8.591  1.130   3.197   1.00 34.98 ? 58  LEU B CA  1 
ATOM   1035 C  C   . LEU B 1 58 ? -9.821  1.969   3.567   1.00 38.53 ? 58  LEU B C   1 
ATOM   1036 O  O   . LEU B 1 58 ? -9.661  3.060   4.118   1.00 40.33 ? 58  LEU B O   1 
ATOM   1037 C  CB  . LEU B 1 58 ? -7.899  1.742   1.983   1.00 38.91 ? 58  LEU B CB  1 
ATOM   1038 C  CG  . LEU B 1 58 ? -6.450  1.346   1.704   1.00 37.75 ? 58  LEU B CG  1 
ATOM   1039 C  CD1 . LEU B 1 58 ? -5.814  2.396   0.806   1.00 35.80 ? 58  LEU B CD1 1 
ATOM   1040 C  CD2 . LEU B 1 58 ? -5.684  1.214   2.992   1.00 35.38 ? 58  LEU B CD2 1 
ATOM   1041 N  N   . ALA B 1 59 ? -11.036 1.504   3.271   1.00 42.47 ? 59  ALA B N   1 
ATOM   1042 C  CA  . ALA B 1 59 ? -12.253 2.171   3.732   1.00 35.71 ? 59  ALA B CA  1 
ATOM   1043 C  C   . ALA B 1 59 ? -13.382 1.150   3.775   1.00 38.52 ? 59  ALA B C   1 
ATOM   1044 O  O   . ALA B 1 59 ? -13.321 0.106   3.117   1.00 40.44 ? 59  ALA B O   1 
ATOM   1045 C  CB  . ALA B 1 59 ? -12.640 3.351   2.835   1.00 34.44 ? 59  ALA B CB  1 
ATOM   1046 N  N   . GLY B 1 60 ? -14.425 1.473   4.545   1.00 43.03 ? 60  GLY B N   1 
ATOM   1047 C  CA  . GLY B 1 60 ? -15.588 0.617   4.642   1.00 43.33 ? 60  GLY B CA  1 
ATOM   1048 C  C   . GLY B 1 60 ? -15.502 -0.298  5.845   1.00 42.62 ? 60  GLY B C   1 
ATOM   1049 O  O   . GLY B 1 60 ? -14.549 -0.231  6.626   1.00 41.08 ? 60  GLY B O   1 
ATOM   1050 N  N   . PRO B 1 61 ? -16.500 -1.160  6.024   1.00 46.74 ? 61  PRO B N   1 
ATOM   1051 C  CA  . PRO B 1 61 ? -16.526 -2.035  7.209   1.00 43.04 ? 61  PRO B CA  1 
ATOM   1052 C  C   . PRO B 1 61 ? -15.273 -2.892  7.305   1.00 43.50 ? 61  PRO B C   1 
ATOM   1053 O  O   . PRO B 1 61 ? -14.861 -3.536  6.335   1.00 41.10 ? 61  PRO B O   1 
ATOM   1054 C  CB  . PRO B 1 61 ? -17.781 -2.893  6.993   1.00 45.14 ? 61  PRO B CB  1 
ATOM   1055 C  CG  . PRO B 1 61 ? -18.651 -2.067  6.098   1.00 43.87 ? 61  PRO B CG  1 
ATOM   1056 C  CD  . PRO B 1 61 ? -17.709 -1.305  5.197   1.00 44.06 ? 61  PRO B CD  1 
ATOM   1057 N  N   . GLY B 1 62 ? -14.672 -2.904  8.495   1.00 44.72 ? 62  GLY B N   1 
ATOM   1058 C  CA  . GLY B 1 62 ? -13.393 -3.548  8.698   1.00 42.09 ? 62  GLY B CA  1 
ATOM   1059 C  C   . GLY B 1 62 ? -12.192 -2.632  8.592   1.00 41.22 ? 62  GLY B C   1 
ATOM   1060 O  O   . GLY B 1 62 ? -11.101 -3.015  9.041   1.00 40.97 ? 62  GLY B O   1 
ATOM   1061 N  N   . SER B 1 63 ? -12.353 -1.427  8.034   1.00 37.70 ? 63  SER B N   1 
ATOM   1062 C  CA  . SER B 1 63 ? -11.200 -0.557  7.808   1.00 37.45 ? 63  SER B CA  1 
ATOM   1063 C  C   . SER B 1 63 ? -10.642 0.022   9.099   1.00 37.00 ? 63  SER B C   1 
ATOM   1064 O  O   . SER B 1 63 ? -9.479  0.444   9.124   1.00 40.29 ? 63  SER B O   1 
ATOM   1065 C  CB  . SER B 1 63 ? -11.570 0.581   6.852   1.00 33.70 ? 63  SER B CB  1 
ATOM   1066 O  OG  . SER B 1 63 ? -12.590 1.387   7.409   1.00 39.03 ? 63  SER B OG  1 
ATOM   1067 N  N   . THR B 1 64 ? -11.428 0.028   10.174  1.00 41.76 ? 64  THR B N   1 
ATOM   1068 C  CA  . THR B 1 64 ? -11.061 0.689   11.417  1.00 39.79 ? 64  THR B CA  1 
ATOM   1069 C  C   . THR B 1 64 ? -10.510 -0.247  12.489  1.00 39.57 ? 64  THR B C   1 
ATOM   1070 O  O   . THR B 1 64 ? -9.868  0.234   13.432  1.00 41.46 ? 64  THR B O   1 
ATOM   1071 C  CB  . THR B 1 64 ? -12.283 1.416   11.985  1.00 41.01 ? 64  THR B CB  1 
ATOM   1072 O  OG1 . THR B 1 64 ? -13.349 0.470   12.142  1.00 44.55 ? 64  THR B OG1 1 
ATOM   1073 C  CG2 . THR B 1 64 ? -12.742 2.503   11.030  1.00 38.56 ? 64  THR B CG2 1 
ATOM   1074 N  N   . GLU B 1 65 ? -10.733 -1.555  12.382  1.00 39.98 ? 65  GLU B N   1 
ATOM   1075 C  CA  . GLU B 1 65 ? -10.398 -2.492  13.449  1.00 38.31 ? 65  GLU B CA  1 
ATOM   1076 C  C   . GLU B 1 65 ? -9.091  -3.223  13.158  1.00 41.24 ? 65  GLU B C   1 
ATOM   1077 O  O   . GLU B 1 65 ? -8.757  -3.491  12.001  1.00 38.15 ? 65  GLU B O   1 
ATOM   1078 C  CB  . GLU B 1 65 ? -11.529 -3.507  13.657  1.00 38.11 ? 65  GLU B CB  1 
ATOM   1079 C  CG  . GLU B 1 65 ? -12.917 -2.873  13.817  1.00 47.38 ? 65  GLU B CG  1 
ATOM   1080 C  CD  . GLU B 1 65 ? -13.800 -3.002  12.566  1.00 54.13 ? 65  GLU B CD  1 
ATOM   1081 O  OE1 . GLU B 1 65 ? -14.434 -1.987  12.182  1.00 58.22 ? 65  GLU B OE1 1 
ATOM   1082 O  OE2 . GLU B 1 65 ? -13.888 -4.114  11.982  1.00 57.89 ? 65  GLU B OE2 1 
ATOM   1083 N  N   . GLN B 1 66 ? -8.357  -3.554  14.230  1.00 35.18 ? 66  GLN B N   1 
ATOM   1084 C  CA  . GLN B 1 66 ? -7.091  -4.280  14.097  1.00 37.17 ? 66  GLN B CA  1 
ATOM   1085 C  C   . GLN B 1 66 ? -7.365  -5.703  13.626  1.00 33.31 ? 66  GLN B C   1 
ATOM   1086 O  O   . GLN B 1 66 ? -8.048  -6.453  14.337  1.00 30.89 ? 66  GLN B O   1 
ATOM   1087 C  CB  . GLN B 1 66 ? -6.307  -4.333  15.423  1.00 35.10 ? 66  GLN B CB  1 
ATOM   1088 C  CG  . GLN B 1 66 ? -5.443  -5.596  15.518  1.00 35.33 ? 66  GLN B CG  1 
ATOM   1089 C  CD  . GLN B 1 66 ? -4.773  -5.864  16.861  1.00 43.78 ? 66  GLN B CD  1 
ATOM   1090 O  OE1 . GLN B 1 66 ? -3.549  -6.076  16.913  1.00 44.50 ? 66  GLN B OE1 1 
ATOM   1091 N  NE2 . GLN B 1 66 ? -5.558  -5.881  17.944  1.00 38.16 ? 66  GLN B NE2 1 
ATOM   1092 N  N   . PRO B 1 67 ? -6.837  -6.129  12.471  1.00 29.06 ? 67  PRO B N   1 
ATOM   1093 C  CA  . PRO B 1 67 ? -7.086  -7.498  12.012  1.00 30.89 ? 67  PRO B CA  1 
ATOM   1094 C  C   . PRO B 1 67 ? -6.494  -8.509  12.974  1.00 32.53 ? 67  PRO B C   1 
ATOM   1095 O  O   . PRO B 1 67 ? -5.483  -8.262  13.638  1.00 31.09 ? 67  PRO B O   1 
ATOM   1096 C  CB  . PRO B 1 67 ? -6.393  -7.559  10.647  1.00 30.82 ? 67  PRO B CB  1 
ATOM   1097 C  CG  . PRO B 1 67 ? -6.272  -6.142  10.218  1.00 32.40 ? 67  PRO B CG  1 
ATOM   1098 C  CD  . PRO B 1 67 ? -6.048  -5.365  11.492  1.00 29.84 ? 67  PRO B CD  1 
ATOM   1099 N  N   . GLN B 1 68 ? -7.153  -9.652  13.052  1.00 31.53 ? 68  GLN B N   1 
ATOM   1100 C  CA  . GLN B 1 68 ? -6.746  -10.747 13.918  1.00 34.97 ? 68  GLN B CA  1 
ATOM   1101 C  C   . GLN B 1 68 ? -6.336  -11.907 13.022  1.00 30.34 ? 68  GLN B C   1 
ATOM   1102 O  O   . GLN B 1 68 ? -7.117  -12.330 12.158  1.00 33.62 ? 68  GLN B O   1 
ATOM   1103 C  CB  . GLN B 1 68 ? -7.897  -11.134 14.856  1.00 34.91 ? 68  GLN B CB  1 
ATOM   1104 C  CG  . GLN B 1 68 ? -7.812  -12.528 15.416  1.00 35.84 ? 68  GLN B CG  1 
ATOM   1105 C  CD  . GLN B 1 68 ? -9.025  -12.877 16.259  1.00 38.42 ? 68  GLN B CD  1 
ATOM   1106 O  OE1 . GLN B 1 68 ? -9.180  -14.017 16.704  1.00 34.96 ? 68  GLN B OE1 1 
ATOM   1107 N  NE2 . GLN B 1 68 ? -9.891  -11.891 16.482  1.00 37.46 ? 68  GLN B NE2 1 
ATOM   1108 N  N   . CYS B 1 69 ? -5.114  -12.400 13.199  1.00 26.61 ? 69  CYS B N   1 
ATOM   1109 C  CA  . CYS B 1 69 ? -4.589  -13.404 12.278  1.00 25.17 ? 69  CYS B CA  1 
ATOM   1110 C  C   . CYS B 1 69 ? -3.382  -14.085 12.922  1.00 27.66 ? 69  CYS B C   1 
ATOM   1111 O  O   . CYS B 1 69 ? -3.128  -13.943 14.124  1.00 27.17 ? 69  CYS B O   1 
ATOM   1112 C  CB  . CYS B 1 69 ? -4.240  -12.760 10.931  1.00 29.99 ? 69  CYS B CB  1 
ATOM   1113 S  SG  . CYS B 1 69 ? -2.809  -11.649 11.054  1.00 28.21 ? 69  CYS B SG  1 
ATOM   1114 N  N   . GLU B 1 70 ? -2.635  -14.837 12.116  1.00 24.80 ? 70  GLU B N   1 
ATOM   1115 C  CA  . GLU B 1 70 ? -1.536  -15.647 12.622  1.00 24.72 ? 70  GLU B CA  1 
ATOM   1116 C  C   . GLU B 1 70 ? -0.247  -14.860 12.820  1.00 25.37 ? 70  GLU B C   1 
ATOM   1117 O  O   . GLU B 1 70 ? 0.734   -15.428 13.318  1.00 25.98 ? 70  GLU B O   1 
ATOM   1118 C  CB  . GLU B 1 70 ? -1.273  -16.815 11.673  1.00 26.91 ? 70  GLU B CB  1 
ATOM   1119 C  CG  . GLU B 1 70 ? -0.397  -16.445 10.493  1.00 24.43 ? 70  GLU B CG  1 
ATOM   1120 C  CD  . GLU B 1 70 ? -1.181  -15.697 9.417   1.00 26.73 ? 70  GLU B CD  1 
ATOM   1121 O  OE1 . GLU B 1 70 ? -2.414  -15.596 9.546   1.00 28.68 ? 70  GLU B OE1 1 
ATOM   1122 O  OE2 . GLU B 1 70 ? -0.565  -15.226 8.432   1.00 31.54 ? 70  GLU B OE2 1 
ATOM   1123 N  N   . MET B 1 71 ? -0.225  -13.582 12.431  1.00 26.83 ? 71  MET B N   1 
ATOM   1124 C  CA  . MET B 1 71 ? 0.916   -12.710 12.623  1.00 31.71 ? 71  MET B CA  1 
ATOM   1125 C  C   . MET B 1 71 ? 0.587   -11.600 13.624  1.00 31.15 ? 71  MET B C   1 
ATOM   1126 O  O   . MET B 1 71 ? -0.575  -11.198 13.756  1.00 32.19 ? 71  MET B O   1 
ATOM   1127 C  CB  . MET B 1 71 ? 1.354   -12.051 11.309  1.00 28.42 ? 71  MET B CB  1 
ATOM   1128 C  CG  . MET B 1 71 ? 1.344   -12.946 10.085  1.00 34.00 ? 71  MET B CG  1 
ATOM   1129 S  SD  . MET B 1 71 ? 2.937   -13.728 10.080  1.00 41.35 ? 71  MET B SD  1 
ATOM   1130 C  CE  . MET B 1 71 ? 3.734   -12.670 8.888   1.00 32.74 ? 71  MET B CE  1 
ATOM   1131 N  N   . PRO B 1 72 ? 1.587   -11.068 14.325  1.00 32.31 ? 72  PRO B N   1 
ATOM   1132 C  CA  . PRO B 1 72 ? 1.357   -9.856  15.121  1.00 33.02 ? 72  PRO B CA  1 
ATOM   1133 C  C   . PRO B 1 72 ? 0.956   -8.709  14.203  1.00 35.96 ? 72  PRO B C   1 
ATOM   1134 O  O   . PRO B 1 72 ? 1.622   -8.441  13.199  1.00 35.70 ? 72  PRO B O   1 
ATOM   1135 C  CB  . PRO B 1 72 ? 2.712   -9.598  15.795  1.00 29.86 ? 72  PRO B CB  1 
ATOM   1136 C  CG  . PRO B 1 72 ? 3.560   -10.761 15.514  1.00 35.12 ? 72  PRO B CG  1 
ATOM   1137 C  CD  . PRO B 1 72 ? 2.995   -11.494 14.342  1.00 31.79 ? 72  PRO B CD  1 
ATOM   1138 N  N   . THR B 1 73 ? -0.156  -8.055  14.528  1.00 30.40 ? 73  THR B N   1 
ATOM   1139 C  CA  . THR B 1 73 ? -0.632  -6.921  13.747  1.00 31.58 ? 73  THR B CA  1 
ATOM   1140 C  C   . THR B 1 73 ? -0.670  -5.646  14.590  1.00 38.12 ? 73  THR B C   1 
ATOM   1141 O  O   . THR B 1 73 ? -0.560  -5.678  15.819  1.00 32.19 ? 73  THR B O   1 
ATOM   1142 C  CB  . THR B 1 73 ? -2.020  -7.185  13.173  1.00 33.43 ? 73  THR B CB  1 
ATOM   1143 O  OG1 . THR B 1 73 ? -2.883  -7.567  14.241  1.00 33.54 ? 73  THR B OG1 1 
ATOM   1144 C  CG2 . THR B 1 73 ? -1.968  -8.276  12.077  1.00 29.58 ? 73  THR B CG2 1 
ATOM   1145 N  N   . ASP B 1 74 ? -0.854  -4.528  13.880  1.00 40.78 ? 74  ASP B N   1 
ATOM   1146 C  CA  . ASP B 1 74 ? -0.832  -3.150  14.359  1.00 45.35 ? 74  ASP B CA  1 
ATOM   1147 C  C   . ASP B 1 74 ? -2.165  -2.466  14.046  1.00 51.11 ? 74  ASP B C   1 
ATOM   1148 O  O   . ASP B 1 74 ? -2.938  -2.923  13.196  1.00 49.59 ? 74  ASP B O   1 
ATOM   1149 C  CB  . ASP B 1 74 ? 0.314   -2.347  13.684  1.00 47.32 ? 74  ASP B CB  1 
ATOM   1150 C  CG  . ASP B 1 74 ? 1.534   -2.148  14.591  1.00 57.86 ? 74  ASP B CG  1 
ATOM   1151 O  OD1 . ASP B 1 74 ? 1.436   -2.439  15.811  1.00 66.02 ? 74  ASP B OD1 1 
ATOM   1152 O  OD2 . ASP B 1 74 ? 2.596   -1.698  14.090  1.00 49.09 ? 74  ASP B OD2 1 
ATOM   1153 N  N   . LYS B 1 75 ? -2.415  -1.336  14.715  1.00 54.79 ? 75  LYS B N   1 
ATOM   1154 C  CA  . LYS B 1 75 ? -3.617  -0.530  14.467  1.00 51.63 ? 75  LYS B CA  1 
ATOM   1155 C  C   . LYS B 1 75 ? -3.295  0.759   13.698  1.00 58.71 ? 75  LYS B C   1 
ATOM   1156 O  O   . LYS B 1 75 ? -2.533  0.755   12.721  1.00 61.96 ? 75  LYS B O   1 
ATOM   1157 C  CB  . LYS B 1 75 ? -4.315  -0.181  15.789  1.00 58.76 ? 75  LYS B CB  1 
ATOM   1158 C  CG  . LYS B 1 75 ? -5.696  -0.842  16.012  1.00 60.60 ? 75  LYS B CG  1 
ATOM   1159 C  CD  . LYS B 1 75 ? -6.871  0.169   16.053  1.00 57.79 ? 75  LYS B CD  1 
ATOM   1160 C  CE  . LYS B 1 75 ? -6.479  1.544   15.494  1.00 60.06 ? 75  LYS B CE  1 
ATOM   1161 N  NZ  . LYS B 1 75 ? -6.500  1.596   13.994  1.00 59.35 ? 75  LYS B NZ  1 
HETATM 1162 P  P   . PO4 C 2 .  ? 2.501   3.537   8.969   1.00 37.79 ? 101 PO4 A P   1 
HETATM 1163 O  O1  . PO4 C 2 .  ? 1.968   2.190   8.548   1.00 41.04 ? 101 PO4 A O1  1 
HETATM 1164 O  O2  . PO4 C 2 .  ? 3.622   3.368   9.965   1.00 40.39 ? 101 PO4 A O2  1 
HETATM 1165 O  O3  . PO4 C 2 .  ? 1.421   4.389   9.596   1.00 39.84 ? 101 PO4 A O3  1 
HETATM 1166 O  O4  . PO4 C 2 .  ? 3.035   4.238   7.733   1.00 37.88 ? 101 PO4 A O4  1 
HETATM 1167 FE FE  . FE  D 3 .  ? 8.667   1.411   -0.608  1.00 23.31 ? 102 FE  A FE  1 
HETATM 1168 P  P   . PO4 E 2 .  ? 3.755   -7.058  -6.662  1.00 33.85 ? 101 PO4 B P   1 
HETATM 1169 O  O1  . PO4 E 2 .  ? 4.742   -8.201  -6.782  1.00 28.90 ? 101 PO4 B O1  1 
HETATM 1170 O  O2  . PO4 E 2 .  ? 4.445   -5.791  -6.220  1.00 28.40 ? 101 PO4 B O2  1 
HETATM 1171 O  O3  . PO4 E 2 .  ? 2.776   -7.414  -5.558  1.00 34.90 ? 101 PO4 B O3  1 
HETATM 1172 O  O4  . PO4 E 2 .  ? 3.027   -6.844  -7.987  1.00 28.74 ? 101 PO4 B O4  1 
HETATM 1173 FE FE  . FE  F 3 .  ? 2.651   -7.910  4.782   1.00 23.22 ? 102 FE  B FE  1 
HETATM 1174 O  O   . HOH G 4 .  ? 7.214   18.718  0.240   1.00 44.64 ? 201 HOH A O   1 
HETATM 1175 O  O   . HOH G 4 .  ? 12.064  11.568  0.006   1.00 37.81 ? 202 HOH A O   1 
HETATM 1176 O  O   . HOH G 4 .  ? -2.946  11.341  -10.160 1.00 37.93 ? 203 HOH A O   1 
HETATM 1177 O  O   . HOH G 4 .  ? 15.600  10.633  5.212   1.00 41.43 ? 204 HOH A O   1 
HETATM 1178 O  O   . HOH G 4 .  ? 0.023   6.187   5.014   1.00 32.31 ? 205 HOH A O   1 
HETATM 1179 O  O   . HOH G 4 .  ? 12.014  -2.769  -3.478  1.00 33.89 ? 206 HOH A O   1 
HETATM 1180 O  O   . HOH G 4 .  ? 8.367   6.992   6.678   1.00 24.72 ? 207 HOH A O   1 
HETATM 1181 O  O   . HOH G 4 .  ? -1.261  14.580  -3.789  1.00 42.67 ? 208 HOH A O   1 
HETATM 1182 O  O   . HOH G 4 .  ? 7.408   -0.790  -10.368 1.00 40.74 ? 209 HOH A O   1 
HETATM 1183 O  O   . HOH G 4 .  ? 3.805   -0.649  -6.715  1.00 34.03 ? 210 HOH A O   1 
HETATM 1184 O  O   . HOH G 4 .  ? 10.572  2.790   8.490   1.00 30.76 ? 211 HOH A O   1 
HETATM 1185 O  O   . HOH G 4 .  ? 15.045  2.115   -11.279 1.00 46.49 ? 212 HOH A O   1 
HETATM 1186 O  O   . HOH G 4 .  ? 1.717   9.545   12.712  1.00 31.64 ? 213 HOH A O   1 
HETATM 1187 O  O   . HOH G 4 .  ? -8.885  12.771  -1.205  1.00 55.91 ? 214 HOH A O   1 
HETATM 1188 O  O   . HOH G 4 .  ? -1.802  13.882  -0.929  1.00 45.37 ? 215 HOH A O   1 
HETATM 1189 O  O   . HOH G 4 .  ? 0.003   4.105   -9.803  1.00 37.55 ? 216 HOH A O   1 
HETATM 1190 O  O   . HOH G 4 .  ? 10.405  8.934   6.661   1.00 29.02 ? 217 HOH A O   1 
HETATM 1191 O  O   . HOH G 4 .  ? 10.332  5.242   8.357   1.00 35.35 ? 218 HOH A O   1 
HETATM 1192 O  O   . HOH G 4 .  ? 5.605   21.197  4.343   1.00 43.99 ? 219 HOH A O   1 
HETATM 1193 O  O   . HOH G 4 .  ? 4.244   7.152   -21.070 1.00 42.82 ? 220 HOH A O   1 
HETATM 1194 O  O   . HOH G 4 .  ? 13.697  2.952   -14.953 1.00 49.94 ? 221 HOH A O   1 
HETATM 1195 O  O   . HOH G 4 .  ? 14.216  -2.105  -4.693  1.00 34.92 ? 222 HOH A O   1 
HETATM 1196 O  O   . HOH G 4 .  ? 10.127  -11.861 -3.682  1.00 30.04 ? 223 HOH A O   1 
HETATM 1197 O  O   . HOH G 4 .  ? 10.370  -11.450 -6.030  1.00 27.11 ? 224 HOH A O   1 
HETATM 1198 O  O   . HOH G 4 .  ? 16.614  -1.802  -4.012  1.00 38.36 ? 225 HOH A O   1 
HETATM 1199 O  O   . HOH G 4 .  ? 3.525   13.459  -12.306 1.00 46.13 ? 226 HOH A O   1 
HETATM 1200 O  O   . HOH G 4 .  ? 3.628   13.249  -14.481 1.00 52.25 ? 227 HOH A O   1 
HETATM 1201 O  O   . HOH H 4 .  ? -11.678 -15.909 -2.292  1.00 45.45 ? 201 HOH B O   1 
HETATM 1202 O  O   . HOH H 4 .  ? -12.846 0.254   -7.087  1.00 50.86 ? 202 HOH B O   1 
HETATM 1203 O  O   . HOH H 4 .  ? -3.982  -18.034 9.350   1.00 34.53 ? 203 HOH B O   1 
HETATM 1204 O  O   . HOH H 4 .  ? 1.738   -12.788 -2.914  1.00 29.59 ? 204 HOH B O   1 
HETATM 1205 O  O   . HOH H 4 .  ? 8.920   -12.081 4.354   1.00 28.46 ? 205 HOH B O   1 
HETATM 1206 O  O   . HOH H 4 .  ? -9.300  -7.736  8.653   1.00 32.85 ? 206 HOH B O   1 
HETATM 1207 O  O   . HOH H 4 .  ? 6.753   -6.984  -7.949  1.00 40.42 ? 207 HOH B O   1 
HETATM 1208 O  O   . HOH H 4 .  ? -9.212  -10.922 5.297   1.00 36.01 ? 208 HOH B O   1 
HETATM 1209 O  O   . HOH H 4 .  ? 0.156   -20.334 1.772   1.00 39.34 ? 209 HOH B O   1 
HETATM 1210 O  O   . HOH H 4 .  ? 0.129   1.136   3.282   1.00 29.27 ? 210 HOH B O   1 
HETATM 1211 O  O   . HOH H 4 .  ? -12.125 -10.663 -9.213  1.00 32.59 ? 211 HOH B O   1 
HETATM 1212 O  O   . HOH H 4 .  ? -11.107 -15.249 18.034  1.00 29.27 ? 212 HOH B O   1 
HETATM 1213 O  O   . HOH H 4 .  ? 6.000   -3.786  -6.983  1.00 31.22 ? 213 HOH B O   1 
HETATM 1214 O  O   . HOH H 4 .  ? -7.536  -14.184 -10.576 1.00 40.66 ? 214 HOH B O   1 
HETATM 1215 O  O   . HOH H 4 .  ? -10.256 -5.910  -4.234  1.00 34.44 ? 215 HOH B O   1 
HETATM 1216 O  O   . HOH H 4 .  ? 1.285   -2.790  9.034   1.00 35.58 ? 216 HOH B O   1 
HETATM 1217 O  O   . HOH H 4 .  ? -1.220  -5.136  -5.603  1.00 29.40 ? 217 HOH B O   1 
HETATM 1218 O  O   . HOH H 4 .  ? 6.505   -16.083 -7.302  1.00 38.33 ? 218 HOH B O   1 
HETATM 1219 O  O   . HOH H 4 .  ? 3.762   -3.389  -5.165  1.00 28.70 ? 219 HOH B O   1 
HETATM 1220 O  O   . HOH H 4 .  ? -3.109  -10.669 14.605  1.00 29.93 ? 220 HOH B O   1 
HETATM 1221 O  O   . HOH H 4 .  ? -4.618  -13.670 16.407  1.00 23.15 ? 221 HOH B O   1 
HETATM 1222 O  O   . HOH H 4 .  ? -4.594  -16.425 2.648   1.00 30.04 ? 222 HOH B O   1 
HETATM 1223 O  O   . HOH H 4 .  ? -8.198  -23.337 -3.167  1.00 50.46 ? 223 HOH B O   1 
HETATM 1224 O  O   . HOH H 4 .  ? -0.883  -17.656 -11.924 1.00 38.29 ? 224 HOH B O   1 
HETATM 1225 O  O   . HOH H 4 .  ? -0.497  -16.592 -5.073  1.00 37.72 ? 225 HOH B O   1 
HETATM 1226 O  O   . HOH H 4 .  ? -10.481 -5.474  10.325  1.00 34.48 ? 226 HOH B O   1 
HETATM 1227 O  O   . HOH H 4 .  ? -9.772  -8.946  16.642  1.00 43.86 ? 227 HOH B O   1 
HETATM 1228 O  O   . HOH H 4 .  ? -7.449  -7.899  16.862  1.00 37.84 ? 228 HOH B O   1 
HETATM 1229 O  O   . HOH H 4 .  ? -9.982  -9.295  12.113  1.00 33.29 ? 229 HOH B O   1 
HETATM 1230 O  O   . HOH H 4 .  ? -15.401 -14.072 -3.462  1.00 47.56 ? 230 HOH B O   1 
HETATM 1231 O  O   . HOH H 4 .  ? 0.858   -15.432 -2.752  1.00 35.50 ? 231 HOH B O   1 
HETATM 1232 O  O   . HOH H 4 .  ? -5.258  -9.228  16.831  1.00 32.29 ? 232 HOH B O   1 
HETATM 1233 O  O   . HOH H 4 .  ? -2.764  -21.239 4.889   1.00 47.47 ? 233 HOH B O   1 
HETATM 1234 O  O   . HOH H 4 .  ? 9.459   0.855   13.252  1.00 46.43 ? 234 HOH B O   1 
HETATM 1235 O  O   . HOH H 4 .  ? 3.755   -14.353 -2.517  1.00 37.64 ? 235 HOH B O   1 
HETATM 1236 O  O   . HOH H 4 .  ? -13.162 -13.835 18.030  1.00 35.12 ? 236 HOH B O   1 
HETATM 1237 O  O   . HOH H 4 .  ? -10.271 -12.851 5.929   1.00 39.98 ? 237 HOH B O   1 
HETATM 1238 O  O   . HOH H 4 .  ? -5.869  -15.308 -8.594  1.00 44.34 ? 238 HOH B O   1 
HETATM 1239 O  O   . HOH H 4 .  ? -0.988  -22.840 2.484   1.00 37.45 ? 239 HOH B O   1 
HETATM 1240 O  O   . HOH H 4 .  ? -1.981  -19.875 -11.190 1.00 45.01 ? 240 HOH B O   1 
# 
